data_2EDL
#
_entry.id   2EDL
#
_entity_poly.entity_id   1
_entity_poly.type   'polypeptide(L)'
_entity_poly.pdbx_seq_one_letter_code
;GSSGSSGPARFIEDVKNQEAREGATAVLQCELSKAAPVEWRKGSETLRGGDRYSLRQDGTRCELQIHGLSVADTGEYSCV
CGQERTSATLTVRALPARFTQDLKSGPSSG
;
_entity_poly.pdbx_strand_id   A
#
# COMPACT_ATOMS: atom_id res chain seq x y z
N GLY A 1 7.49 -2.71 -24.82
CA GLY A 1 8.25 -3.25 -25.93
C GLY A 1 8.56 -2.20 -26.98
N SER A 2 9.51 -1.33 -26.67
CA SER A 2 9.91 -0.27 -27.59
C SER A 2 11.32 0.22 -27.28
N SER A 3 12.26 -0.12 -28.15
CA SER A 3 13.65 0.29 -27.97
C SER A 3 13.79 1.81 -28.03
N GLY A 4 14.58 2.36 -27.12
CA GLY A 4 14.79 3.79 -27.08
C GLY A 4 15.14 4.29 -25.69
N SER A 5 14.95 5.59 -25.47
CA SER A 5 15.26 6.19 -24.17
C SER A 5 14.28 7.32 -23.85
N SER A 6 13.77 7.31 -22.63
CA SER A 6 12.82 8.32 -22.19
C SER A 6 13.49 9.34 -21.27
N GLY A 7 14.27 8.84 -20.32
CA GLY A 7 14.96 9.72 -19.39
C GLY A 7 14.77 9.29 -17.94
N PRO A 8 13.78 9.89 -17.27
CA PRO A 8 13.47 9.59 -15.87
C PRO A 8 12.88 8.20 -15.70
N ALA A 9 12.67 7.81 -14.44
CA ALA A 9 12.11 6.50 -14.14
C ALA A 9 10.58 6.55 -14.09
N ARG A 10 9.93 5.66 -14.83
CA ARG A 10 8.48 5.62 -14.87
C ARG A 10 7.95 4.37 -14.17
N PHE A 11 6.77 4.49 -13.57
CA PHE A 11 6.16 3.37 -12.86
C PHE A 11 5.63 2.32 -13.85
N ILE A 12 6.47 1.32 -14.12
CA ILE A 12 6.09 0.26 -15.04
C ILE A 12 4.93 -0.56 -14.49
N GLU A 13 4.84 -0.64 -13.17
CA GLU A 13 3.77 -1.39 -12.51
C GLU A 13 3.18 -0.59 -11.36
N ASP A 14 2.02 0.03 -11.62
CA ASP A 14 1.34 0.83 -10.60
C ASP A 14 0.84 -0.06 -9.46
N VAL A 15 0.75 0.52 -8.27
CA VAL A 15 0.28 -0.22 -7.10
C VAL A 15 -1.16 -0.68 -7.29
N LYS A 16 -1.50 -1.82 -6.69
CA LYS A 16 -2.84 -2.37 -6.79
C LYS A 16 -3.63 -2.10 -5.51
N ASN A 17 -4.89 -1.73 -5.66
CA ASN A 17 -5.75 -1.44 -4.52
C ASN A 17 -5.45 -2.40 -3.36
N GLN A 18 -5.57 -1.88 -2.15
CA GLN A 18 -5.30 -2.68 -0.96
C GLN A 18 -6.57 -2.85 -0.13
N GLU A 19 -6.71 -4.02 0.51
CA GLU A 19 -7.88 -4.30 1.33
C GLU A 19 -7.51 -5.21 2.51
N ALA A 20 -7.61 -4.67 3.72
CA ALA A 20 -7.28 -5.42 4.91
C ALA A 20 -8.10 -4.93 6.11
N ARG A 21 -8.00 -5.65 7.22
CA ARG A 21 -8.72 -5.28 8.43
C ARG A 21 -7.82 -4.53 9.40
N GLU A 22 -8.44 -3.87 10.39
CA GLU A 22 -7.69 -3.12 11.38
C GLU A 22 -6.67 -4.00 12.09
N GLY A 23 -5.53 -3.42 12.46
CA GLY A 23 -4.49 -4.18 13.14
C GLY A 23 -3.49 -4.76 12.18
N ALA A 24 -3.92 -5.02 10.95
CA ALA A 24 -3.05 -5.60 9.93
C ALA A 24 -2.03 -4.57 9.45
N THR A 25 -1.23 -4.97 8.45
CA THR A 25 -0.21 -4.08 7.90
C THR A 25 -0.32 -4.00 6.38
N ALA A 26 -1.09 -3.04 5.89
CA ALA A 26 -1.27 -2.86 4.46
C ALA A 26 0.00 -2.30 3.81
N VAL A 27 0.41 -2.91 2.71
CA VAL A 27 1.61 -2.48 2.00
C VAL A 27 1.39 -2.50 0.49
N LEU A 28 1.92 -1.49 -0.20
CA LEU A 28 1.77 -1.40 -1.65
C LEU A 28 3.10 -1.70 -2.34
N GLN A 29 3.11 -2.76 -3.15
CA GLN A 29 4.31 -3.15 -3.88
C GLN A 29 4.23 -2.73 -5.33
N CYS A 30 5.16 -1.87 -5.75
CA CYS A 30 5.19 -1.38 -7.12
C CYS A 30 6.58 -1.59 -7.74
N GLU A 31 6.72 -1.23 -9.01
CA GLU A 31 7.98 -1.39 -9.72
C GLU A 31 8.25 -0.19 -10.61
N LEU A 32 9.53 0.20 -10.68
CA LEU A 32 9.92 1.35 -11.51
C LEU A 32 10.75 0.90 -12.70
N SER A 33 10.78 1.72 -13.74
CA SER A 33 11.53 1.40 -14.94
C SER A 33 13.03 1.30 -14.64
N LYS A 34 13.47 2.04 -13.64
CA LYS A 34 14.88 2.04 -13.25
C LYS A 34 15.04 2.64 -11.85
N ALA A 35 16.02 2.12 -11.11
CA ALA A 35 16.30 2.62 -9.77
C ALA A 35 16.15 4.13 -9.69
N ALA A 36 15.19 4.59 -8.90
CA ALA A 36 14.94 6.01 -8.74
C ALA A 36 14.20 6.30 -7.44
N PRO A 37 14.46 7.48 -6.85
CA PRO A 37 13.83 7.90 -5.60
C PRO A 37 12.34 8.21 -5.78
N VAL A 38 11.55 7.89 -4.76
CA VAL A 38 10.11 8.13 -4.80
C VAL A 38 9.64 8.85 -3.54
N GLU A 39 8.33 9.04 -3.43
CA GLU A 39 7.75 9.70 -2.28
C GLU A 39 6.25 9.40 -2.16
N TRP A 40 5.89 8.67 -1.10
CA TRP A 40 4.50 8.31 -0.88
C TRP A 40 3.76 9.41 -0.14
N ARG A 41 2.54 9.71 -0.59
CA ARG A 41 1.73 10.75 0.03
C ARG A 41 0.25 10.38 0.01
N LYS A 42 -0.44 10.65 1.12
CA LYS A 42 -1.86 10.34 1.22
C LYS A 42 -2.70 11.58 0.95
N GLY A 43 -3.12 11.74 -0.29
CA GLY A 43 -3.94 12.88 -0.66
C GLY A 43 -3.13 14.16 -0.75
N SER A 44 -3.02 14.87 0.37
CA SER A 44 -2.27 16.12 0.42
C SER A 44 -1.27 16.12 1.57
N GLU A 45 -0.79 14.94 1.93
CA GLU A 45 0.17 14.80 3.02
C GLU A 45 1.34 13.91 2.61
N THR A 46 2.55 14.43 2.77
CA THR A 46 3.75 13.68 2.41
C THR A 46 4.23 12.82 3.57
N LEU A 47 4.38 11.53 3.32
CA LEU A 47 4.83 10.59 4.35
C LEU A 47 6.32 10.27 4.18
N ARG A 48 7.00 10.07 5.30
CA ARG A 48 8.42 9.76 5.29
C ARG A 48 8.73 8.60 6.23
N GLY A 49 9.35 7.55 5.69
CA GLY A 49 9.70 6.40 6.49
C GLY A 49 10.09 6.78 7.91
N GLY A 50 9.42 6.18 8.88
CA GLY A 50 9.71 6.47 10.28
C GLY A 50 9.54 5.26 11.17
N ASP A 51 8.46 5.25 11.95
CA ASP A 51 8.18 4.15 12.86
C ASP A 51 7.00 3.31 12.36
N ARG A 52 5.94 4.01 11.94
CA ARG A 52 4.74 3.33 11.45
C ARG A 52 4.92 2.91 10.00
N TYR A 53 5.32 3.86 9.15
CA TYR A 53 5.53 3.59 7.73
C TYR A 53 6.92 3.01 7.49
N SER A 54 6.97 1.73 7.13
CA SER A 54 8.22 1.05 6.87
C SER A 54 8.52 1.00 5.36
N LEU A 55 9.18 2.04 4.86
CA LEU A 55 9.51 2.11 3.44
C LEU A 55 10.75 1.29 3.14
N ARG A 56 10.63 0.40 2.16
CA ARG A 56 11.76 -0.46 1.78
C ARG A 56 11.80 -0.63 0.26
N GLN A 57 12.82 -0.04 -0.36
CA GLN A 57 12.99 -0.13 -1.81
C GLN A 57 14.23 -0.94 -2.17
N ASP A 58 14.02 -2.04 -2.89
CA ASP A 58 15.13 -2.89 -3.29
C ASP A 58 15.60 -2.54 -4.71
N GLY A 59 15.90 -1.26 -4.92
CA GLY A 59 16.35 -0.81 -6.23
C GLY A 59 15.23 -0.20 -7.05
N THR A 60 14.60 -1.01 -7.90
CA THR A 60 13.51 -0.54 -8.74
C THR A 60 12.16 -0.87 -8.14
N ARG A 61 12.17 -1.69 -7.10
CA ARG A 61 10.94 -2.09 -6.42
C ARG A 61 10.75 -1.29 -5.12
N CYS A 62 9.54 -0.78 -4.93
CA CYS A 62 9.22 0.01 -3.74
C CYS A 62 8.21 -0.72 -2.86
N GLU A 63 8.26 -0.46 -1.56
CA GLU A 63 7.33 -1.08 -0.62
C GLU A 63 7.05 -0.16 0.55
N LEU A 64 5.78 0.18 0.74
CA LEU A 64 5.37 1.06 1.82
C LEU A 64 4.40 0.35 2.77
N GLN A 65 4.92 -0.15 3.88
CA GLN A 65 4.09 -0.86 4.86
C GLN A 65 3.51 0.12 5.88
N ILE A 66 2.42 -0.28 6.51
CA ILE A 66 1.75 0.56 7.51
C ILE A 66 1.46 -0.23 8.78
N HIS A 67 2.28 -0.02 9.80
CA HIS A 67 2.11 -0.70 11.08
C HIS A 67 0.92 -0.13 11.84
N GLY A 68 -0.06 -0.99 12.14
CA GLY A 68 -1.24 -0.56 12.87
C GLY A 68 -2.28 0.05 11.96
N LEU A 69 -3.01 -0.80 11.24
CA LEU A 69 -4.05 -0.33 10.33
C LEU A 69 -5.29 0.13 11.10
N SER A 70 -5.69 1.37 10.87
CA SER A 70 -6.86 1.94 11.54
C SER A 70 -7.87 2.45 10.52
N VAL A 71 -9.15 2.13 10.75
CA VAL A 71 -10.22 2.56 9.87
C VAL A 71 -9.97 3.96 9.33
N ALA A 72 -9.38 4.81 10.18
CA ALA A 72 -9.09 6.19 9.79
C ALA A 72 -8.08 6.23 8.64
N ASP A 73 -7.02 5.45 8.78
CA ASP A 73 -5.98 5.41 7.75
C ASP A 73 -6.60 5.35 6.36
N THR A 74 -7.70 4.61 6.23
CA THR A 74 -8.39 4.47 4.96
C THR A 74 -8.31 5.76 4.15
N GLY A 75 -7.78 5.66 2.93
CA GLY A 75 -7.67 6.83 2.07
C GLY A 75 -7.09 6.49 0.71
N GLU A 76 -6.43 7.46 0.10
CA GLU A 76 -5.83 7.26 -1.22
C GLU A 76 -4.36 7.67 -1.22
N TYR A 77 -3.48 6.67 -1.24
CA TYR A 77 -2.04 6.92 -1.24
C TYR A 77 -1.53 7.14 -2.66
N SER A 78 -0.48 7.95 -2.79
CA SER A 78 0.11 8.25 -4.08
C SER A 78 1.63 8.34 -3.99
N CYS A 79 2.31 7.50 -4.74
CA CYS A 79 3.78 7.49 -4.75
C CYS A 79 4.33 8.25 -5.95
N VAL A 80 4.91 9.42 -5.67
CA VAL A 80 5.48 10.25 -6.72
C VAL A 80 6.93 9.86 -7.01
N CYS A 81 7.17 9.38 -8.23
CA CYS A 81 8.51 8.96 -8.63
C CYS A 81 9.02 9.84 -9.77
N GLY A 82 9.93 10.75 -9.44
CA GLY A 82 10.48 11.64 -10.45
C GLY A 82 9.41 12.40 -11.22
N GLN A 83 9.02 11.87 -12.37
CA GLN A 83 7.99 12.51 -13.19
C GLN A 83 6.67 11.75 -13.10
N GLU A 84 6.76 10.43 -12.97
CA GLU A 84 5.56 9.60 -12.87
C GLU A 84 5.04 9.56 -11.45
N ARG A 85 3.83 9.04 -11.28
CA ARG A 85 3.21 8.95 -9.96
C ARG A 85 2.06 7.94 -9.97
N THR A 86 2.10 7.00 -9.02
CA THR A 86 1.07 5.99 -8.92
C THR A 86 0.19 6.21 -7.69
N SER A 87 -1.06 5.77 -7.78
CA SER A 87 -2.00 5.93 -6.67
C SER A 87 -2.89 4.69 -6.53
N ALA A 88 -3.47 4.52 -5.36
CA ALA A 88 -4.34 3.39 -5.09
C ALA A 88 -5.35 3.70 -3.99
N THR A 89 -6.16 2.72 -3.64
CA THR A 89 -7.18 2.90 -2.60
C THR A 89 -7.05 1.83 -1.52
N LEU A 90 -6.82 2.27 -0.28
CA LEU A 90 -6.68 1.35 0.84
C LEU A 90 -7.96 1.32 1.68
N THR A 91 -8.64 0.18 1.66
CA THR A 91 -9.87 0.01 2.42
C THR A 91 -9.63 -0.77 3.71
N VAL A 92 -9.76 -0.08 4.84
CA VAL A 92 -9.55 -0.70 6.14
C VAL A 92 -10.89 -1.00 6.83
N ARG A 93 -11.19 -2.28 6.99
CA ARG A 93 -12.43 -2.70 7.64
C ARG A 93 -12.22 -2.93 9.13
N ALA A 94 -13.15 -2.44 9.94
CA ALA A 94 -13.07 -2.60 11.39
C ALA A 94 -12.82 -4.06 11.76
N LEU A 95 -12.23 -4.27 12.93
CA LEU A 95 -11.93 -5.62 13.41
C LEU A 95 -13.20 -6.46 13.47
N PRO A 96 -13.04 -7.78 13.32
CA PRO A 96 -14.16 -8.73 13.35
C PRO A 96 -14.76 -8.86 14.75
N ALA A 97 -16.02 -8.46 14.89
CA ALA A 97 -16.71 -8.54 16.17
C ALA A 97 -17.02 -9.98 16.53
N ARG A 98 -16.56 -10.41 17.71
CA ARG A 98 -16.79 -11.77 18.17
C ARG A 98 -18.26 -12.13 18.10
N PHE A 99 -18.56 -13.33 17.62
CA PHE A 99 -19.94 -13.79 17.50
C PHE A 99 -20.00 -15.32 17.49
N THR A 100 -20.67 -15.88 18.49
CA THR A 100 -20.82 -17.32 18.60
C THR A 100 -21.90 -17.86 17.67
N GLN A 101 -21.51 -18.71 16.74
CA GLN A 101 -22.45 -19.28 15.78
C GLN A 101 -22.43 -20.81 15.85
N ASP A 102 -23.27 -21.37 16.70
CA ASP A 102 -23.35 -22.82 16.87
C ASP A 102 -23.34 -23.52 15.51
N LEU A 103 -22.38 -24.41 15.33
CA LEU A 103 -22.25 -25.15 14.07
C LEU A 103 -21.31 -26.34 14.23
N LYS A 104 -21.66 -27.45 13.58
CA LYS A 104 -20.83 -28.65 13.65
C LYS A 104 -20.86 -29.40 12.32
N SER A 105 -19.72 -29.43 11.63
CA SER A 105 -19.62 -30.11 10.35
C SER A 105 -20.36 -31.43 10.38
N GLY A 106 -20.72 -31.93 9.20
CA GLY A 106 -21.43 -33.19 9.11
C GLY A 106 -20.55 -34.32 8.60
N PRO A 107 -21.17 -35.48 8.34
CA PRO A 107 -20.46 -36.66 7.85
C PRO A 107 -19.96 -36.49 6.42
N SER A 108 -20.29 -35.36 5.81
CA SER A 108 -19.88 -35.07 4.45
C SER A 108 -18.38 -34.83 4.38
N SER A 109 -17.71 -35.49 3.43
CA SER A 109 -16.27 -35.35 3.26
C SER A 109 -15.93 -34.06 2.54
N GLY A 110 -16.75 -33.71 1.54
CA GLY A 110 -16.53 -32.50 0.78
C GLY A 110 -17.75 -32.07 -0.02
N GLY A 1 9.17 5.51 -38.49
CA GLY A 1 9.86 4.92 -37.36
C GLY A 1 9.86 5.81 -36.14
N SER A 2 10.66 5.48 -35.14
CA SER A 2 10.74 6.25 -33.92
C SER A 2 12.19 6.49 -33.51
N SER A 3 12.39 7.35 -32.52
CA SER A 3 13.73 7.67 -32.05
C SER A 3 14.05 6.90 -30.77
N GLY A 4 13.27 7.14 -29.73
CA GLY A 4 13.48 6.46 -28.46
C GLY A 4 13.01 7.27 -27.27
N SER A 5 12.75 6.60 -26.17
CA SER A 5 12.28 7.27 -24.95
C SER A 5 13.44 7.57 -24.02
N SER A 6 13.31 8.66 -23.26
CA SER A 6 14.36 9.05 -22.32
C SER A 6 13.78 9.93 -21.21
N GLY A 7 14.54 10.08 -20.12
CA GLY A 7 14.08 10.88 -19.01
C GLY A 7 14.17 10.14 -17.69
N PRO A 8 13.37 10.59 -16.70
CA PRO A 8 13.34 9.99 -15.37
C PRO A 8 12.71 8.60 -15.38
N ALA A 9 12.65 7.98 -14.20
CA ALA A 9 12.07 6.65 -14.08
C ALA A 9 10.54 6.71 -14.16
N ARG A 10 9.94 5.68 -14.73
CA ARG A 10 8.49 5.62 -14.87
C ARG A 10 7.93 4.38 -14.16
N PHE A 11 6.73 4.52 -13.61
CA PHE A 11 6.08 3.42 -12.90
C PHE A 11 5.55 2.38 -13.89
N ILE A 12 6.37 1.37 -14.17
CA ILE A 12 5.98 0.31 -15.09
C ILE A 12 4.89 -0.57 -14.48
N GLU A 13 4.83 -0.60 -13.15
CA GLU A 13 3.82 -1.40 -12.46
C GLU A 13 3.15 -0.58 -11.36
N ASP A 14 1.97 -0.05 -11.67
CA ASP A 14 1.22 0.75 -10.71
C ASP A 14 0.71 -0.11 -9.56
N VAL A 15 0.67 0.47 -8.37
CA VAL A 15 0.19 -0.25 -7.18
C VAL A 15 -1.27 -0.66 -7.32
N LYS A 16 -1.63 -1.77 -6.70
CA LYS A 16 -3.00 -2.27 -6.75
C LYS A 16 -3.72 -2.02 -5.43
N ASN A 17 -5.04 -1.86 -5.50
CA ASN A 17 -5.84 -1.61 -4.31
C ASN A 17 -5.35 -2.45 -3.14
N GLN A 18 -5.40 -1.87 -1.94
CA GLN A 18 -4.96 -2.56 -0.74
C GLN A 18 -6.09 -2.66 0.29
N GLU A 19 -6.48 -3.88 0.61
CA GLU A 19 -7.55 -4.11 1.58
C GLU A 19 -7.05 -4.91 2.77
N ALA A 20 -7.50 -4.54 3.96
CA ALA A 20 -7.10 -5.22 5.18
C ALA A 20 -8.04 -4.88 6.34
N ARG A 21 -7.90 -5.61 7.44
CA ARG A 21 -8.73 -5.38 8.62
C ARG A 21 -7.95 -4.66 9.71
N GLU A 22 -8.63 -3.76 10.41
CA GLU A 22 -8.01 -2.99 11.49
C GLU A 22 -6.96 -3.84 12.21
N GLY A 23 -5.73 -3.33 12.27
CA GLY A 23 -4.66 -4.05 12.93
C GLY A 23 -3.66 -4.63 11.96
N ALA A 24 -4.12 -4.95 10.75
CA ALA A 24 -3.26 -5.52 9.74
C ALA A 24 -2.22 -4.51 9.26
N THR A 25 -1.36 -4.92 8.34
CA THR A 25 -0.32 -4.05 7.81
C THR A 25 -0.39 -3.97 6.29
N ALA A 26 -1.18 -3.04 5.78
CA ALA A 26 -1.34 -2.85 4.35
C ALA A 26 -0.06 -2.33 3.72
N VAL A 27 0.34 -2.94 2.60
CA VAL A 27 1.55 -2.53 1.91
C VAL A 27 1.36 -2.57 0.39
N LEU A 28 1.97 -1.61 -0.29
CA LEU A 28 1.85 -1.53 -1.74
C LEU A 28 3.19 -1.83 -2.41
N GLN A 29 3.23 -2.86 -3.24
CA GLN A 29 4.45 -3.26 -3.93
C GLN A 29 4.39 -2.85 -5.40
N CYS A 30 5.19 -1.85 -5.77
CA CYS A 30 5.22 -1.37 -7.14
C CYS A 30 6.59 -1.60 -7.77
N GLU A 31 6.73 -1.24 -9.04
CA GLU A 31 7.99 -1.41 -9.75
C GLU A 31 8.31 -0.18 -10.59
N LEU A 32 9.60 0.14 -10.70
CA LEU A 32 10.04 1.29 -11.48
C LEU A 32 10.91 0.85 -12.66
N SER A 33 10.82 1.60 -13.75
CA SER A 33 11.59 1.29 -14.95
C SER A 33 13.09 1.28 -14.65
N LYS A 34 13.47 1.93 -13.56
CA LYS A 34 14.87 1.99 -13.15
C LYS A 34 15.01 2.61 -11.76
N ALA A 35 16.01 2.16 -11.02
CA ALA A 35 16.26 2.67 -9.68
C ALA A 35 16.12 4.19 -9.63
N ALA A 36 15.12 4.66 -8.88
CA ALA A 36 14.88 6.09 -8.76
C ALA A 36 14.17 6.42 -7.45
N PRO A 37 14.43 7.62 -6.91
CA PRO A 37 13.83 8.08 -5.65
C PRO A 37 12.35 8.36 -5.80
N VAL A 38 11.55 7.88 -4.84
CA VAL A 38 10.12 8.08 -4.86
C VAL A 38 9.65 8.85 -3.62
N GLU A 39 8.34 9.02 -3.50
CA GLU A 39 7.76 9.73 -2.37
C GLU A 39 6.28 9.42 -2.23
N TRP A 40 5.93 8.67 -1.19
CA TRP A 40 4.54 8.29 -0.95
C TRP A 40 3.81 9.40 -0.20
N ARG A 41 2.53 9.58 -0.52
CA ARG A 41 1.72 10.61 0.13
C ARG A 41 0.25 10.16 0.22
N LYS A 42 -0.33 10.36 1.40
CA LYS A 42 -1.73 9.98 1.63
C LYS A 42 -2.62 11.22 1.72
N GLY A 43 -3.12 11.66 0.57
CA GLY A 43 -3.99 12.83 0.55
C GLY A 43 -3.22 14.11 0.26
N SER A 44 -2.81 14.79 1.32
CA SER A 44 -2.07 16.04 1.18
C SER A 44 -0.85 16.05 2.09
N GLU A 45 -0.30 14.87 2.35
CA GLU A 45 0.87 14.74 3.21
C GLU A 45 2.03 14.10 2.46
N THR A 46 3.12 13.84 3.17
CA THR A 46 4.30 13.23 2.57
C THR A 46 4.98 12.27 3.54
N LEU A 47 4.81 10.98 3.30
CA LEU A 47 5.42 9.96 4.16
C LEU A 47 6.93 9.96 4.03
N ARG A 48 7.62 9.74 5.15
CA ARG A 48 9.08 9.72 5.16
C ARG A 48 9.59 8.43 5.78
N GLY A 49 8.68 7.50 6.05
CA GLY A 49 9.07 6.23 6.65
C GLY A 49 9.68 6.40 8.03
N GLY A 50 9.02 5.86 9.04
CA GLY A 50 9.51 5.96 10.40
C GLY A 50 9.13 4.77 11.25
N ASP A 51 8.25 5.01 12.24
CA ASP A 51 7.81 3.94 13.13
C ASP A 51 6.66 3.15 12.50
N ARG A 52 5.66 3.87 11.99
CA ARG A 52 4.51 3.25 11.36
C ARG A 52 4.82 2.86 9.91
N TYR A 53 5.00 3.86 9.07
CA TYR A 53 5.30 3.63 7.66
C TYR A 53 6.69 3.03 7.49
N SER A 54 6.73 1.76 7.07
CA SER A 54 8.00 1.07 6.87
C SER A 54 8.33 0.97 5.38
N LEU A 55 9.05 1.96 4.87
CA LEU A 55 9.44 1.98 3.46
C LEU A 55 10.66 1.09 3.22
N ARG A 56 10.65 0.36 2.11
CA ARG A 56 11.75 -0.52 1.77
C ARG A 56 11.99 -0.52 0.26
N GLN A 57 13.12 0.04 -0.17
CA GLN A 57 13.46 0.10 -1.58
C GLN A 57 14.71 -0.72 -1.87
N ASP A 58 14.54 -1.75 -2.69
CA ASP A 58 15.66 -2.62 -3.06
C ASP A 58 16.15 -2.32 -4.47
N GLY A 59 16.18 -1.04 -4.81
CA GLY A 59 16.63 -0.63 -6.14
C GLY A 59 15.52 -0.04 -6.97
N THR A 60 14.82 -0.89 -7.71
CA THR A 60 13.72 -0.43 -8.56
C THR A 60 12.37 -0.70 -7.91
N ARG A 61 12.29 -1.80 -7.17
CA ARG A 61 11.05 -2.16 -6.49
C ARG A 61 10.88 -1.36 -5.20
N CYS A 62 9.67 -0.87 -4.98
CA CYS A 62 9.38 -0.08 -3.78
C CYS A 62 8.34 -0.78 -2.91
N GLU A 63 8.32 -0.44 -1.63
CA GLU A 63 7.37 -1.03 -0.69
C GLU A 63 7.06 -0.08 0.46
N LEU A 64 5.77 0.12 0.72
CA LEU A 64 5.35 1.01 1.79
C LEU A 64 4.34 0.32 2.70
N GLN A 65 4.82 -0.18 3.83
CA GLN A 65 3.96 -0.87 4.80
C GLN A 65 3.37 0.12 5.80
N ILE A 66 2.28 -0.28 6.45
CA ILE A 66 1.62 0.56 7.43
C ILE A 66 1.31 -0.21 8.70
N HIS A 67 2.14 -0.03 9.73
CA HIS A 67 1.95 -0.72 11.00
C HIS A 67 0.78 -0.12 11.77
N GLY A 68 -0.12 -0.98 12.25
CA GLY A 68 -1.28 -0.51 12.99
C GLY A 68 -2.33 0.12 12.09
N LEU A 69 -3.01 -0.72 11.31
CA LEU A 69 -4.05 -0.23 10.40
C LEU A 69 -5.28 0.21 11.18
N SER A 70 -5.89 1.31 10.73
CA SER A 70 -7.08 1.84 11.38
C SER A 70 -8.08 2.33 10.35
N VAL A 71 -9.36 2.13 10.65
CA VAL A 71 -10.43 2.55 9.74
C VAL A 71 -10.25 4.00 9.31
N ALA A 72 -9.60 4.79 10.17
CA ALA A 72 -9.35 6.19 9.87
C ALA A 72 -8.27 6.35 8.80
N ASP A 73 -7.31 5.44 8.81
CA ASP A 73 -6.22 5.48 7.84
C ASP A 73 -6.76 5.43 6.41
N THR A 74 -7.86 4.71 6.23
CA THR A 74 -8.48 4.58 4.91
C THR A 74 -8.38 5.88 4.12
N GLY A 75 -7.77 5.80 2.95
CA GLY A 75 -7.61 6.98 2.12
C GLY A 75 -7.08 6.65 0.74
N GLU A 76 -6.42 7.62 0.11
CA GLU A 76 -5.85 7.43 -1.22
C GLU A 76 -4.37 7.79 -1.24
N TYR A 77 -3.52 6.77 -1.29
CA TYR A 77 -2.08 6.98 -1.30
C TYR A 77 -1.59 7.26 -2.71
N SER A 78 -0.45 7.95 -2.81
CA SER A 78 0.13 8.29 -4.11
C SER A 78 1.65 8.35 -4.03
N CYS A 79 2.31 7.55 -4.86
CA CYS A 79 3.76 7.51 -4.88
C CYS A 79 4.32 8.30 -6.07
N VAL A 80 4.90 9.46 -5.79
CA VAL A 80 5.47 10.30 -6.84
C VAL A 80 6.91 9.92 -7.13
N CYS A 81 7.14 9.39 -8.33
CA CYS A 81 8.49 9.00 -8.73
C CYS A 81 8.98 9.83 -9.92
N GLY A 82 9.80 10.83 -9.63
CA GLY A 82 10.32 11.68 -10.68
C GLY A 82 9.23 12.41 -11.43
N GLN A 83 8.81 11.83 -12.56
CA GLN A 83 7.77 12.43 -13.39
C GLN A 83 6.46 11.64 -13.26
N GLU A 84 6.58 10.34 -13.10
CA GLU A 84 5.42 9.47 -12.97
C GLU A 84 4.94 9.40 -11.52
N ARG A 85 3.67 9.08 -11.34
CA ARG A 85 3.09 8.99 -10.00
C ARG A 85 1.89 8.04 -9.99
N THR A 86 1.96 7.02 -9.14
CA THR A 86 0.88 6.05 -9.03
C THR A 86 0.03 6.30 -7.79
N SER A 87 -1.20 5.81 -7.82
CA SER A 87 -2.12 5.98 -6.69
C SER A 87 -2.98 4.73 -6.49
N ALA A 88 -3.49 4.56 -5.28
CA ALA A 88 -4.33 3.41 -4.97
C ALA A 88 -5.33 3.75 -3.87
N THR A 89 -6.28 2.86 -3.64
CA THR A 89 -7.30 3.06 -2.62
C THR A 89 -7.21 1.99 -1.53
N LEU A 90 -6.94 2.42 -0.30
CA LEU A 90 -6.83 1.51 0.82
C LEU A 90 -8.14 1.45 1.61
N THR A 91 -8.72 0.27 1.69
CA THR A 91 -9.98 0.08 2.41
C THR A 91 -9.75 -0.70 3.70
N VAL A 92 -9.79 0.01 4.82
CA VAL A 92 -9.59 -0.61 6.13
C VAL A 92 -10.92 -0.95 6.79
N ARG A 93 -11.23 -2.24 6.90
CA ARG A 93 -12.47 -2.69 7.50
C ARG A 93 -12.28 -2.94 8.99
N ALA A 94 -13.23 -2.46 9.79
CA ALA A 94 -13.16 -2.64 11.24
C ALA A 94 -12.96 -4.11 11.60
N LEU A 95 -12.45 -4.36 12.80
CA LEU A 95 -12.20 -5.71 13.27
C LEU A 95 -13.47 -6.55 13.20
N PRO A 96 -13.31 -7.87 13.05
CA PRO A 96 -14.43 -8.81 12.97
C PRO A 96 -15.16 -8.96 14.30
N ALA A 97 -16.46 -9.19 14.24
CA ALA A 97 -17.27 -9.36 15.44
C ALA A 97 -17.73 -10.81 15.60
N ARG A 98 -17.91 -11.23 16.85
CA ARG A 98 -18.35 -12.58 17.13
C ARG A 98 -19.87 -12.71 17.02
N PHE A 99 -20.43 -12.04 16.04
CA PHE A 99 -21.88 -12.06 15.81
C PHE A 99 -22.40 -13.50 15.79
N THR A 100 -21.78 -14.33 14.95
CA THR A 100 -22.17 -15.73 14.83
C THR A 100 -22.13 -16.43 16.18
N GLN A 101 -23.06 -17.37 16.38
CA GLN A 101 -23.12 -18.12 17.63
C GLN A 101 -23.76 -19.49 17.41
N ASP A 102 -23.02 -20.54 17.75
CA ASP A 102 -23.52 -21.90 17.59
C ASP A 102 -24.38 -22.30 18.79
N LEU A 103 -25.67 -22.48 18.54
CA LEU A 103 -26.61 -22.88 19.59
C LEU A 103 -27.06 -24.32 19.40
N LYS A 104 -26.31 -25.25 19.96
CA LYS A 104 -26.65 -26.66 19.86
C LYS A 104 -25.70 -27.51 20.71
N SER A 105 -26.15 -28.70 21.09
CA SER A 105 -25.35 -29.60 21.90
C SER A 105 -25.87 -31.03 21.81
N GLY A 106 -24.95 -31.98 21.63
CA GLY A 106 -25.33 -33.38 21.53
C GLY A 106 -24.62 -34.25 22.53
N PRO A 107 -25.16 -34.33 23.75
CA PRO A 107 -24.58 -35.13 24.83
C PRO A 107 -24.71 -36.63 24.57
N SER A 108 -23.90 -37.42 25.26
CA SER A 108 -23.93 -38.87 25.10
C SER A 108 -24.19 -39.56 26.43
N SER A 109 -24.59 -40.83 26.37
CA SER A 109 -24.87 -41.60 27.58
C SER A 109 -24.79 -43.10 27.30
N GLY A 110 -24.13 -43.82 28.18
CA GLY A 110 -23.98 -45.26 28.01
C GLY A 110 -22.76 -45.63 27.20
N GLY A 1 10.84 -6.22 -26.58
CA GLY A 1 11.97 -5.36 -26.88
C GLY A 1 12.76 -4.98 -25.64
N SER A 2 14.07 -4.79 -25.81
CA SER A 2 14.93 -4.43 -24.69
C SER A 2 15.38 -2.98 -24.80
N SER A 3 14.45 -2.10 -25.15
CA SER A 3 14.74 -0.68 -25.29
C SER A 3 14.90 -0.02 -23.93
N GLY A 4 15.76 0.98 -23.86
CA GLY A 4 15.99 1.69 -22.61
C GLY A 4 15.48 3.12 -22.64
N SER A 5 14.68 3.48 -21.65
CA SER A 5 14.11 4.83 -21.57
C SER A 5 15.09 5.78 -20.89
N SER A 6 15.23 6.97 -21.45
CA SER A 6 16.13 7.98 -20.90
C SER A 6 15.39 8.91 -19.94
N GLY A 7 16.15 9.78 -19.28
CA GLY A 7 15.55 10.71 -18.34
C GLY A 7 15.29 10.08 -16.98
N PRO A 8 14.29 10.62 -16.26
CA PRO A 8 13.93 10.12 -14.92
C PRO A 8 13.29 8.73 -14.98
N ALA A 9 13.13 8.12 -13.81
CA ALA A 9 12.53 6.79 -13.73
C ALA A 9 11.00 6.87 -13.86
N ARG A 10 10.40 5.78 -14.32
CA ARG A 10 8.96 5.72 -14.49
C ARG A 10 8.37 4.53 -13.75
N PHE A 11 7.05 4.54 -13.58
CA PHE A 11 6.36 3.46 -12.88
C PHE A 11 5.79 2.44 -13.87
N ILE A 12 6.52 1.36 -14.09
CA ILE A 12 6.10 0.32 -15.01
C ILE A 12 4.93 -0.47 -14.45
N GLU A 13 4.78 -0.43 -13.12
CA GLU A 13 3.70 -1.14 -12.45
C GLU A 13 3.07 -0.27 -11.37
N ASP A 14 1.83 0.15 -11.60
CA ASP A 14 1.11 0.99 -10.64
C ASP A 14 0.57 0.15 -9.49
N VAL A 15 0.74 0.65 -8.28
CA VAL A 15 0.26 -0.06 -7.09
C VAL A 15 -1.21 -0.45 -7.24
N LYS A 16 -1.53 -1.67 -6.81
CA LYS A 16 -2.89 -2.17 -6.89
C LYS A 16 -3.63 -1.97 -5.57
N ASN A 17 -4.92 -1.64 -5.66
CA ASN A 17 -5.74 -1.42 -4.47
C ASN A 17 -5.36 -2.41 -3.36
N GLN A 18 -5.54 -1.98 -2.11
CA GLN A 18 -5.22 -2.82 -0.97
C GLN A 18 -6.40 -2.90 0.00
N GLU A 19 -6.59 -4.06 0.60
CA GLU A 19 -7.69 -4.26 1.54
C GLU A 19 -7.24 -5.10 2.74
N ALA A 20 -7.56 -4.63 3.94
CA ALA A 20 -7.19 -5.32 5.17
C ALA A 20 -8.13 -4.95 6.31
N ARG A 21 -7.88 -5.55 7.48
CA ARG A 21 -8.69 -5.28 8.65
C ARG A 21 -7.88 -4.58 9.73
N GLU A 22 -8.55 -3.74 10.51
CA GLU A 22 -7.88 -2.99 11.59
C GLU A 22 -6.86 -3.87 12.29
N GLY A 23 -5.65 -3.35 12.44
CA GLY A 23 -4.59 -4.09 13.11
C GLY A 23 -3.63 -4.74 12.12
N ALA A 24 -4.07 -4.89 10.89
CA ALA A 24 -3.25 -5.49 9.85
C ALA A 24 -2.16 -4.53 9.38
N THR A 25 -1.39 -4.95 8.38
CA THR A 25 -0.31 -4.12 7.85
C THR A 25 -0.39 -4.04 6.33
N ALA A 26 -1.19 -3.10 5.83
CA ALA A 26 -1.36 -2.91 4.40
C ALA A 26 -0.07 -2.36 3.76
N VAL A 27 0.32 -2.93 2.64
CA VAL A 27 1.53 -2.48 1.93
C VAL A 27 1.31 -2.49 0.43
N LEU A 28 1.95 -1.55 -0.26
CA LEU A 28 1.84 -1.45 -1.71
C LEU A 28 3.16 -1.74 -2.38
N GLN A 29 3.18 -2.77 -3.22
CA GLN A 29 4.40 -3.16 -3.93
C GLN A 29 4.34 -2.74 -5.39
N CYS A 30 5.19 -1.79 -5.76
CA CYS A 30 5.23 -1.30 -7.13
C CYS A 30 6.59 -1.57 -7.77
N GLU A 31 6.75 -1.13 -9.02
CA GLU A 31 8.00 -1.34 -9.75
C GLU A 31 8.34 -0.12 -10.61
N LEU A 32 9.63 0.12 -10.78
CA LEU A 32 10.09 1.26 -11.58
C LEU A 32 10.93 0.78 -12.75
N SER A 33 10.95 1.58 -13.82
CA SER A 33 11.73 1.25 -15.02
C SER A 33 13.23 1.30 -14.72
N LYS A 34 13.58 1.91 -13.61
CA LYS A 34 14.98 2.03 -13.21
C LYS A 34 15.10 2.58 -11.78
N ALA A 35 16.17 2.18 -11.10
CA ALA A 35 16.40 2.64 -9.73
C ALA A 35 16.26 4.15 -9.62
N ALA A 36 15.42 4.61 -8.70
CA ALA A 36 15.20 6.03 -8.51
C ALA A 36 14.43 6.29 -7.21
N PRO A 37 14.65 7.48 -6.61
CA PRO A 37 13.99 7.87 -5.37
C PRO A 37 12.50 8.15 -5.56
N VAL A 38 11.71 7.78 -4.56
CA VAL A 38 10.27 7.99 -4.62
C VAL A 38 9.76 8.72 -3.37
N GLU A 39 8.45 8.95 -3.32
CA GLU A 39 7.85 9.63 -2.18
C GLU A 39 6.35 9.37 -2.13
N TRP A 40 5.93 8.59 -1.12
CA TRP A 40 4.53 8.26 -0.97
C TRP A 40 3.79 9.36 -0.20
N ARG A 41 2.52 9.58 -0.55
CA ARG A 41 1.71 10.60 0.09
C ARG A 41 0.23 10.24 0.03
N LYS A 42 -0.50 10.56 1.09
CA LYS A 42 -1.92 10.27 1.15
C LYS A 42 -2.74 11.51 0.80
N GLY A 43 -3.16 11.60 -0.46
CA GLY A 43 -3.94 12.74 -0.90
C GLY A 43 -3.13 14.02 -0.94
N SER A 44 -3.24 14.83 0.10
CA SER A 44 -2.52 16.10 0.18
C SER A 44 -1.55 16.10 1.36
N GLU A 45 -1.09 14.91 1.75
CA GLU A 45 -0.17 14.78 2.87
C GLU A 45 0.95 13.80 2.54
N THR A 46 2.19 14.21 2.76
CA THR A 46 3.35 13.36 2.49
C THR A 46 3.70 12.51 3.70
N LEU A 47 3.99 11.23 3.45
CA LEU A 47 4.35 10.31 4.53
C LEU A 47 5.86 10.13 4.61
N ARG A 48 6.33 9.69 5.77
CA ARG A 48 7.76 9.48 5.99
C ARG A 48 8.00 8.33 6.98
N GLY A 49 8.65 7.28 6.50
CA GLY A 49 8.93 6.14 7.36
C GLY A 49 9.67 6.53 8.63
N GLY A 50 9.41 5.82 9.71
CA GLY A 50 10.05 6.11 10.98
C GLY A 50 9.14 5.86 12.17
N ASP A 51 7.84 6.09 11.98
CA ASP A 51 6.87 5.90 13.04
C ASP A 51 6.13 4.57 12.87
N ARG A 52 5.27 4.49 11.87
CA ARG A 52 4.50 3.28 11.60
C ARG A 52 4.76 2.79 10.18
N TYR A 53 5.08 3.71 9.28
CA TYR A 53 5.34 3.36 7.89
C TYR A 53 6.76 2.83 7.72
N SER A 54 6.87 1.63 7.15
CA SER A 54 8.17 1.00 6.94
C SER A 54 8.49 0.94 5.44
N LEU A 55 9.10 2.01 4.93
CA LEU A 55 9.46 2.06 3.52
C LEU A 55 10.68 1.19 3.24
N ARG A 56 10.60 0.41 2.16
CA ARG A 56 11.71 -0.47 1.78
C ARG A 56 11.85 -0.54 0.26
N GLN A 57 13.00 -0.10 -0.24
CA GLN A 57 13.26 -0.10 -1.66
C GLN A 57 14.47 -0.97 -1.99
N ASP A 58 14.31 -1.87 -2.96
CA ASP A 58 15.38 -2.77 -3.37
C ASP A 58 15.85 -2.44 -4.79
N GLY A 59 15.96 -1.15 -5.09
CA GLY A 59 16.39 -0.74 -6.41
C GLY A 59 15.27 -0.13 -7.22
N THR A 60 14.60 -0.95 -8.02
CA THR A 60 13.49 -0.48 -8.86
C THR A 60 12.15 -0.80 -8.21
N ARG A 61 12.17 -1.68 -7.22
CA ARG A 61 10.95 -2.08 -6.53
C ARG A 61 10.80 -1.30 -5.22
N CYS A 62 9.59 -0.83 -4.95
CA CYS A 62 9.32 -0.07 -3.73
C CYS A 62 8.27 -0.80 -2.87
N GLU A 63 8.29 -0.52 -1.57
CA GLU A 63 7.36 -1.13 -0.63
C GLU A 63 7.07 -0.21 0.55
N LEU A 64 5.80 0.11 0.75
CA LEU A 64 5.40 0.99 1.85
C LEU A 64 4.41 0.29 2.76
N GLN A 65 4.90 -0.21 3.89
CA GLN A 65 4.05 -0.91 4.86
C GLN A 65 3.46 0.07 5.87
N ILE A 66 2.41 -0.36 6.55
CA ILE A 66 1.75 0.48 7.54
C ILE A 66 1.51 -0.28 8.85
N HIS A 67 2.34 -0.01 9.85
CA HIS A 67 2.21 -0.67 11.15
C HIS A 67 0.98 -0.16 11.90
N GLY A 68 0.08 -1.09 12.22
CA GLY A 68 -1.13 -0.73 12.94
C GLY A 68 -2.16 -0.07 12.04
N LEU A 69 -2.88 -0.90 11.28
CA LEU A 69 -3.91 -0.38 10.37
C LEU A 69 -5.12 0.13 11.14
N SER A 70 -5.69 1.23 10.67
CA SER A 70 -6.86 1.82 11.32
C SER A 70 -7.93 2.17 10.29
N VAL A 71 -9.17 2.32 10.76
CA VAL A 71 -10.29 2.66 9.88
C VAL A 71 -10.12 4.07 9.32
N ALA A 72 -9.38 4.90 10.03
CA ALA A 72 -9.14 6.28 9.60
C ALA A 72 -8.12 6.33 8.47
N ASP A 73 -7.13 5.44 8.54
CA ASP A 73 -6.08 5.39 7.53
C ASP A 73 -6.67 5.28 6.12
N THR A 74 -7.88 4.73 6.05
CA THR A 74 -8.56 4.57 4.76
C THR A 74 -8.48 5.84 3.93
N GLY A 75 -7.93 5.71 2.72
CA GLY A 75 -7.81 6.87 1.85
C GLY A 75 -7.22 6.51 0.51
N GLU A 76 -6.55 7.47 -0.12
CA GLU A 76 -5.94 7.25 -1.43
C GLU A 76 -4.46 7.67 -1.42
N TYR A 77 -3.57 6.68 -1.39
CA TYR A 77 -2.15 6.95 -1.37
C TYR A 77 -1.63 7.27 -2.77
N SER A 78 -0.50 7.96 -2.84
CA SER A 78 0.09 8.34 -4.11
C SER A 78 1.62 8.39 -4.02
N CYS A 79 2.28 7.70 -4.95
CA CYS A 79 3.74 7.67 -4.97
C CYS A 79 4.29 8.51 -6.12
N VAL A 80 4.99 9.59 -5.78
CA VAL A 80 5.58 10.47 -6.78
C VAL A 80 7.04 10.11 -7.05
N CYS A 81 7.28 9.54 -8.22
CA CYS A 81 8.65 9.15 -8.60
C CYS A 81 9.11 9.94 -9.81
N GLY A 82 10.05 10.88 -9.58
CA GLY A 82 10.56 11.68 -10.66
C GLY A 82 9.47 12.45 -11.39
N GLN A 83 9.01 11.91 -12.51
CA GLN A 83 7.97 12.54 -13.30
C GLN A 83 6.67 11.74 -13.22
N GLU A 84 6.79 10.44 -13.03
CA GLU A 84 5.63 9.57 -12.94
C GLU A 84 5.01 9.61 -11.54
N ARG A 85 3.78 9.13 -11.42
CA ARG A 85 3.10 9.11 -10.14
C ARG A 85 1.94 8.11 -10.15
N THR A 86 1.93 7.20 -9.18
CA THR A 86 0.88 6.20 -9.08
C THR A 86 -0.02 6.45 -7.87
N SER A 87 -1.22 5.89 -7.91
CA SER A 87 -2.18 6.07 -6.82
C SER A 87 -3.05 4.82 -6.66
N ALA A 88 -3.43 4.53 -5.42
CA ALA A 88 -4.26 3.37 -5.13
C ALA A 88 -5.30 3.70 -4.07
N THR A 89 -6.13 2.71 -3.74
CA THR A 89 -7.18 2.89 -2.74
C THR A 89 -7.08 1.82 -1.65
N LEU A 90 -6.83 2.25 -0.42
CA LEU A 90 -6.71 1.34 0.70
C LEU A 90 -7.99 1.33 1.54
N THR A 91 -8.58 0.15 1.69
CA THR A 91 -9.81 0.01 2.46
C THR A 91 -9.56 -0.78 3.75
N VAL A 92 -9.76 -0.12 4.89
CA VAL A 92 -9.56 -0.76 6.18
C VAL A 92 -10.88 -0.97 6.90
N ARG A 93 -11.30 -2.23 7.00
CA ARG A 93 -12.55 -2.57 7.66
C ARG A 93 -12.33 -2.83 9.16
N ALA A 94 -13.21 -2.27 9.98
CA ALA A 94 -13.11 -2.44 11.42
C ALA A 94 -12.93 -3.91 11.79
N LEU A 95 -12.45 -4.15 13.01
CA LEU A 95 -12.23 -5.52 13.48
C LEU A 95 -13.53 -6.31 13.50
N PRO A 96 -13.42 -7.63 13.32
CA PRO A 96 -14.58 -8.53 13.32
C PRO A 96 -15.22 -8.66 14.71
N ALA A 97 -16.33 -7.94 14.90
CA ALA A 97 -17.03 -7.98 16.18
C ALA A 97 -18.09 -9.08 16.19
N ARG A 98 -17.86 -10.10 17.01
CA ARG A 98 -18.79 -11.23 17.12
C ARG A 98 -19.26 -11.68 15.74
N PHE A 99 -18.30 -11.86 14.83
CA PHE A 99 -18.62 -12.29 13.47
C PHE A 99 -17.42 -12.98 12.83
N THR A 100 -17.64 -14.18 12.31
CA THR A 100 -16.57 -14.94 11.67
C THR A 100 -16.29 -14.42 10.27
N GLN A 101 -15.34 -13.50 10.16
CA GLN A 101 -14.97 -12.91 8.88
C GLN A 101 -14.45 -13.98 7.93
N ASP A 102 -14.78 -13.84 6.65
CA ASP A 102 -14.34 -14.79 5.64
C ASP A 102 -12.83 -14.70 5.42
N LEU A 103 -12.16 -15.86 5.47
CA LEU A 103 -10.72 -15.91 5.28
C LEU A 103 -10.35 -16.96 4.25
N LYS A 104 -11.17 -17.10 3.22
CA LYS A 104 -10.92 -18.07 2.16
C LYS A 104 -11.41 -17.54 0.81
N SER A 105 -10.99 -18.19 -0.27
CA SER A 105 -11.39 -17.80 -1.61
C SER A 105 -11.85 -19.00 -2.42
N GLY A 106 -12.52 -18.73 -3.54
CA GLY A 106 -13.01 -19.80 -4.38
C GLY A 106 -12.25 -19.89 -5.70
N PRO A 107 -11.12 -20.60 -5.68
CA PRO A 107 -10.28 -20.79 -6.86
C PRO A 107 -10.93 -21.68 -7.90
N SER A 108 -10.94 -21.22 -9.16
CA SER A 108 -11.54 -21.98 -10.24
C SER A 108 -10.62 -22.01 -11.46
N SER A 109 -10.39 -23.20 -12.00
CA SER A 109 -9.52 -23.37 -13.15
C SER A 109 -9.88 -24.63 -13.93
N GLY A 110 -9.37 -24.74 -15.15
CA GLY A 110 -9.65 -25.90 -15.97
C GLY A 110 -10.58 -25.57 -17.13
N GLY A 1 27.86 4.75 -30.07
CA GLY A 1 28.28 5.14 -28.75
C GLY A 1 27.29 4.74 -27.68
N SER A 2 26.03 5.13 -27.87
CA SER A 2 24.97 4.81 -26.91
C SER A 2 23.60 5.15 -27.48
N SER A 3 22.84 4.13 -27.84
CA SER A 3 21.51 4.31 -28.41
C SER A 3 20.58 4.96 -27.39
N GLY A 4 20.39 4.28 -26.25
CA GLY A 4 19.52 4.80 -25.21
C GLY A 4 20.00 6.14 -24.68
N SER A 5 19.38 6.59 -23.59
CA SER A 5 19.74 7.86 -22.99
C SER A 5 19.26 7.92 -21.54
N SER A 6 20.18 8.28 -20.64
CA SER A 6 19.86 8.36 -19.21
C SER A 6 18.84 9.47 -18.97
N GLY A 7 17.95 9.25 -18.00
CA GLY A 7 16.94 10.24 -17.68
C GLY A 7 16.16 9.88 -16.43
N PRO A 8 14.95 10.45 -16.30
CA PRO A 8 14.08 10.19 -15.15
C PRO A 8 13.51 8.77 -15.14
N ALA A 9 12.98 8.36 -14.00
CA ALA A 9 12.42 7.02 -13.87
C ALA A 9 10.89 7.07 -13.94
N ARG A 10 10.30 6.00 -14.49
CA ARG A 10 8.85 5.93 -14.62
C ARG A 10 8.31 4.70 -13.91
N PHE A 11 7.01 4.72 -13.60
CA PHE A 11 6.37 3.60 -12.92
C PHE A 11 5.88 2.56 -13.93
N ILE A 12 6.57 1.44 -13.99
CA ILE A 12 6.21 0.36 -14.90
C ILE A 12 5.04 -0.46 -14.35
N GLU A 13 4.90 -0.45 -13.04
CA GLU A 13 3.82 -1.19 -12.38
C GLU A 13 3.10 -0.32 -11.36
N ASP A 14 1.86 0.03 -11.66
CA ASP A 14 1.07 0.87 -10.76
C ASP A 14 0.56 0.05 -9.57
N VAL A 15 0.63 0.65 -8.38
CA VAL A 15 0.19 -0.01 -7.16
C VAL A 15 -1.28 -0.41 -7.26
N LYS A 16 -1.59 -1.63 -6.84
CA LYS A 16 -2.96 -2.13 -6.86
C LYS A 16 -3.67 -1.85 -5.54
N ASN A 17 -4.94 -1.49 -5.63
CA ASN A 17 -5.73 -1.20 -4.43
C ASN A 17 -5.37 -2.16 -3.30
N GLN A 18 -5.58 -1.71 -2.06
CA GLN A 18 -5.28 -2.53 -0.90
C GLN A 18 -6.51 -2.68 -0.01
N GLU A 19 -6.66 -3.86 0.59
CA GLU A 19 -7.79 -4.13 1.47
C GLU A 19 -7.39 -5.05 2.61
N ALA A 20 -7.68 -4.62 3.84
CA ALA A 20 -7.35 -5.41 5.03
C ALA A 20 -8.15 -4.95 6.23
N ARG A 21 -8.20 -5.80 7.26
CA ARG A 21 -8.94 -5.47 8.47
C ARG A 21 -8.03 -4.80 9.51
N GLU A 22 -8.63 -4.07 10.43
CA GLU A 22 -7.87 -3.38 11.46
C GLU A 22 -6.86 -4.33 12.12
N GLY A 23 -5.77 -3.75 12.62
CA GLY A 23 -4.74 -4.56 13.26
C GLY A 23 -3.76 -5.14 12.26
N ALA A 24 -4.12 -5.12 10.98
CA ALA A 24 -3.27 -5.65 9.93
C ALA A 24 -2.28 -4.60 9.44
N THR A 25 -1.41 -4.99 8.52
CA THR A 25 -0.41 -4.08 7.98
C THR A 25 -0.48 -4.04 6.45
N ALA A 26 -1.22 -3.07 5.92
CA ALA A 26 -1.37 -2.93 4.48
C ALA A 26 -0.09 -2.39 3.85
N VAL A 27 0.19 -2.83 2.63
CA VAL A 27 1.38 -2.39 1.92
C VAL A 27 1.18 -2.47 0.41
N LEU A 28 1.85 -1.58 -0.33
CA LEU A 28 1.75 -1.55 -1.77
C LEU A 28 3.10 -1.82 -2.43
N GLN A 29 3.13 -2.84 -3.29
CA GLN A 29 4.36 -3.21 -3.98
C GLN A 29 4.33 -2.75 -5.42
N CYS A 30 5.23 -1.84 -5.77
CA CYS A 30 5.31 -1.31 -7.12
C CYS A 30 6.71 -1.47 -7.70
N GLU A 31 6.86 -1.17 -8.98
CA GLU A 31 8.15 -1.29 -9.65
C GLU A 31 8.47 -0.02 -10.44
N LEU A 32 9.75 0.18 -10.72
CA LEU A 32 10.20 1.35 -11.47
C LEU A 32 11.03 0.94 -12.68
N SER A 33 11.04 1.80 -13.70
CA SER A 33 11.80 1.53 -14.92
C SER A 33 13.29 1.41 -14.61
N LYS A 34 13.73 2.10 -13.57
CA LYS A 34 15.14 2.09 -13.17
C LYS A 34 15.31 2.62 -11.75
N ALA A 35 16.31 2.11 -11.04
CA ALA A 35 16.58 2.53 -9.67
C ALA A 35 16.42 4.04 -9.53
N ALA A 36 15.53 4.46 -8.65
CA ALA A 36 15.29 5.87 -8.42
C ALA A 36 14.48 6.10 -7.14
N PRO A 37 14.69 7.25 -6.50
CA PRO A 37 13.98 7.61 -5.25
C PRO A 37 12.50 7.89 -5.49
N VAL A 38 11.68 7.56 -4.50
CA VAL A 38 10.24 7.78 -4.59
C VAL A 38 9.68 8.34 -3.30
N GLU A 39 8.49 8.91 -3.36
CA GLU A 39 7.84 9.48 -2.19
C GLU A 39 6.35 9.16 -2.17
N TRP A 40 5.87 8.66 -1.03
CA TRP A 40 4.46 8.31 -0.88
C TRP A 40 3.70 9.41 -0.19
N ARG A 41 2.45 9.63 -0.61
CA ARG A 41 1.61 10.67 -0.03
C ARG A 41 0.17 10.18 0.09
N LYS A 42 -0.46 10.51 1.22
CA LYS A 42 -1.85 10.11 1.47
C LYS A 42 -2.74 11.34 1.64
N GLY A 43 -3.13 11.93 0.52
CA GLY A 43 -3.99 13.12 0.57
C GLY A 43 -3.22 14.37 0.95
N SER A 44 -2.80 15.13 -0.06
CA SER A 44 -2.06 16.36 0.17
C SER A 44 -1.16 16.23 1.41
N GLU A 45 -0.65 15.02 1.63
CA GLU A 45 0.22 14.76 2.77
C GLU A 45 1.32 13.78 2.40
N THR A 46 2.57 14.15 2.73
CA THR A 46 3.72 13.31 2.43
C THR A 46 4.02 12.36 3.58
N LEU A 47 4.39 11.13 3.26
CA LEU A 47 4.71 10.13 4.27
C LEU A 47 6.22 9.87 4.31
N ARG A 48 6.80 10.01 5.50
CA ARG A 48 8.23 9.79 5.68
C ARG A 48 8.48 8.60 6.60
N GLY A 49 9.23 7.62 6.10
CA GLY A 49 9.54 6.45 6.89
C GLY A 49 9.94 6.78 8.31
N GLY A 50 9.27 6.14 9.28
CA GLY A 50 9.57 6.40 10.67
C GLY A 50 9.36 5.18 11.54
N ASP A 51 8.27 5.18 12.31
CA ASP A 51 7.96 4.06 13.19
C ASP A 51 6.84 3.20 12.59
N ARG A 52 5.83 3.85 12.03
CA ARG A 52 4.71 3.14 11.44
C ARG A 52 4.98 2.83 9.97
N TYR A 53 5.13 3.88 9.17
CA TYR A 53 5.39 3.72 7.74
C TYR A 53 6.78 3.10 7.50
N SER A 54 6.79 1.85 7.07
CA SER A 54 8.04 1.14 6.81
C SER A 54 8.33 1.08 5.31
N LEU A 55 9.03 2.08 4.81
CA LEU A 55 9.37 2.14 3.39
C LEU A 55 10.61 1.30 3.09
N ARG A 56 10.51 0.45 2.08
CA ARG A 56 11.62 -0.41 1.70
C ARG A 56 11.73 -0.52 0.18
N GLN A 57 12.77 0.09 -0.39
CA GLN A 57 12.97 0.06 -1.83
C GLN A 57 14.30 -0.61 -2.17
N ASP A 58 14.23 -1.73 -2.90
CA ASP A 58 15.43 -2.45 -3.28
C ASP A 58 15.86 -2.07 -4.70
N GLY A 59 16.23 -0.81 -4.88
CA GLY A 59 16.65 -0.34 -6.18
C GLY A 59 15.51 0.24 -6.99
N THR A 60 14.79 -0.63 -7.70
CA THR A 60 13.66 -0.19 -8.53
C THR A 60 12.34 -0.47 -7.83
N ARG A 61 12.22 -1.65 -7.23
CA ARG A 61 11.01 -2.04 -6.53
C ARG A 61 10.85 -1.24 -5.23
N CYS A 62 9.62 -0.81 -4.96
CA CYS A 62 9.33 -0.04 -3.76
C CYS A 62 8.31 -0.75 -2.88
N GLU A 63 8.28 -0.39 -1.60
CA GLU A 63 7.34 -1.01 -0.66
C GLU A 63 7.01 -0.04 0.48
N LEU A 64 5.73 0.16 0.72
CA LEU A 64 5.28 1.06 1.77
C LEU A 64 4.28 0.36 2.69
N GLN A 65 4.76 -0.10 3.84
CA GLN A 65 3.90 -0.78 4.81
C GLN A 65 3.36 0.19 5.85
N ILE A 66 2.29 -0.21 6.52
CA ILE A 66 1.68 0.64 7.54
C ILE A 66 1.37 -0.17 8.80
N HIS A 67 2.21 -0.02 9.82
CA HIS A 67 2.02 -0.73 11.08
C HIS A 67 0.81 -0.19 11.83
N GLY A 68 -0.05 -1.08 12.29
CA GLY A 68 -1.23 -0.67 13.04
C GLY A 68 -2.29 -0.06 12.13
N LEU A 69 -3.02 -0.91 11.42
CA LEU A 69 -4.06 -0.45 10.52
C LEU A 69 -5.30 -0.01 11.29
N SER A 70 -5.88 1.11 10.90
CA SER A 70 -7.06 1.64 11.55
C SER A 70 -8.10 2.10 10.52
N VAL A 71 -9.38 1.93 10.87
CA VAL A 71 -10.46 2.32 9.99
C VAL A 71 -10.31 3.78 9.54
N ALA A 72 -9.50 4.53 10.28
CA ALA A 72 -9.27 5.93 9.95
C ALA A 72 -8.17 6.09 8.91
N ASP A 73 -7.19 5.20 8.96
CA ASP A 73 -6.08 5.24 8.01
C ASP A 73 -6.59 5.20 6.57
N THR A 74 -7.74 4.58 6.38
CA THR A 74 -8.33 4.48 5.05
C THR A 74 -8.14 5.76 4.26
N GLY A 75 -7.54 5.64 3.07
CA GLY A 75 -7.31 6.81 2.24
C GLY A 75 -6.78 6.43 0.86
N GLU A 76 -6.09 7.37 0.22
CA GLU A 76 -5.54 7.14 -1.11
C GLU A 76 -4.05 7.50 -1.14
N TYR A 77 -3.20 6.48 -1.18
CA TYR A 77 -1.76 6.69 -1.21
C TYR A 77 -1.28 6.92 -2.64
N SER A 78 -0.22 7.71 -2.79
CA SER A 78 0.33 8.01 -4.10
C SER A 78 1.85 8.10 -4.03
N CYS A 79 2.53 7.38 -4.92
CA CYS A 79 3.98 7.37 -4.97
C CYS A 79 4.49 8.20 -6.14
N VAL A 80 5.08 9.36 -5.83
CA VAL A 80 5.61 10.25 -6.85
C VAL A 80 7.06 9.91 -7.18
N CYS A 81 7.28 9.37 -8.37
CA CYS A 81 8.62 9.00 -8.81
C CYS A 81 9.05 9.83 -10.02
N GLY A 82 10.16 10.55 -9.88
CA GLY A 82 10.65 11.38 -10.96
C GLY A 82 9.56 12.20 -11.61
N GLN A 83 9.01 11.68 -12.70
CA GLN A 83 7.95 12.38 -13.42
C GLN A 83 6.62 11.64 -13.29
N GLU A 84 6.71 10.32 -13.15
CA GLU A 84 5.52 9.48 -13.01
C GLU A 84 5.00 9.48 -11.58
N ARG A 85 3.73 9.13 -11.41
CA ARG A 85 3.12 9.09 -10.09
C ARG A 85 1.90 8.17 -10.08
N THR A 86 1.96 7.12 -9.26
CA THR A 86 0.88 6.17 -9.16
C THR A 86 0.15 6.30 -7.82
N SER A 87 -1.13 5.94 -7.81
CA SER A 87 -1.93 6.02 -6.59
C SER A 87 -2.82 4.78 -6.44
N ALA A 88 -3.33 4.57 -5.23
CA ALA A 88 -4.18 3.43 -4.96
C ALA A 88 -5.18 3.74 -3.85
N THR A 89 -6.08 2.81 -3.58
CA THR A 89 -7.09 2.98 -2.54
C THR A 89 -7.01 1.88 -1.50
N LEU A 90 -6.73 2.25 -0.25
CA LEU A 90 -6.64 1.28 0.83
C LEU A 90 -7.89 1.30 1.70
N THR A 91 -8.58 0.16 1.77
CA THR A 91 -9.79 0.05 2.56
C THR A 91 -9.54 -0.73 3.84
N VAL A 92 -9.67 -0.06 4.99
CA VAL A 92 -9.46 -0.69 6.27
C VAL A 92 -10.79 -0.97 6.98
N ARG A 93 -11.15 -2.24 7.05
CA ARG A 93 -12.40 -2.64 7.70
C ARG A 93 -12.22 -2.75 9.21
N ALA A 94 -13.27 -2.40 9.95
CA ALA A 94 -13.22 -2.47 11.41
C ALA A 94 -13.18 -3.91 11.89
N LEU A 95 -12.48 -4.13 13.00
CA LEU A 95 -12.35 -5.46 13.58
C LEU A 95 -13.71 -6.10 13.78
N PRO A 96 -13.75 -7.44 13.77
CA PRO A 96 -14.99 -8.21 13.96
C PRO A 96 -15.51 -8.11 15.38
N ALA A 97 -16.84 -8.03 15.52
CA ALA A 97 -17.47 -7.94 16.83
C ALA A 97 -17.29 -9.23 17.61
N ARG A 98 -17.98 -10.28 17.17
CA ARG A 98 -17.89 -11.58 17.84
C ARG A 98 -17.12 -12.58 16.98
N PHE A 99 -16.16 -13.26 17.60
CA PHE A 99 -15.35 -14.25 16.91
C PHE A 99 -15.67 -15.66 17.37
N THR A 100 -16.48 -16.36 16.59
CA THR A 100 -16.88 -17.73 16.91
C THR A 100 -16.59 -18.67 15.76
N GLN A 101 -16.42 -19.95 16.08
CA GLN A 101 -16.14 -20.97 15.07
C GLN A 101 -16.84 -22.29 15.40
N ASP A 102 -17.72 -22.72 14.51
CA ASP A 102 -18.46 -23.97 14.71
C ASP A 102 -17.83 -25.11 13.91
N LEU A 103 -16.85 -25.77 14.50
CA LEU A 103 -16.16 -26.88 13.84
C LEU A 103 -15.32 -27.67 14.84
N LYS A 104 -15.67 -28.94 15.01
CA LYS A 104 -14.94 -29.81 15.93
C LYS A 104 -14.65 -31.16 15.28
N SER A 105 -13.38 -31.54 15.25
CA SER A 105 -12.97 -32.81 14.67
C SER A 105 -12.82 -33.88 15.74
N GLY A 106 -11.93 -33.63 16.70
CA GLY A 106 -11.71 -34.59 17.76
C GLY A 106 -10.46 -34.29 18.56
N PRO A 107 -10.51 -34.54 19.88
CA PRO A 107 -9.39 -34.29 20.79
C PRO A 107 -8.24 -35.26 20.55
N SER A 108 -8.57 -36.55 20.38
CA SER A 108 -7.56 -37.57 20.15
C SER A 108 -7.44 -37.88 18.66
N SER A 109 -6.21 -38.00 18.19
CA SER A 109 -5.95 -38.29 16.79
C SER A 109 -5.59 -39.77 16.60
N GLY A 110 -6.54 -40.54 16.05
CA GLY A 110 -6.31 -41.95 15.83
C GLY A 110 -7.43 -42.81 16.38
N GLY A 1 8.43 -1.32 -31.42
CA GLY A 1 9.32 -2.39 -31.01
C GLY A 1 10.04 -2.09 -29.71
N SER A 2 10.69 -0.93 -29.65
CA SER A 2 11.42 -0.53 -28.45
C SER A 2 10.64 0.52 -27.67
N SER A 3 10.19 1.56 -28.36
CA SER A 3 9.42 2.63 -27.73
C SER A 3 10.14 3.13 -26.48
N GLY A 4 11.46 3.23 -26.56
CA GLY A 4 12.23 3.70 -25.42
C GLY A 4 12.47 5.19 -25.45
N SER A 5 12.96 5.74 -24.34
CA SER A 5 13.23 7.17 -24.26
C SER A 5 14.30 7.45 -23.21
N SER A 6 14.70 8.71 -23.10
CA SER A 6 15.72 9.12 -22.15
C SER A 6 15.17 10.15 -21.16
N GLY A 7 14.54 9.67 -20.10
CA GLY A 7 13.97 10.56 -19.10
C GLY A 7 13.96 9.95 -17.72
N PRO A 8 13.08 10.46 -16.85
CA PRO A 8 12.95 9.97 -15.47
C PRO A 8 12.35 8.58 -15.40
N ALA A 9 12.45 7.95 -14.24
CA ALA A 9 11.91 6.60 -14.04
C ALA A 9 10.38 6.62 -14.04
N ARG A 10 9.78 5.68 -14.76
CA ARG A 10 8.33 5.59 -14.84
C ARG A 10 7.81 4.36 -14.10
N PHE A 11 6.54 4.39 -13.72
CA PHE A 11 5.93 3.28 -13.01
C PHE A 11 5.44 2.21 -13.98
N ILE A 12 6.22 1.15 -14.14
CA ILE A 12 5.86 0.06 -15.03
C ILE A 12 4.73 -0.80 -14.45
N GLU A 13 4.66 -0.82 -13.12
CA GLU A 13 3.63 -1.60 -12.43
C GLU A 13 2.96 -0.77 -11.34
N ASP A 14 1.82 -0.18 -11.67
CA ASP A 14 1.07 0.64 -10.73
C ASP A 14 0.54 -0.21 -9.57
N VAL A 15 0.72 0.28 -8.35
CA VAL A 15 0.26 -0.43 -7.16
C VAL A 15 -1.19 -0.90 -7.33
N LYS A 16 -1.54 -1.98 -6.64
CA LYS A 16 -2.89 -2.53 -6.71
C LYS A 16 -3.68 -2.21 -5.44
N ASN A 17 -4.97 -1.98 -5.59
CA ASN A 17 -5.83 -1.66 -4.46
C ASN A 17 -5.43 -2.48 -3.23
N GLN A 18 -5.37 -1.83 -2.08
CA GLN A 18 -5.00 -2.50 -0.84
C GLN A 18 -6.21 -2.63 0.09
N GLU A 19 -6.45 -3.86 0.55
CA GLU A 19 -7.57 -4.12 1.43
C GLU A 19 -7.15 -4.97 2.63
N ALA A 20 -7.50 -4.52 3.83
CA ALA A 20 -7.15 -5.24 5.05
C ALA A 20 -8.12 -4.91 6.18
N ARG A 21 -7.89 -5.52 7.33
CA ARG A 21 -8.76 -5.30 8.49
C ARG A 21 -7.99 -4.60 9.61
N GLU A 22 -8.67 -3.72 10.33
CA GLU A 22 -8.05 -2.99 11.43
C GLU A 22 -7.07 -3.87 12.18
N GLY A 23 -5.86 -3.35 12.38
CA GLY A 23 -4.83 -4.11 13.09
C GLY A 23 -3.92 -4.86 12.16
N ALA A 24 -4.07 -4.62 10.86
CA ALA A 24 -3.24 -5.28 9.85
C ALA A 24 -2.12 -4.36 9.37
N THR A 25 -1.35 -4.83 8.40
CA THR A 25 -0.23 -4.05 7.86
C THR A 25 -0.33 -3.95 6.34
N ALA A 26 -1.06 -2.93 5.88
CA ALA A 26 -1.23 -2.71 4.45
C ALA A 26 0.06 -2.22 3.81
N VAL A 27 0.44 -2.84 2.69
CA VAL A 27 1.66 -2.46 1.98
C VAL A 27 1.45 -2.54 0.47
N LEU A 28 2.01 -1.56 -0.24
CA LEU A 28 1.89 -1.51 -1.70
C LEU A 28 3.22 -1.86 -2.36
N GLN A 29 3.23 -2.95 -3.11
CA GLN A 29 4.44 -3.39 -3.80
C GLN A 29 4.36 -3.06 -5.30
N CYS A 30 5.11 -2.05 -5.71
CA CYS A 30 5.12 -1.65 -7.12
C CYS A 30 6.52 -1.80 -7.71
N GLU A 31 6.66 -1.43 -8.98
CA GLU A 31 7.94 -1.52 -9.67
C GLU A 31 8.20 -0.27 -10.50
N LEU A 32 9.48 0.00 -10.75
CA LEU A 32 9.86 1.17 -11.54
C LEU A 32 10.67 0.75 -12.77
N SER A 33 10.63 1.59 -13.81
CA SER A 33 11.36 1.30 -15.04
C SER A 33 12.87 1.28 -14.79
N LYS A 34 13.31 2.08 -13.83
CA LYS A 34 14.73 2.15 -13.48
C LYS A 34 14.93 2.77 -12.11
N ALA A 35 15.92 2.28 -11.38
CA ALA A 35 16.21 2.77 -10.04
C ALA A 35 16.03 4.29 -9.96
N ALA A 36 15.14 4.73 -9.07
CA ALA A 36 14.88 6.15 -8.90
C ALA A 36 14.17 6.42 -7.57
N PRO A 37 14.36 7.63 -7.04
CA PRO A 37 13.76 8.04 -5.77
C PRO A 37 12.25 8.23 -5.89
N VAL A 38 11.54 7.95 -4.79
CA VAL A 38 10.08 8.08 -4.77
C VAL A 38 9.61 8.73 -3.48
N GLU A 39 8.31 8.87 -3.33
CA GLU A 39 7.72 9.47 -2.14
C GLU A 39 6.22 9.19 -2.06
N TRP A 40 5.81 8.46 -1.02
CA TRP A 40 4.41 8.12 -0.83
C TRP A 40 3.68 9.23 -0.10
N ARG A 41 2.43 9.47 -0.47
CA ARG A 41 1.62 10.51 0.15
C ARG A 41 0.13 10.17 0.06
N LYS A 42 -0.59 10.42 1.15
CA LYS A 42 -2.02 10.15 1.19
C LYS A 42 -2.83 11.41 0.91
N GLY A 43 -3.14 11.63 -0.37
CA GLY A 43 -3.91 12.80 -0.75
C GLY A 43 -3.07 14.06 -0.80
N SER A 44 -3.03 14.78 0.33
CA SER A 44 -2.27 16.02 0.42
C SER A 44 -1.32 15.98 1.63
N GLU A 45 -0.90 14.78 2.00
CA GLU A 45 0.01 14.61 3.14
C GLU A 45 1.13 13.65 2.80
N THR A 46 2.37 14.09 2.99
CA THR A 46 3.54 13.27 2.71
C THR A 46 3.92 12.42 3.91
N LEU A 47 4.10 11.13 3.69
CA LEU A 47 4.48 10.20 4.76
C LEU A 47 5.99 10.04 4.83
N ARG A 48 6.46 9.51 5.95
CA ARG A 48 7.90 9.30 6.16
C ARG A 48 8.14 8.11 7.07
N GLY A 49 8.79 7.08 6.53
CA GLY A 49 9.07 5.89 7.32
C GLY A 49 9.98 6.18 8.50
N GLY A 50 9.83 5.41 9.57
CA GLY A 50 10.64 5.61 10.75
C GLY A 50 9.86 5.39 12.03
N ASP A 51 8.55 5.60 11.97
CA ASP A 51 7.69 5.42 13.13
C ASP A 51 6.76 4.22 12.95
N ARG A 52 5.87 4.32 11.97
CA ARG A 52 4.93 3.24 11.69
C ARG A 52 5.09 2.73 10.27
N TYR A 53 5.42 3.63 9.35
CA TYR A 53 5.60 3.28 7.95
C TYR A 53 6.98 2.68 7.71
N SER A 54 7.00 1.47 7.16
CA SER A 54 8.26 0.78 6.88
C SER A 54 8.56 0.79 5.39
N LEU A 55 9.21 1.85 4.93
CA LEU A 55 9.57 1.98 3.52
C LEU A 55 10.80 1.16 3.19
N ARG A 56 10.72 0.38 2.12
CA ARG A 56 11.84 -0.46 1.70
C ARG A 56 12.00 -0.43 0.18
N GLN A 57 13.09 0.15 -0.29
CA GLN A 57 13.36 0.24 -1.72
C GLN A 57 14.51 -0.67 -2.11
N ASP A 58 14.21 -1.67 -2.96
CA ASP A 58 15.22 -2.61 -3.41
C ASP A 58 15.93 -2.07 -4.65
N GLY A 59 15.87 -0.77 -4.85
CA GLY A 59 16.51 -0.16 -6.00
C GLY A 59 15.51 0.34 -7.02
N THR A 60 14.75 -0.58 -7.62
CA THR A 60 13.76 -0.22 -8.62
C THR A 60 12.35 -0.44 -8.10
N ARG A 61 12.21 -1.39 -7.17
CA ARG A 61 10.90 -1.68 -6.58
C ARG A 61 10.67 -0.87 -5.32
N CYS A 62 9.41 -0.57 -5.03
CA CYS A 62 9.05 0.21 -3.85
C CYS A 62 8.14 -0.58 -2.92
N GLU A 63 8.24 -0.33 -1.63
CA GLU A 63 7.43 -1.02 -0.64
C GLU A 63 7.13 -0.12 0.56
N LEU A 64 5.87 0.23 0.73
CA LEU A 64 5.46 1.09 1.83
C LEU A 64 4.48 0.36 2.75
N GLN A 65 4.98 -0.12 3.88
CA GLN A 65 4.15 -0.83 4.84
C GLN A 65 3.57 0.13 5.88
N ILE A 66 2.53 -0.32 6.57
CA ILE A 66 1.89 0.50 7.59
C ILE A 66 1.66 -0.29 8.88
N HIS A 67 2.47 0.00 9.90
CA HIS A 67 2.36 -0.69 11.17
C HIS A 67 1.14 -0.21 11.95
N GLY A 68 0.15 -1.09 12.08
CA GLY A 68 -1.07 -0.74 12.79
C GLY A 68 -2.06 -0.03 11.91
N LEU A 69 -2.89 -0.79 11.22
CA LEU A 69 -3.91 -0.22 10.33
C LEU A 69 -5.09 0.31 11.13
N SER A 70 -5.97 1.05 10.46
CA SER A 70 -7.15 1.62 11.11
C SER A 70 -8.15 2.12 10.06
N VAL A 71 -9.40 2.29 10.49
CA VAL A 71 -10.45 2.75 9.61
C VAL A 71 -10.17 4.18 9.13
N ALA A 72 -9.45 4.94 9.94
CA ALA A 72 -9.12 6.32 9.61
C ALA A 72 -8.08 6.37 8.49
N ASP A 73 -7.06 5.53 8.59
CA ASP A 73 -6.00 5.47 7.59
C ASP A 73 -6.59 5.31 6.19
N THR A 74 -7.84 4.88 6.12
CA THR A 74 -8.52 4.68 4.85
C THR A 74 -8.44 5.93 3.98
N GLY A 75 -7.92 5.77 2.77
CA GLY A 75 -7.79 6.90 1.86
C GLY A 75 -7.20 6.50 0.52
N GLU A 76 -6.55 7.46 -0.14
CA GLU A 76 -5.94 7.19 -1.43
C GLU A 76 -4.46 7.56 -1.43
N TYR A 77 -3.60 6.55 -1.39
CA TYR A 77 -2.15 6.78 -1.37
C TYR A 77 -1.64 7.08 -2.77
N SER A 78 -0.58 7.88 -2.85
CA SER A 78 0.01 8.25 -4.13
C SER A 78 1.53 8.35 -4.02
N CYS A 79 2.23 7.54 -4.80
CA CYS A 79 3.69 7.54 -4.79
C CYS A 79 4.25 8.35 -5.95
N VAL A 80 4.92 9.44 -5.63
CA VAL A 80 5.50 10.31 -6.65
C VAL A 80 6.91 9.88 -7.00
N CYS A 81 7.09 9.37 -8.21
CA CYS A 81 8.40 8.91 -8.66
C CYS A 81 8.90 9.76 -9.83
N GLY A 82 9.85 10.65 -9.54
CA GLY A 82 10.39 11.52 -10.58
C GLY A 82 9.32 12.33 -11.27
N GLN A 83 8.82 11.82 -12.41
CA GLN A 83 7.79 12.51 -13.17
C GLN A 83 6.48 11.75 -13.11
N GLU A 84 6.57 10.43 -12.98
CA GLU A 84 5.37 9.59 -12.92
C GLU A 84 4.97 9.32 -11.46
N ARG A 85 3.67 9.18 -11.23
CA ARG A 85 3.16 8.93 -9.90
C ARG A 85 1.97 7.97 -9.93
N THR A 86 2.00 6.96 -9.07
CA THR A 86 0.94 5.97 -9.01
C THR A 86 -0.03 6.27 -7.87
N SER A 87 -1.24 5.74 -7.97
CA SER A 87 -2.26 5.96 -6.96
C SER A 87 -3.05 4.68 -6.68
N ALA A 88 -3.48 4.51 -5.44
CA ALA A 88 -4.24 3.33 -5.04
C ALA A 88 -5.22 3.65 -3.94
N THR A 89 -6.18 2.76 -3.72
CA THR A 89 -7.20 2.95 -2.69
C THR A 89 -7.04 1.92 -1.57
N LEU A 90 -6.91 2.41 -0.34
CA LEU A 90 -6.76 1.53 0.81
C LEU A 90 -8.04 1.49 1.64
N THR A 91 -8.70 0.33 1.64
CA THR A 91 -9.94 0.16 2.40
C THR A 91 -9.69 -0.60 3.70
N VAL A 92 -9.79 0.11 4.82
CA VAL A 92 -9.58 -0.51 6.12
C VAL A 92 -10.91 -0.78 6.82
N ARG A 93 -11.40 -2.01 6.67
CA ARG A 93 -12.67 -2.40 7.28
C ARG A 93 -12.48 -2.72 8.76
N ALA A 94 -13.44 -2.30 9.58
CA ALA A 94 -13.38 -2.54 11.02
C ALA A 94 -13.13 -4.01 11.32
N LEU A 95 -12.69 -4.30 12.54
CA LEU A 95 -12.41 -5.66 12.96
C LEU A 95 -13.62 -6.57 12.72
N PRO A 96 -13.35 -7.85 12.43
CA PRO A 96 -14.41 -8.83 12.18
C PRO A 96 -15.19 -9.18 13.44
N ALA A 97 -16.49 -9.41 13.29
CA ALA A 97 -17.34 -9.76 14.42
C ALA A 97 -18.64 -10.40 13.95
N ARG A 98 -19.17 -11.32 14.75
CA ARG A 98 -20.40 -12.01 14.42
C ARG A 98 -21.00 -12.69 15.65
N PHE A 99 -22.32 -12.61 15.78
CA PHE A 99 -23.00 -13.22 16.92
C PHE A 99 -23.83 -14.43 16.47
N THR A 100 -23.83 -15.47 17.29
CA THR A 100 -24.59 -16.68 16.98
C THR A 100 -26.07 -16.51 17.28
N GLN A 101 -26.90 -16.60 16.26
CA GLN A 101 -28.34 -16.46 16.42
C GLN A 101 -28.96 -17.76 16.92
N ASP A 102 -28.77 -18.83 16.16
CA ASP A 102 -29.32 -20.13 16.53
C ASP A 102 -28.22 -21.06 17.05
N LEU A 103 -28.23 -21.33 18.35
CA LEU A 103 -27.24 -22.19 18.97
C LEU A 103 -27.12 -23.50 18.21
N LYS A 104 -28.23 -24.23 18.11
CA LYS A 104 -28.25 -25.51 17.41
C LYS A 104 -28.00 -25.32 15.92
N SER A 105 -27.58 -26.39 15.25
CA SER A 105 -27.29 -26.33 13.82
C SER A 105 -27.24 -27.74 13.23
N GLY A 106 -28.19 -28.05 12.35
CA GLY A 106 -28.23 -29.35 11.72
C GLY A 106 -28.42 -29.27 10.22
N PRO A 107 -28.43 -30.43 9.56
CA PRO A 107 -28.61 -30.52 8.10
C PRO A 107 -30.03 -30.15 7.68
N SER A 108 -30.13 -29.27 6.68
CA SER A 108 -31.43 -28.82 6.18
C SER A 108 -31.27 -28.10 4.85
N SER A 109 -32.40 -27.76 4.24
CA SER A 109 -32.40 -27.06 2.95
C SER A 109 -32.06 -25.58 3.14
N GLY A 110 -31.29 -25.04 2.22
CA GLY A 110 -30.90 -23.64 2.30
C GLY A 110 -29.65 -23.42 3.12
N GLY A 1 31.89 7.38 -19.31
CA GLY A 1 31.37 8.32 -20.28
C GLY A 1 29.91 8.05 -20.59
N SER A 2 29.14 9.14 -20.77
CA SER A 2 27.72 9.02 -21.06
C SER A 2 27.31 10.01 -22.16
N SER A 3 26.14 9.80 -22.73
CA SER A 3 25.63 10.67 -23.78
C SER A 3 24.42 11.47 -23.29
N GLY A 4 24.70 12.56 -22.57
CA GLY A 4 23.63 13.40 -22.06
C GLY A 4 22.78 12.67 -21.04
N SER A 5 22.51 13.33 -19.91
CA SER A 5 21.70 12.74 -18.85
C SER A 5 20.38 12.23 -19.41
N SER A 6 19.98 11.04 -18.96
CA SER A 6 18.73 10.43 -19.41
C SER A 6 17.55 10.89 -18.55
N GLY A 7 16.35 10.74 -19.09
CA GLY A 7 15.16 11.15 -18.36
C GLY A 7 14.97 10.36 -17.08
N PRO A 8 13.97 10.77 -16.27
CA PRO A 8 13.67 10.11 -15.00
C PRO A 8 13.06 8.72 -15.20
N ALA A 9 12.87 8.00 -14.10
CA ALA A 9 12.30 6.66 -14.16
C ALA A 9 10.77 6.73 -14.16
N ARG A 10 10.15 5.75 -14.80
CA ARG A 10 8.70 5.69 -14.89
C ARG A 10 8.16 4.48 -14.13
N PHE A 11 6.92 4.58 -13.66
CA PHE A 11 6.29 3.50 -12.92
C PHE A 11 5.74 2.43 -13.86
N ILE A 12 6.43 1.30 -13.94
CA ILE A 12 6.01 0.21 -14.81
C ILE A 12 4.95 -0.66 -14.14
N GLU A 13 4.92 -0.61 -12.81
CA GLU A 13 3.95 -1.39 -12.04
C GLU A 13 3.20 -0.50 -11.06
N ASP A 14 1.99 -0.09 -11.44
CA ASP A 14 1.17 0.77 -10.60
C ASP A 14 0.66 0.00 -9.38
N VAL A 15 0.81 0.60 -8.20
CA VAL A 15 0.36 -0.02 -6.96
C VAL A 15 -1.10 -0.43 -7.05
N LYS A 16 -1.38 -1.67 -6.67
CA LYS A 16 -2.75 -2.20 -6.69
C LYS A 16 -3.49 -1.86 -5.40
N ASN A 17 -4.81 -1.75 -5.49
CA ASN A 17 -5.62 -1.44 -4.32
C ASN A 17 -5.30 -2.38 -3.16
N GLN A 18 -5.50 -1.89 -1.95
CA GLN A 18 -5.22 -2.67 -0.75
C GLN A 18 -6.44 -2.70 0.18
N GLU A 19 -6.66 -3.84 0.82
CA GLU A 19 -7.78 -3.99 1.74
C GLU A 19 -7.45 -4.97 2.85
N ALA A 20 -7.63 -4.52 4.09
CA ALA A 20 -7.34 -5.36 5.25
C ALA A 20 -8.19 -4.95 6.45
N ARG A 21 -8.25 -5.81 7.46
CA ARG A 21 -9.03 -5.53 8.66
C ARG A 21 -8.18 -4.80 9.69
N GLU A 22 -8.82 -3.87 10.42
CA GLU A 22 -8.12 -3.10 11.43
C GLU A 22 -7.11 -3.96 12.18
N GLY A 23 -5.92 -3.40 12.41
CA GLY A 23 -4.87 -4.13 13.10
C GLY A 23 -3.87 -4.74 12.15
N ALA A 24 -4.31 -5.05 10.94
CA ALA A 24 -3.44 -5.64 9.93
C ALA A 24 -2.39 -4.64 9.45
N THR A 25 -1.58 -5.05 8.48
CA THR A 25 -0.54 -4.19 7.94
C THR A 25 -0.60 -4.16 6.41
N ALA A 26 -1.22 -3.12 5.87
CA ALA A 26 -1.35 -2.97 4.43
C ALA A 26 -0.05 -2.44 3.82
N VAL A 27 0.25 -2.90 2.61
CA VAL A 27 1.46 -2.47 1.91
C VAL A 27 1.26 -2.48 0.41
N LEU A 28 1.91 -1.54 -0.28
CA LEU A 28 1.80 -1.44 -1.73
C LEU A 28 3.16 -1.67 -2.39
N GLN A 29 3.25 -2.75 -3.17
CA GLN A 29 4.49 -3.08 -3.86
C GLN A 29 4.43 -2.65 -5.32
N CYS A 30 5.29 -1.71 -5.70
CA CYS A 30 5.34 -1.21 -7.07
C CYS A 30 6.70 -1.45 -7.68
N GLU A 31 6.86 -1.04 -8.94
CA GLU A 31 8.13 -1.21 -9.65
C GLU A 31 8.48 0.04 -10.44
N LEU A 32 9.77 0.21 -10.73
CA LEU A 32 10.24 1.37 -11.48
C LEU A 32 11.15 0.94 -12.62
N SER A 33 11.04 1.63 -13.75
CA SER A 33 11.86 1.32 -14.92
C SER A 33 13.34 1.28 -14.55
N LYS A 34 13.70 2.02 -13.51
CA LYS A 34 15.09 2.07 -13.05
C LYS A 34 15.18 2.65 -11.64
N ALA A 35 16.24 2.31 -10.93
CA ALA A 35 16.44 2.80 -9.57
C ALA A 35 16.25 4.31 -9.50
N ALA A 36 15.30 4.74 -8.68
CA ALA A 36 15.01 6.16 -8.52
C ALA A 36 14.26 6.43 -7.23
N PRO A 37 14.48 7.62 -6.65
CA PRO A 37 13.82 8.02 -5.40
C PRO A 37 12.33 8.28 -5.58
N VAL A 38 11.53 7.83 -4.62
CA VAL A 38 10.09 8.01 -4.68
C VAL A 38 9.54 8.52 -3.34
N GLU A 39 8.37 9.13 -3.39
CA GLU A 39 7.74 9.66 -2.18
C GLU A 39 6.26 9.26 -2.12
N TRP A 40 5.87 8.72 -0.97
CA TRP A 40 4.48 8.29 -0.78
C TRP A 40 3.67 9.38 -0.08
N ARG A 41 2.49 9.67 -0.61
CA ARG A 41 1.62 10.68 -0.04
C ARG A 41 0.17 10.23 -0.08
N LYS A 42 -0.53 10.41 1.05
CA LYS A 42 -1.94 10.02 1.15
C LYS A 42 -2.84 11.26 1.24
N GLY A 43 -3.21 11.79 0.08
CA GLY A 43 -4.07 12.96 0.04
C GLY A 43 -3.31 14.24 0.29
N SER A 44 -2.79 14.84 -0.78
CA SER A 44 -2.03 16.07 -0.67
C SER A 44 -1.25 16.13 0.64
N GLU A 45 -0.75 14.97 1.07
CA GLU A 45 0.02 14.87 2.30
C GLU A 45 1.21 13.93 2.14
N THR A 46 2.41 14.46 2.33
CA THR A 46 3.63 13.67 2.19
C THR A 46 3.83 12.77 3.41
N LEU A 47 4.09 11.49 3.16
CA LEU A 47 4.31 10.52 4.23
C LEU A 47 5.78 10.13 4.32
N ARG A 48 6.18 9.62 5.47
CA ARG A 48 7.55 9.20 5.69
C ARG A 48 7.61 7.97 6.60
N GLY A 49 8.71 7.22 6.49
CA GLY A 49 8.88 6.02 7.31
C GLY A 49 9.48 6.32 8.66
N GLY A 50 9.00 5.63 9.69
CA GLY A 50 9.51 5.84 11.03
C GLY A 50 9.33 4.63 11.91
N ASP A 51 8.31 4.68 12.78
CA ASP A 51 8.02 3.58 13.69
C ASP A 51 6.82 2.77 13.19
N ARG A 52 6.01 3.39 12.34
CA ARG A 52 4.82 2.72 11.81
C ARG A 52 5.01 2.38 10.34
N TYR A 53 5.16 3.40 9.50
CA TYR A 53 5.35 3.21 8.07
C TYR A 53 6.75 2.68 7.77
N SER A 54 6.81 1.52 7.14
CA SER A 54 8.09 0.90 6.79
C SER A 54 8.32 0.93 5.28
N LEU A 55 9.10 1.90 4.83
CA LEU A 55 9.40 2.04 3.42
C LEU A 55 10.69 1.32 3.06
N ARG A 56 10.63 0.50 2.02
CA ARG A 56 11.80 -0.25 1.57
C ARG A 56 11.86 -0.33 0.05
N GLN A 57 12.96 0.15 -0.52
CA GLN A 57 13.13 0.14 -1.97
C GLN A 57 14.30 -0.76 -2.38
N ASP A 58 13.98 -1.90 -2.96
CA ASP A 58 15.00 -2.85 -3.41
C ASP A 58 15.58 -2.43 -4.75
N GLY A 59 16.09 -1.20 -4.82
CA GLY A 59 16.67 -0.71 -6.05
C GLY A 59 15.63 -0.05 -6.95
N THR A 60 14.86 -0.88 -7.65
CA THR A 60 13.84 -0.37 -8.56
C THR A 60 12.43 -0.59 -7.98
N ARG A 61 12.31 -1.60 -7.13
CA ARG A 61 11.03 -1.93 -6.52
C ARG A 61 10.86 -1.20 -5.19
N CYS A 62 9.65 -0.71 -4.92
CA CYS A 62 9.38 0.01 -3.68
C CYS A 62 8.36 -0.75 -2.84
N GLU A 63 8.36 -0.48 -1.54
CA GLU A 63 7.43 -1.14 -0.62
C GLU A 63 7.12 -0.24 0.57
N LEU A 64 5.85 0.12 0.72
CA LEU A 64 5.42 0.97 1.81
C LEU A 64 4.44 0.24 2.72
N GLN A 65 4.92 -0.20 3.88
CA GLN A 65 4.08 -0.91 4.84
C GLN A 65 3.50 0.04 5.88
N ILE A 66 2.40 -0.37 6.48
CA ILE A 66 1.75 0.46 7.50
C ILE A 66 1.31 -0.38 8.69
N HIS A 67 2.03 -0.24 9.81
CA HIS A 67 1.71 -0.98 11.02
C HIS A 67 0.55 -0.33 11.77
N GLY A 68 -0.33 -1.17 12.31
CA GLY A 68 -1.48 -0.67 13.04
C GLY A 68 -2.53 -0.05 12.13
N LEU A 69 -3.07 -0.86 11.24
CA LEU A 69 -4.10 -0.38 10.30
C LEU A 69 -5.32 0.14 11.05
N SER A 70 -5.79 1.32 10.67
CA SER A 70 -6.95 1.92 11.30
C SER A 70 -7.89 2.51 10.25
N VAL A 71 -9.20 2.29 10.45
CA VAL A 71 -10.20 2.79 9.52
C VAL A 71 -9.90 4.22 9.11
N ALA A 72 -9.20 4.95 9.97
CA ALA A 72 -8.85 6.33 9.69
C ALA A 72 -7.79 6.42 8.59
N ASP A 73 -6.84 5.50 8.61
CA ASP A 73 -5.78 5.47 7.61
C ASP A 73 -6.35 5.27 6.22
N THR A 74 -7.63 4.91 6.16
CA THR A 74 -8.30 4.70 4.88
C THR A 74 -8.23 5.94 4.00
N GLY A 75 -7.74 5.77 2.78
CA GLY A 75 -7.62 6.88 1.86
C GLY A 75 -7.03 6.48 0.52
N GLU A 76 -6.37 7.43 -0.15
CA GLU A 76 -5.77 7.16 -1.44
C GLU A 76 -4.28 7.50 -1.43
N TYR A 77 -3.45 6.46 -1.39
CA TYR A 77 -2.00 6.65 -1.36
C TYR A 77 -1.45 6.84 -2.77
N SER A 78 -0.50 7.76 -2.92
CA SER A 78 0.10 8.05 -4.21
C SER A 78 1.62 8.18 -4.09
N CYS A 79 2.34 7.47 -4.95
CA CYS A 79 3.79 7.51 -4.94
C CYS A 79 4.33 8.33 -6.10
N VAL A 80 4.97 9.44 -5.80
CA VAL A 80 5.53 10.32 -6.82
C VAL A 80 6.98 9.95 -7.13
N CYS A 81 7.22 9.47 -8.35
CA CYS A 81 8.57 9.08 -8.76
C CYS A 81 9.05 9.96 -9.91
N GLY A 82 10.14 10.69 -9.68
CA GLY A 82 10.69 11.56 -10.70
C GLY A 82 9.61 12.34 -11.42
N GLN A 83 9.11 11.78 -12.52
CA GLN A 83 8.08 12.45 -13.31
C GLN A 83 6.76 11.69 -13.22
N GLU A 84 6.85 10.37 -13.11
CA GLU A 84 5.66 9.53 -13.01
C GLU A 84 5.08 9.56 -11.60
N ARG A 85 3.83 9.10 -11.47
CA ARG A 85 3.16 9.08 -10.18
C ARG A 85 1.97 8.13 -10.21
N THR A 86 1.98 7.14 -9.32
CA THR A 86 0.90 6.17 -9.24
C THR A 86 0.08 6.35 -7.96
N SER A 87 -1.15 5.85 -7.98
CA SER A 87 -2.02 5.96 -6.81
C SER A 87 -2.83 4.68 -6.62
N ALA A 88 -3.40 4.52 -5.43
CA ALA A 88 -4.20 3.34 -5.12
C ALA A 88 -5.25 3.65 -4.06
N THR A 89 -5.99 2.63 -3.65
CA THR A 89 -7.02 2.79 -2.63
C THR A 89 -6.88 1.77 -1.52
N LEU A 90 -6.75 2.25 -0.29
CA LEU A 90 -6.60 1.37 0.87
C LEU A 90 -7.88 1.35 1.70
N THR A 91 -8.56 0.21 1.70
CA THR A 91 -9.79 0.05 2.45
C THR A 91 -9.55 -0.71 3.75
N VAL A 92 -9.66 0.01 4.87
CA VAL A 92 -9.44 -0.61 6.19
C VAL A 92 -10.77 -0.78 6.92
N ARG A 93 -11.30 -2.00 6.90
CA ARG A 93 -12.56 -2.30 7.57
C ARG A 93 -12.36 -2.41 9.07
N ALA A 94 -13.46 -2.26 9.81
CA ALA A 94 -13.40 -2.35 11.27
C ALA A 94 -13.55 -3.79 11.74
N LEU A 95 -12.98 -4.09 12.91
CA LEU A 95 -13.05 -5.44 13.46
C LEU A 95 -14.44 -5.71 14.05
N PRO A 96 -14.85 -6.99 14.03
CA PRO A 96 -16.14 -7.41 14.55
C PRO A 96 -16.20 -7.33 16.08
N ALA A 97 -16.84 -6.28 16.59
CA ALA A 97 -16.97 -6.08 18.02
C ALA A 97 -17.25 -7.40 18.73
N ARG A 98 -18.37 -8.03 18.39
CA ARG A 98 -18.75 -9.29 19.00
C ARG A 98 -17.92 -10.44 18.43
N PHE A 99 -17.83 -11.52 19.19
CA PHE A 99 -17.06 -12.69 18.78
C PHE A 99 -17.63 -13.28 17.50
N THR A 100 -16.80 -14.04 16.78
CA THR A 100 -17.22 -14.67 15.54
C THR A 100 -16.91 -16.16 15.54
N GLN A 101 -17.95 -16.99 15.63
CA GLN A 101 -17.78 -18.43 15.64
C GLN A 101 -16.74 -18.85 16.66
N ASP A 102 -16.89 -18.34 17.88
CA ASP A 102 -15.95 -18.66 18.96
C ASP A 102 -16.56 -19.67 19.93
N LEU A 103 -16.37 -20.95 19.64
CA LEU A 103 -16.90 -22.02 20.47
C LEU A 103 -16.06 -23.29 20.35
N LYS A 104 -15.36 -23.64 21.42
CA LYS A 104 -14.52 -24.83 21.42
C LYS A 104 -14.82 -25.70 22.64
N SER A 105 -14.82 -27.02 22.44
CA SER A 105 -15.09 -27.95 23.52
C SER A 105 -14.53 -29.33 23.19
N GLY A 106 -13.94 -29.98 24.20
CA GLY A 106 -13.38 -31.30 24.00
C GLY A 106 -14.35 -32.41 24.30
N PRO A 107 -14.27 -33.52 23.55
CA PRO A 107 -15.15 -34.67 23.72
C PRO A 107 -14.88 -35.41 25.02
N SER A 108 -15.84 -36.22 25.45
CA SER A 108 -15.71 -36.98 26.69
C SER A 108 -16.55 -38.26 26.63
N SER A 109 -15.96 -39.37 27.02
CA SER A 109 -16.64 -40.66 27.01
C SER A 109 -16.15 -41.56 28.14
N GLY A 110 -16.80 -42.71 28.31
CA GLY A 110 -16.40 -43.63 29.35
C GLY A 110 -16.59 -43.06 30.75
N GLY A 1 22.29 19.41 -6.34
CA GLY A 1 22.69 19.46 -7.73
C GLY A 1 22.32 18.20 -8.50
N SER A 2 23.17 17.19 -8.40
CA SER A 2 22.94 15.92 -9.09
C SER A 2 22.33 16.16 -10.47
N SER A 3 22.87 17.15 -11.18
CA SER A 3 22.38 17.48 -12.51
C SER A 3 22.99 16.56 -13.56
N GLY A 4 22.58 16.75 -14.81
CA GLY A 4 23.10 15.92 -15.89
C GLY A 4 22.34 14.63 -16.05
N SER A 5 21.13 14.71 -16.61
CA SER A 5 20.30 13.54 -16.81
C SER A 5 19.48 13.67 -18.10
N SER A 6 19.35 12.57 -18.83
CA SER A 6 18.60 12.56 -20.08
C SER A 6 17.64 11.38 -20.13
N GLY A 7 16.99 11.11 -18.99
CA GLY A 7 16.04 10.01 -18.92
C GLY A 7 15.64 9.68 -17.49
N PRO A 8 14.55 10.30 -17.02
CA PRO A 8 14.05 10.09 -15.66
C PRO A 8 13.45 8.70 -15.49
N ALA A 9 12.98 8.41 -14.28
CA ALA A 9 12.39 7.11 -13.97
C ALA A 9 10.88 7.14 -14.21
N ARG A 10 10.29 5.95 -14.37
CA ARG A 10 8.85 5.84 -14.60
C ARG A 10 8.28 4.64 -13.85
N PHE A 11 6.99 4.72 -13.50
CA PHE A 11 6.33 3.64 -12.79
C PHE A 11 5.77 2.61 -13.76
N ILE A 12 6.55 1.56 -14.01
CA ILE A 12 6.15 0.50 -14.92
C ILE A 12 5.05 -0.36 -14.30
N GLU A 13 4.97 -0.33 -12.98
CA GLU A 13 3.97 -1.12 -12.26
C GLU A 13 3.23 -0.25 -11.24
N ASP A 14 1.97 0.03 -11.51
CA ASP A 14 1.15 0.84 -10.62
C ASP A 14 0.63 0.01 -9.46
N VAL A 15 0.76 0.54 -8.25
CA VAL A 15 0.29 -0.14 -7.06
C VAL A 15 -1.15 -0.60 -7.20
N LYS A 16 -1.46 -1.79 -6.70
CA LYS A 16 -2.81 -2.34 -6.78
C LYS A 16 -3.57 -2.09 -5.48
N ASN A 17 -4.89 -1.93 -5.60
CA ASN A 17 -5.72 -1.68 -4.43
C ASN A 17 -5.29 -2.54 -3.26
N GLN A 18 -5.43 -2.01 -2.05
CA GLN A 18 -5.05 -2.72 -0.84
C GLN A 18 -6.21 -2.77 0.15
N GLU A 19 -6.56 -3.98 0.60
CA GLU A 19 -7.65 -4.16 1.55
C GLU A 19 -7.18 -4.92 2.78
N ALA A 20 -7.63 -4.47 3.95
CA ALA A 20 -7.25 -5.12 5.20
C ALA A 20 -8.17 -4.68 6.34
N ARG A 21 -7.99 -5.29 7.51
CA ARG A 21 -8.80 -4.96 8.67
C ARG A 21 -7.95 -4.31 9.76
N GLU A 22 -8.59 -3.44 10.55
CA GLU A 22 -7.89 -2.75 11.62
C GLU A 22 -6.94 -3.68 12.36
N GLY A 23 -5.66 -3.31 12.41
CA GLY A 23 -4.68 -4.13 13.09
C GLY A 23 -3.72 -4.78 12.12
N ALA A 24 -4.12 -4.91 10.87
CA ALA A 24 -3.29 -5.52 9.85
C ALA A 24 -2.22 -4.56 9.36
N THR A 25 -1.46 -4.97 8.34
CA THR A 25 -0.40 -4.14 7.79
C THR A 25 -0.47 -4.12 6.27
N ALA A 26 -1.20 -3.15 5.74
CA ALA A 26 -1.35 -3.00 4.29
C ALA A 26 -0.08 -2.40 3.67
N VAL A 27 0.36 -3.00 2.57
CA VAL A 27 1.56 -2.54 1.88
C VAL A 27 1.36 -2.56 0.37
N LEU A 28 2.01 -1.62 -0.32
CA LEU A 28 1.91 -1.53 -1.78
C LEU A 28 3.26 -1.76 -2.43
N GLN A 29 3.36 -2.82 -3.22
CA GLN A 29 4.61 -3.14 -3.91
C GLN A 29 4.54 -2.75 -5.38
N CYS A 30 5.35 -1.78 -5.77
CA CYS A 30 5.38 -1.31 -7.15
C CYS A 30 6.74 -1.56 -7.78
N GLU A 31 6.90 -1.12 -9.03
CA GLU A 31 8.16 -1.29 -9.75
C GLU A 31 8.48 -0.06 -10.59
N LEU A 32 9.77 0.25 -10.72
CA LEU A 32 10.20 1.40 -11.49
C LEU A 32 11.04 0.96 -12.69
N SER A 33 10.95 1.71 -13.78
CA SER A 33 11.71 1.40 -14.98
C SER A 33 13.21 1.51 -14.74
N LYS A 34 13.58 2.16 -13.64
CA LYS A 34 14.98 2.34 -13.28
C LYS A 34 15.11 2.84 -11.85
N ALA A 35 16.25 2.54 -11.23
CA ALA A 35 16.50 2.97 -9.86
C ALA A 35 16.27 4.48 -9.71
N ALA A 36 15.28 4.83 -8.89
CA ALA A 36 14.96 6.23 -8.66
C ALA A 36 14.21 6.41 -7.35
N PRO A 37 14.36 7.59 -6.73
CA PRO A 37 13.68 7.91 -5.46
C PRO A 37 12.18 8.08 -5.63
N VAL A 38 11.44 7.92 -4.53
CA VAL A 38 9.99 8.06 -4.56
C VAL A 38 9.48 8.70 -3.28
N GLU A 39 8.17 8.95 -3.22
CA GLU A 39 7.56 9.56 -2.05
C GLU A 39 6.07 9.23 -1.99
N TRP A 40 5.67 8.53 -0.93
CA TRP A 40 4.28 8.15 -0.75
C TRP A 40 3.51 9.23 0.00
N ARG A 41 2.29 9.50 -0.44
CA ARG A 41 1.45 10.51 0.20
C ARG A 41 -0.01 10.08 0.21
N LYS A 42 -0.80 10.70 1.09
CA LYS A 42 -2.22 10.38 1.21
C LYS A 42 -3.06 11.65 1.12
N GLY A 43 -3.50 11.98 -0.10
CA GLY A 43 -4.31 13.16 -0.29
C GLY A 43 -3.48 14.42 -0.48
N SER A 44 -3.14 15.07 0.62
CA SER A 44 -2.36 16.30 0.57
C SER A 44 -1.25 16.28 1.63
N GLU A 45 -0.78 15.07 1.96
CA GLU A 45 0.27 14.91 2.95
C GLU A 45 1.49 14.22 2.35
N THR A 46 2.47 13.92 3.20
CA THR A 46 3.70 13.26 2.75
C THR A 46 4.21 12.29 3.80
N LEU A 47 4.02 10.99 3.55
CA LEU A 47 4.47 9.96 4.48
C LEU A 47 5.98 9.78 4.40
N ARG A 48 6.60 9.57 5.56
CA ARG A 48 8.05 9.38 5.62
C ARG A 48 8.41 8.25 6.58
N GLY A 49 8.97 7.17 6.05
CA GLY A 49 9.35 6.05 6.87
C GLY A 49 9.84 6.47 8.24
N GLY A 50 9.19 5.96 9.29
CA GLY A 50 9.58 6.30 10.64
C GLY A 50 8.68 5.66 11.68
N ASP A 51 7.81 6.47 12.28
CA ASP A 51 6.89 5.99 13.30
C ASP A 51 6.44 4.56 12.99
N ARG A 52 5.63 4.41 11.95
CA ARG A 52 5.14 3.09 11.54
C ARG A 52 5.56 2.77 10.12
N TYR A 53 5.28 3.68 9.20
CA TYR A 53 5.63 3.49 7.79
C TYR A 53 7.04 2.89 7.66
N SER A 54 7.11 1.69 7.11
CA SER A 54 8.38 1.00 6.93
C SER A 54 8.73 0.88 5.45
N LEU A 55 9.12 1.99 4.84
CA LEU A 55 9.48 2.02 3.43
C LEU A 55 10.73 1.19 3.17
N ARG A 56 10.67 0.31 2.18
CA ARG A 56 11.79 -0.54 1.84
C ARG A 56 11.96 -0.64 0.32
N GLN A 57 13.00 0.00 -0.20
CA GLN A 57 13.27 -0.02 -1.63
C GLN A 57 14.52 -0.83 -1.94
N ASP A 58 14.44 -1.66 -2.97
CA ASP A 58 15.56 -2.50 -3.38
C ASP A 58 15.99 -2.18 -4.81
N GLY A 59 16.18 -0.89 -5.09
CA GLY A 59 16.59 -0.47 -6.42
C GLY A 59 15.46 0.15 -7.20
N THR A 60 14.71 -0.67 -7.93
CA THR A 60 13.59 -0.19 -8.74
C THR A 60 12.26 -0.45 -8.03
N ARG A 61 12.16 -1.60 -7.38
CA ARG A 61 10.94 -1.97 -6.66
C ARG A 61 10.82 -1.20 -5.36
N CYS A 62 9.62 -0.70 -5.07
CA CYS A 62 9.37 0.06 -3.85
C CYS A 62 8.32 -0.63 -2.99
N GLU A 63 8.46 -0.49 -1.68
CA GLU A 63 7.52 -1.09 -0.74
C GLU A 63 7.18 -0.14 0.39
N LEU A 64 5.89 0.02 0.66
CA LEU A 64 5.42 0.91 1.71
C LEU A 64 4.45 0.19 2.65
N GLN A 65 4.97 -0.26 3.79
CA GLN A 65 4.14 -0.96 4.77
C GLN A 65 3.58 0.01 5.80
N ILE A 66 2.52 -0.42 6.49
CA ILE A 66 1.88 0.41 7.50
C ILE A 66 1.54 -0.40 8.74
N HIS A 67 2.32 -0.20 9.80
CA HIS A 67 2.10 -0.92 11.06
C HIS A 67 0.90 -0.34 11.81
N GLY A 68 -0.06 -1.21 12.14
CA GLY A 68 -1.24 -0.76 12.85
C GLY A 68 -2.22 -0.06 11.95
N LEU A 69 -3.00 -0.83 11.20
CA LEU A 69 -3.99 -0.27 10.29
C LEU A 69 -5.20 0.27 11.06
N SER A 70 -5.62 1.48 10.70
CA SER A 70 -6.75 2.11 11.36
C SER A 70 -7.76 2.63 10.33
N VAL A 71 -9.04 2.45 10.62
CA VAL A 71 -10.11 2.90 9.72
C VAL A 71 -9.83 4.30 9.20
N ALA A 72 -9.21 5.13 10.04
CA ALA A 72 -8.87 6.50 9.66
C ALA A 72 -7.90 6.52 8.49
N ASP A 73 -6.91 5.64 8.52
CA ASP A 73 -5.91 5.56 7.47
C ASP A 73 -6.58 5.43 6.10
N THR A 74 -7.78 4.86 6.10
CA THR A 74 -8.53 4.67 4.85
C THR A 74 -8.50 5.93 3.99
N GLY A 75 -8.06 5.77 2.75
CA GLY A 75 -8.00 6.90 1.84
C GLY A 75 -7.42 6.53 0.49
N GLU A 76 -6.70 7.47 -0.12
CA GLU A 76 -6.10 7.23 -1.43
C GLU A 76 -4.61 7.59 -1.41
N TYR A 77 -3.77 6.56 -1.39
CA TYR A 77 -2.32 6.76 -1.37
C TYR A 77 -1.79 7.02 -2.77
N SER A 78 -0.63 7.66 -2.84
CA SER A 78 -0.01 7.97 -4.12
C SER A 78 1.51 8.10 -3.97
N CYS A 79 2.24 7.43 -4.86
CA CYS A 79 3.70 7.46 -4.83
C CYS A 79 4.25 8.32 -5.97
N VAL A 80 4.93 9.39 -5.63
CA VAL A 80 5.52 10.29 -6.61
C VAL A 80 6.96 9.93 -6.90
N CYS A 81 7.24 9.50 -8.13
CA CYS A 81 8.59 9.13 -8.52
C CYS A 81 9.10 10.05 -9.63
N GLY A 82 9.92 11.02 -9.25
CA GLY A 82 10.47 11.95 -10.22
C GLY A 82 9.39 12.68 -11.00
N GLN A 83 9.04 12.13 -12.16
CA GLN A 83 8.01 12.73 -13.01
C GLN A 83 6.73 11.90 -12.98
N GLU A 84 6.88 10.58 -12.87
CA GLU A 84 5.74 9.68 -12.83
C GLU A 84 5.20 9.53 -11.40
N ARG A 85 3.95 9.10 -11.28
CA ARG A 85 3.32 8.92 -9.98
C ARG A 85 2.11 8.01 -10.09
N THR A 86 1.98 7.10 -9.12
CA THR A 86 0.86 6.16 -9.10
C THR A 86 -0.04 6.41 -7.91
N SER A 87 -1.27 5.90 -7.98
CA SER A 87 -2.24 6.07 -6.91
C SER A 87 -3.04 4.79 -6.68
N ALA A 88 -3.57 4.63 -5.48
CA ALA A 88 -4.36 3.45 -5.13
C ALA A 88 -5.34 3.75 -4.02
N THR A 89 -6.22 2.80 -3.74
CA THR A 89 -7.24 2.97 -2.70
C THR A 89 -7.08 1.91 -1.62
N LEU A 90 -6.86 2.35 -0.38
CA LEU A 90 -6.71 1.43 0.74
C LEU A 90 -7.96 1.41 1.60
N THR A 91 -8.61 0.25 1.64
CA THR A 91 -9.83 0.09 2.43
C THR A 91 -9.55 -0.62 3.75
N VAL A 92 -9.89 0.04 4.85
CA VAL A 92 -9.66 -0.52 6.18
C VAL A 92 -10.99 -0.77 6.90
N ARG A 93 -11.41 -2.03 6.94
CA ARG A 93 -12.66 -2.40 7.58
C ARG A 93 -12.45 -2.57 9.09
N ALA A 94 -13.36 -1.99 9.87
CA ALA A 94 -13.28 -2.07 11.33
C ALA A 94 -13.27 -3.52 11.79
N LEU A 95 -12.63 -3.77 12.92
CA LEU A 95 -12.54 -5.12 13.47
C LEU A 95 -13.92 -5.77 13.53
N PRO A 96 -13.96 -7.09 13.33
CA PRO A 96 -15.20 -7.87 13.36
C PRO A 96 -15.80 -7.96 14.75
N ALA A 97 -17.08 -7.64 14.87
CA ALA A 97 -17.76 -7.69 16.16
C ALA A 97 -19.04 -8.51 16.06
N ARG A 98 -19.34 -9.28 17.10
CA ARG A 98 -20.53 -10.11 17.14
C ARG A 98 -21.30 -9.91 18.44
N PHE A 99 -22.57 -10.29 18.44
CA PHE A 99 -23.42 -10.15 19.62
C PHE A 99 -23.58 -11.49 20.33
N THR A 100 -23.88 -12.53 19.56
CA THR A 100 -24.06 -13.87 20.11
C THR A 100 -23.09 -14.87 19.49
N GLN A 101 -22.97 -16.03 20.10
CA GLN A 101 -22.07 -17.08 19.61
C GLN A 101 -22.74 -17.88 18.50
N ASP A 102 -21.92 -18.50 17.66
CA ASP A 102 -22.43 -19.30 16.55
C ASP A 102 -22.52 -20.77 16.94
N LEU A 103 -23.66 -21.40 16.62
CA LEU A 103 -23.87 -22.81 16.95
C LEU A 103 -24.26 -23.60 15.69
N LYS A 104 -23.60 -23.30 14.58
CA LYS A 104 -23.88 -23.98 13.33
C LYS A 104 -23.41 -25.43 13.38
N SER A 105 -24.35 -26.35 13.21
CA SER A 105 -24.04 -27.78 13.23
C SER A 105 -24.11 -28.38 11.85
N GLY A 106 -25.30 -28.31 11.23
CA GLY A 106 -25.48 -28.85 9.90
C GLY A 106 -26.86 -29.44 9.71
N PRO A 107 -27.00 -30.31 8.70
CA PRO A 107 -28.28 -30.97 8.38
C PRO A 107 -28.69 -31.99 9.45
N SER A 108 -29.99 -32.06 9.72
CA SER A 108 -30.51 -32.99 10.72
C SER A 108 -30.58 -34.41 10.15
N SER A 109 -29.45 -35.12 10.21
CA SER A 109 -29.39 -36.48 9.71
C SER A 109 -29.12 -37.48 10.84
N GLY A 110 -29.91 -38.54 10.89
CA GLY A 110 -29.74 -39.55 11.91
C GLY A 110 -29.39 -40.91 11.36
N GLY A 1 7.35 9.37 -32.05
CA GLY A 1 6.58 9.88 -33.17
C GLY A 1 6.74 11.38 -33.34
N SER A 2 5.69 12.13 -33.06
CA SER A 2 5.72 13.57 -33.20
C SER A 2 6.78 14.18 -32.29
N SER A 3 6.67 13.92 -31.00
CA SER A 3 7.63 14.45 -30.02
C SER A 3 7.81 13.47 -28.86
N GLY A 4 8.91 13.62 -28.14
CA GLY A 4 9.19 12.76 -27.01
C GLY A 4 10.08 13.41 -25.97
N SER A 5 10.31 12.70 -24.87
CA SER A 5 11.15 13.23 -23.80
C SER A 5 11.49 12.13 -22.80
N SER A 6 12.71 12.17 -22.28
CA SER A 6 13.17 11.18 -21.31
C SER A 6 13.94 11.84 -20.18
N GLY A 7 14.12 11.10 -19.08
CA GLY A 7 14.84 11.63 -17.94
C GLY A 7 14.64 10.79 -16.69
N PRO A 8 13.68 11.18 -15.85
CA PRO A 8 13.38 10.47 -14.60
C PRO A 8 12.74 9.11 -14.86
N ALA A 9 12.75 8.26 -13.84
CA ALA A 9 12.17 6.92 -13.94
C ALA A 9 10.65 6.99 -14.03
N ARG A 10 10.05 5.93 -14.56
CA ARG A 10 8.60 5.87 -14.71
C ARG A 10 8.04 4.60 -14.06
N PHE A 11 6.85 4.70 -13.49
CA PHE A 11 6.22 3.56 -12.84
C PHE A 11 5.68 2.58 -13.87
N ILE A 12 6.39 1.47 -14.06
CA ILE A 12 5.98 0.45 -15.02
C ILE A 12 4.83 -0.38 -14.48
N GLU A 13 4.77 -0.51 -13.15
CA GLU A 13 3.71 -1.28 -12.51
C GLU A 13 3.10 -0.51 -11.35
N ASP A 14 2.04 0.25 -11.65
CA ASP A 14 1.36 1.04 -10.63
C ASP A 14 0.78 0.15 -9.54
N VAL A 15 0.92 0.59 -8.29
CA VAL A 15 0.42 -0.18 -7.15
C VAL A 15 -1.02 -0.62 -7.39
N LYS A 16 -1.41 -1.73 -6.76
CA LYS A 16 -2.75 -2.26 -6.89
C LYS A 16 -3.57 -2.00 -5.63
N ASN A 17 -4.89 -1.91 -5.80
CA ASN A 17 -5.79 -1.66 -4.68
C ASN A 17 -5.39 -2.52 -3.48
N GLN A 18 -5.66 -2.00 -2.28
CA GLN A 18 -5.34 -2.71 -1.05
C GLN A 18 -6.56 -2.84 -0.15
N GLU A 19 -6.61 -3.91 0.63
CA GLU A 19 -7.74 -4.15 1.53
C GLU A 19 -7.32 -5.04 2.70
N ALA A 20 -7.62 -4.61 3.91
CA ALA A 20 -7.28 -5.37 5.11
C ALA A 20 -8.17 -4.98 6.28
N ARG A 21 -7.97 -5.64 7.41
CA ARG A 21 -8.75 -5.35 8.61
C ARG A 21 -7.91 -4.64 9.66
N GLU A 22 -8.54 -3.74 10.41
CA GLU A 22 -7.84 -2.99 11.45
C GLU A 22 -6.86 -3.87 12.20
N GLY A 23 -5.61 -3.44 12.26
CA GLY A 23 -4.59 -4.20 12.96
C GLY A 23 -3.57 -4.80 12.00
N ALA A 24 -3.98 -5.06 10.77
CA ALA A 24 -3.10 -5.64 9.77
C ALA A 24 -2.09 -4.61 9.27
N THR A 25 -1.22 -5.03 8.35
CA THR A 25 -0.21 -4.15 7.79
C THR A 25 -0.33 -4.06 6.28
N ALA A 26 -1.09 -3.08 5.80
CA ALA A 26 -1.29 -2.88 4.38
C ALA A 26 -0.05 -2.29 3.73
N VAL A 27 0.43 -2.94 2.67
CA VAL A 27 1.61 -2.48 1.95
C VAL A 27 1.39 -2.51 0.45
N LEU A 28 1.98 -1.54 -0.25
CA LEU A 28 1.85 -1.46 -1.71
C LEU A 28 3.18 -1.75 -2.39
N GLN A 29 3.19 -2.79 -3.21
CA GLN A 29 4.41 -3.18 -3.92
C GLN A 29 4.33 -2.76 -5.39
N CYS A 30 5.22 -1.85 -5.79
CA CYS A 30 5.25 -1.36 -7.16
C CYS A 30 6.63 -1.56 -7.77
N GLU A 31 6.73 -1.33 -9.08
CA GLU A 31 7.99 -1.49 -9.79
C GLU A 31 8.29 -0.26 -10.64
N LEU A 32 9.57 0.13 -10.67
CA LEU A 32 9.99 1.29 -11.44
C LEU A 32 10.89 0.88 -12.60
N SER A 33 10.89 1.69 -13.66
CA SER A 33 11.70 1.40 -14.83
C SER A 33 13.18 1.30 -14.47
N LYS A 34 13.58 2.07 -13.46
CA LYS A 34 14.98 2.07 -13.01
C LYS A 34 15.08 2.65 -11.60
N ALA A 35 15.98 2.07 -10.79
CA ALA A 35 16.18 2.54 -9.43
C ALA A 35 16.07 4.06 -9.34
N ALA A 36 15.09 4.53 -8.58
CA ALA A 36 14.88 5.96 -8.41
C ALA A 36 14.13 6.26 -7.11
N PRO A 37 14.39 7.44 -6.53
CA PRO A 37 13.75 7.87 -5.29
C PRO A 37 12.26 8.18 -5.47
N VAL A 38 11.48 7.91 -4.44
CA VAL A 38 10.04 8.16 -4.49
C VAL A 38 9.54 8.77 -3.18
N GLU A 39 8.27 9.15 -3.16
CA GLU A 39 7.67 9.75 -1.97
C GLU A 39 6.17 9.46 -1.91
N TRP A 40 5.77 8.62 -0.97
CA TRP A 40 4.37 8.25 -0.81
C TRP A 40 3.60 9.37 -0.10
N ARG A 41 2.38 9.62 -0.58
CA ARG A 41 1.55 10.66 0.02
C ARG A 41 0.09 10.25 0.01
N LYS A 42 -0.63 10.60 1.08
CA LYS A 42 -2.04 10.26 1.20
C LYS A 42 -2.91 11.51 1.05
N GLY A 43 -3.35 11.77 -0.18
CA GLY A 43 -4.19 12.93 -0.44
C GLY A 43 -3.38 14.21 -0.59
N SER A 44 -3.10 14.86 0.54
CA SER A 44 -2.34 16.10 0.52
C SER A 44 -1.27 16.09 1.61
N GLU A 45 -0.73 14.91 1.90
CA GLU A 45 0.31 14.77 2.91
C GLU A 45 1.56 14.12 2.33
N THR A 46 2.52 13.83 3.20
CA THR A 46 3.77 13.21 2.77
C THR A 46 4.26 12.20 3.79
N LEU A 47 4.26 10.93 3.40
CA LEU A 47 4.71 9.85 4.29
C LEU A 47 6.20 9.58 4.10
N ARG A 48 6.96 9.76 5.18
CA ARG A 48 8.41 9.54 5.15
C ARG A 48 8.81 8.46 6.14
N GLY A 49 9.44 7.40 5.64
CA GLY A 49 9.87 6.32 6.49
C GLY A 49 10.33 6.80 7.85
N GLY A 50 9.75 6.24 8.91
CA GLY A 50 10.14 6.63 10.25
C GLY A 50 9.87 5.54 11.27
N ASP A 51 8.60 5.39 11.66
CA ASP A 51 8.21 4.37 12.63
C ASP A 51 7.08 3.52 12.10
N ARG A 52 5.90 4.12 11.93
CA ARG A 52 4.74 3.42 11.43
C ARG A 52 4.94 2.99 9.97
N TYR A 53 5.37 3.94 9.14
CA TYR A 53 5.60 3.66 7.73
C TYR A 53 6.97 3.04 7.51
N SER A 54 6.99 1.76 7.14
CA SER A 54 8.23 1.04 6.91
C SER A 54 8.51 0.91 5.42
N LEU A 55 9.18 1.91 4.86
CA LEU A 55 9.51 1.92 3.44
C LEU A 55 10.72 1.03 3.15
N ARG A 56 10.65 0.25 2.08
CA ARG A 56 11.73 -0.64 1.70
C ARG A 56 11.88 -0.70 0.19
N GLN A 57 12.97 -0.12 -0.31
CA GLN A 57 13.23 -0.10 -1.75
C GLN A 57 14.49 -0.90 -2.09
N ASP A 58 14.28 -2.05 -2.73
CA ASP A 58 15.40 -2.92 -3.11
C ASP A 58 15.94 -2.54 -4.48
N GLY A 59 16.01 -1.24 -4.75
CA GLY A 59 16.50 -0.77 -6.03
C GLY A 59 15.42 -0.14 -6.87
N THR A 60 14.74 -0.96 -7.68
CA THR A 60 13.68 -0.46 -8.55
C THR A 60 12.30 -0.73 -7.93
N ARG A 61 12.22 -1.78 -7.12
CA ARG A 61 10.96 -2.14 -6.47
C ARG A 61 10.78 -1.36 -5.16
N CYS A 62 9.58 -0.84 -4.95
CA CYS A 62 9.29 -0.07 -3.74
C CYS A 62 8.28 -0.81 -2.87
N GLU A 63 8.34 -0.55 -1.56
CA GLU A 63 7.44 -1.19 -0.62
C GLU A 63 7.15 -0.28 0.57
N LEU A 64 5.90 0.12 0.71
CA LEU A 64 5.49 0.99 1.81
C LEU A 64 4.49 0.29 2.72
N GLN A 65 4.97 -0.14 3.89
CA GLN A 65 4.11 -0.83 4.86
C GLN A 65 3.52 0.16 5.85
N ILE A 66 2.42 -0.24 6.49
CA ILE A 66 1.76 0.61 7.47
C ILE A 66 1.44 -0.17 8.75
N HIS A 67 2.24 0.04 9.78
CA HIS A 67 2.03 -0.63 11.06
C HIS A 67 0.81 -0.08 11.78
N GLY A 68 -0.10 -0.97 12.16
CA GLY A 68 -1.30 -0.55 12.86
C GLY A 68 -2.34 0.03 11.92
N LEU A 69 -3.01 -0.84 11.17
CA LEU A 69 -4.03 -0.40 10.21
C LEU A 69 -5.29 0.06 10.95
N SER A 70 -5.68 1.31 10.70
CA SER A 70 -6.86 1.88 11.33
C SER A 70 -7.88 2.30 10.29
N VAL A 71 -9.13 2.46 10.72
CA VAL A 71 -10.21 2.86 9.83
C VAL A 71 -9.92 4.21 9.18
N ALA A 72 -9.25 5.08 9.94
CA ALA A 72 -8.91 6.40 9.43
C ALA A 72 -7.93 6.32 8.26
N ASP A 73 -6.92 5.47 8.39
CA ASP A 73 -5.92 5.29 7.34
C ASP A 73 -6.59 5.21 5.97
N THR A 74 -7.81 4.69 5.95
CA THR A 74 -8.56 4.55 4.70
C THR A 74 -8.49 5.82 3.87
N GLY A 75 -8.07 5.68 2.62
CA GLY A 75 -7.97 6.83 1.74
C GLY A 75 -7.35 6.47 0.39
N GLU A 76 -6.68 7.45 -0.23
CA GLU A 76 -6.06 7.24 -1.52
C GLU A 76 -4.57 7.61 -1.47
N TYR A 77 -3.72 6.60 -1.44
CA TYR A 77 -2.27 6.82 -1.40
C TYR A 77 -1.70 7.03 -2.79
N SER A 78 -0.63 7.79 -2.89
CA SER A 78 0.01 8.07 -4.17
C SER A 78 1.52 8.24 -3.99
N CYS A 79 2.28 7.55 -4.82
CA CYS A 79 3.74 7.62 -4.76
C CYS A 79 4.29 8.45 -5.92
N VAL A 80 4.94 9.56 -5.60
CA VAL A 80 5.50 10.43 -6.62
C VAL A 80 6.97 10.09 -6.88
N CYS A 81 7.24 9.57 -8.08
CA CYS A 81 8.59 9.20 -8.46
C CYS A 81 9.10 10.06 -9.61
N GLY A 82 9.96 11.02 -9.30
CA GLY A 82 10.49 11.89 -10.32
C GLY A 82 9.41 12.65 -11.07
N GLN A 83 9.00 12.11 -12.21
CA GLN A 83 7.96 12.74 -13.02
C GLN A 83 6.67 11.94 -12.97
N GLU A 84 6.80 10.62 -12.86
CA GLU A 84 5.64 9.73 -12.80
C GLU A 84 5.16 9.56 -11.36
N ARG A 85 3.87 9.30 -11.20
CA ARG A 85 3.28 9.12 -9.88
C ARG A 85 2.10 8.16 -9.93
N THR A 86 2.13 7.14 -9.08
CA THR A 86 1.07 6.15 -9.04
C THR A 86 0.12 6.41 -7.87
N SER A 87 -1.08 5.84 -7.94
CA SER A 87 -2.08 6.02 -6.90
C SER A 87 -2.94 4.76 -6.76
N ALA A 88 -3.47 4.55 -5.55
CA ALA A 88 -4.30 3.39 -5.27
C ALA A 88 -5.29 3.68 -4.15
N THR A 89 -6.20 2.74 -3.91
CA THR A 89 -7.20 2.90 -2.87
C THR A 89 -7.05 1.82 -1.80
N LEU A 90 -6.89 2.25 -0.56
CA LEU A 90 -6.74 1.32 0.56
C LEU A 90 -7.95 1.37 1.48
N THR A 91 -8.66 0.25 1.57
CA THR A 91 -9.85 0.16 2.42
C THR A 91 -9.56 -0.63 3.69
N VAL A 92 -9.78 -0.01 4.83
CA VAL A 92 -9.56 -0.65 6.12
C VAL A 92 -10.88 -0.90 6.86
N ARG A 93 -11.21 -2.16 7.04
CA ARG A 93 -12.44 -2.54 7.73
C ARG A 93 -12.22 -2.63 9.23
N ALA A 94 -13.17 -2.12 10.00
CA ALA A 94 -13.07 -2.15 11.46
C ALA A 94 -13.04 -3.59 11.98
N LEU A 95 -12.33 -3.80 13.08
CA LEU A 95 -12.21 -5.12 13.68
C LEU A 95 -13.59 -5.76 13.84
N PRO A 96 -13.62 -7.11 13.81
CA PRO A 96 -14.86 -7.87 13.96
C PRO A 96 -15.43 -7.79 15.37
N ALA A 97 -16.53 -8.49 15.60
CA ALA A 97 -17.17 -8.50 16.91
C ALA A 97 -17.21 -9.91 17.49
N ARG A 98 -18.02 -10.78 16.89
CA ARG A 98 -18.14 -12.16 17.35
C ARG A 98 -17.87 -13.14 16.20
N PHE A 99 -16.88 -14.00 16.41
CA PHE A 99 -16.51 -14.99 15.40
C PHE A 99 -17.65 -15.97 15.16
N THR A 100 -17.76 -16.46 13.93
CA THR A 100 -18.81 -17.40 13.56
C THR A 100 -18.22 -18.67 12.97
N GLN A 101 -18.67 -19.82 13.47
CA GLN A 101 -18.19 -21.11 13.00
C GLN A 101 -18.20 -21.15 11.48
N ASP A 102 -17.54 -22.17 10.92
CA ASP A 102 -17.47 -22.33 9.47
C ASP A 102 -17.82 -23.76 9.07
N LEU A 103 -18.99 -23.94 8.48
CA LEU A 103 -19.44 -25.26 8.05
C LEU A 103 -20.56 -25.15 7.01
N LYS A 104 -20.33 -25.74 5.84
CA LYS A 104 -21.32 -25.70 4.77
C LYS A 104 -21.49 -27.09 4.14
N SER A 105 -22.57 -27.27 3.39
CA SER A 105 -22.86 -28.53 2.74
C SER A 105 -23.71 -28.33 1.50
N GLY A 106 -23.89 -29.40 0.73
CA GLY A 106 -24.68 -29.33 -0.48
C GLY A 106 -25.97 -30.11 -0.38
N PRO A 107 -27.05 -29.57 -0.97
CA PRO A 107 -28.37 -30.21 -0.96
C PRO A 107 -28.41 -31.47 -1.82
N SER A 108 -29.60 -32.06 -1.95
CA SER A 108 -29.76 -33.27 -2.74
C SER A 108 -31.24 -33.51 -3.07
N SER A 109 -31.49 -34.15 -4.21
CA SER A 109 -32.86 -34.43 -4.63
C SER A 109 -32.94 -35.79 -5.32
N GLY A 110 -33.84 -36.64 -4.82
CA GLY A 110 -34.00 -37.96 -5.39
C GLY A 110 -34.20 -39.03 -4.34
N GLY A 1 18.12 9.81 -33.68
CA GLY A 1 17.12 8.94 -34.26
C GLY A 1 15.71 9.28 -33.80
N SER A 2 14.72 8.73 -34.50
CA SER A 2 13.32 8.97 -34.17
C SER A 2 13.00 8.47 -32.77
N SER A 3 13.26 7.19 -32.53
CA SER A 3 13.00 6.59 -31.23
C SER A 3 14.30 6.29 -30.49
N GLY A 4 14.23 6.25 -29.16
CA GLY A 4 15.40 5.98 -28.36
C GLY A 4 15.25 6.47 -26.93
N SER A 5 15.30 7.79 -26.76
CA SER A 5 15.18 8.39 -25.44
C SER A 5 13.82 8.08 -24.82
N SER A 6 13.77 8.03 -23.49
CA SER A 6 12.53 7.74 -22.78
C SER A 6 12.24 8.79 -21.72
N GLY A 7 13.24 9.06 -20.87
CA GLY A 7 13.07 10.05 -19.83
C GLY A 7 13.44 9.50 -18.45
N PRO A 8 12.91 10.15 -17.40
CA PRO A 8 13.17 9.75 -16.02
C PRO A 8 12.49 8.43 -15.66
N ALA A 9 12.92 7.83 -14.55
CA ALA A 9 12.35 6.56 -14.11
C ALA A 9 10.83 6.61 -14.09
N ARG A 10 10.21 5.80 -14.93
CA ARG A 10 8.76 5.76 -15.01
C ARG A 10 8.20 4.52 -14.31
N PHE A 11 7.04 4.65 -13.71
CA PHE A 11 6.40 3.54 -12.99
C PHE A 11 5.92 2.48 -13.98
N ILE A 12 6.66 1.37 -14.06
CA ILE A 12 6.31 0.29 -14.96
C ILE A 12 5.18 -0.57 -14.38
N GLU A 13 5.05 -0.54 -13.05
CA GLU A 13 4.01 -1.31 -12.37
C GLU A 13 3.30 -0.46 -11.32
N ASP A 14 2.13 0.05 -11.68
CA ASP A 14 1.34 0.88 -10.78
C ASP A 14 0.78 0.05 -9.62
N VAL A 15 0.86 0.60 -8.41
CA VAL A 15 0.36 -0.09 -7.23
C VAL A 15 -1.10 -0.48 -7.40
N LYS A 16 -1.49 -1.61 -6.79
CA LYS A 16 -2.86 -2.10 -6.88
C LYS A 16 -3.59 -1.83 -5.58
N ASN A 17 -4.91 -1.60 -5.68
CA ASN A 17 -5.73 -1.34 -4.51
C ASN A 17 -5.33 -2.25 -3.35
N GLN A 18 -5.56 -1.77 -2.12
CA GLN A 18 -5.23 -2.55 -0.93
C GLN A 18 -6.44 -2.69 -0.02
N GLU A 19 -6.54 -3.84 0.63
CA GLU A 19 -7.66 -4.10 1.53
C GLU A 19 -7.22 -4.98 2.71
N ALA A 20 -7.52 -4.52 3.92
CA ALA A 20 -7.15 -5.26 5.12
C ALA A 20 -8.08 -4.92 6.28
N ARG A 21 -7.93 -5.64 7.39
CA ARG A 21 -8.76 -5.40 8.57
C ARG A 21 -7.95 -4.75 9.68
N GLU A 22 -8.59 -3.84 10.41
CA GLU A 22 -7.93 -3.14 11.51
C GLU A 22 -6.94 -4.05 12.22
N GLY A 23 -5.69 -3.61 12.30
CA GLY A 23 -4.66 -4.40 12.95
C GLY A 23 -3.65 -4.95 11.97
N ALA A 24 -4.09 -5.16 10.73
CA ALA A 24 -3.22 -5.70 9.70
C ALA A 24 -2.17 -4.68 9.27
N THR A 25 -1.38 -5.03 8.25
CA THR A 25 -0.35 -4.14 7.75
C THR A 25 -0.40 -4.04 6.23
N ALA A 26 -1.17 -3.08 5.74
CA ALA A 26 -1.30 -2.87 4.29
C ALA A 26 0.00 -2.33 3.70
N VAL A 27 0.36 -2.84 2.52
CA VAL A 27 1.57 -2.41 1.84
C VAL A 27 1.39 -2.43 0.32
N LEU A 28 1.92 -1.42 -0.34
CA LEU A 28 1.82 -1.31 -1.79
C LEU A 28 3.17 -1.63 -2.46
N GLN A 29 3.19 -2.69 -3.25
CA GLN A 29 4.40 -3.10 -3.95
C GLN A 29 4.35 -2.68 -5.42
N CYS A 30 5.28 -1.81 -5.81
CA CYS A 30 5.34 -1.33 -7.19
C CYS A 30 6.72 -1.57 -7.79
N GLU A 31 6.91 -1.13 -9.03
CA GLU A 31 8.20 -1.29 -9.71
C GLU A 31 8.47 -0.11 -10.63
N LEU A 32 9.75 0.21 -10.81
CA LEU A 32 10.15 1.31 -11.66
C LEU A 32 11.06 0.84 -12.78
N SER A 33 11.06 1.57 -13.90
CA SER A 33 11.88 1.21 -15.04
C SER A 33 13.36 1.41 -14.73
N LYS A 34 13.65 2.27 -13.75
CA LYS A 34 15.02 2.54 -13.35
C LYS A 34 15.10 2.84 -11.86
N ALA A 35 16.14 2.31 -11.21
CA ALA A 35 16.33 2.52 -9.78
C ALA A 35 16.32 4.01 -9.44
N ALA A 36 15.24 4.46 -8.82
CA ALA A 36 15.11 5.86 -8.44
C ALA A 36 14.24 6.01 -7.19
N PRO A 37 14.51 7.06 -6.41
CA PRO A 37 13.76 7.35 -5.18
C PRO A 37 12.33 7.80 -5.45
N VAL A 38 11.43 7.46 -4.53
CA VAL A 38 10.03 7.82 -4.67
C VAL A 38 9.52 8.54 -3.43
N GLU A 39 8.23 8.88 -3.44
CA GLU A 39 7.62 9.57 -2.31
C GLU A 39 6.13 9.24 -2.21
N TRP A 40 5.76 8.60 -1.12
CA TRP A 40 4.36 8.21 -0.90
C TRP A 40 3.60 9.32 -0.16
N ARG A 41 2.36 9.54 -0.55
CA ARG A 41 1.53 10.56 0.08
C ARG A 41 0.09 10.09 0.22
N LYS A 42 -0.60 10.59 1.24
CA LYS A 42 -1.99 10.22 1.49
C LYS A 42 -2.87 11.46 1.62
N GLY A 43 -3.33 11.98 0.48
CA GLY A 43 -4.17 13.15 0.49
C GLY A 43 -3.40 14.42 0.79
N SER A 44 -2.97 15.11 -0.27
CA SER A 44 -2.22 16.35 -0.11
C SER A 44 -1.35 16.30 1.14
N GLU A 45 -0.78 15.13 1.42
CA GLU A 45 0.07 14.95 2.59
C GLU A 45 1.21 13.97 2.30
N THR A 46 2.44 14.43 2.51
CA THR A 46 3.61 13.59 2.27
C THR A 46 3.97 12.78 3.50
N LEU A 47 4.12 11.47 3.33
CA LEU A 47 4.48 10.59 4.43
C LEU A 47 5.98 10.30 4.45
N ARG A 48 6.48 9.92 5.62
CA ARG A 48 7.91 9.61 5.77
C ARG A 48 8.11 8.45 6.73
N GLY A 49 8.69 7.37 6.21
CA GLY A 49 8.93 6.20 7.03
C GLY A 49 9.75 6.52 8.27
N GLY A 50 9.36 5.93 9.40
CA GLY A 50 10.08 6.17 10.64
C GLY A 50 9.24 5.83 11.86
N ASP A 51 7.96 6.17 11.81
CA ASP A 51 7.06 5.90 12.93
C ASP A 51 6.34 4.57 12.73
N ARG A 52 5.39 4.53 11.81
CA ARG A 52 4.63 3.32 11.54
C ARG A 52 4.86 2.86 10.11
N TYR A 53 5.16 3.80 9.22
CA TYR A 53 5.40 3.48 7.82
C TYR A 53 6.80 2.93 7.62
N SER A 54 6.88 1.67 7.20
CA SER A 54 8.17 1.02 6.97
C SER A 54 8.48 0.93 5.48
N LEU A 55 9.15 1.94 4.95
CA LEU A 55 9.52 1.98 3.54
C LEU A 55 10.75 1.13 3.27
N ARG A 56 10.68 0.31 2.23
CA ARG A 56 11.80 -0.56 1.86
C ARG A 56 11.92 -0.67 0.34
N GLN A 57 12.94 -0.04 -0.22
CA GLN A 57 13.16 -0.06 -1.66
C GLN A 57 14.46 -0.81 -1.99
N ASP A 58 14.35 -1.80 -2.88
CA ASP A 58 15.51 -2.59 -3.28
C ASP A 58 15.99 -2.17 -4.66
N GLY A 59 16.09 -0.87 -4.89
CA GLY A 59 16.53 -0.36 -6.17
C GLY A 59 15.39 0.16 -7.02
N THR A 60 14.79 -0.71 -7.81
CA THR A 60 13.68 -0.33 -8.67
C THR A 60 12.34 -0.64 -8.02
N ARG A 61 12.32 -1.69 -7.20
CA ARG A 61 11.10 -2.09 -6.51
C ARG A 61 10.92 -1.31 -5.22
N CYS A 62 9.69 -0.87 -4.96
CA CYS A 62 9.38 -0.10 -3.77
C CYS A 62 8.36 -0.83 -2.89
N GLU A 63 8.40 -0.55 -1.59
CA GLU A 63 7.47 -1.18 -0.66
C GLU A 63 7.20 -0.27 0.53
N LEU A 64 5.94 0.08 0.72
CA LEU A 64 5.54 0.95 1.83
C LEU A 64 4.49 0.27 2.70
N GLN A 65 4.91 -0.21 3.87
CA GLN A 65 4.01 -0.88 4.80
C GLN A 65 3.44 0.12 5.82
N ILE A 66 2.37 -0.28 6.49
CA ILE A 66 1.73 0.57 7.49
C ILE A 66 1.50 -0.19 8.79
N HIS A 67 2.37 0.06 9.77
CA HIS A 67 2.25 -0.60 11.06
C HIS A 67 1.02 -0.12 11.82
N GLY A 68 0.17 -1.07 12.23
CA GLY A 68 -1.04 -0.71 12.95
C GLY A 68 -2.08 -0.06 12.06
N LEU A 69 -2.85 -0.88 11.35
CA LEU A 69 -3.88 -0.37 10.45
C LEU A 69 -5.11 0.07 11.24
N SER A 70 -5.74 1.15 10.78
CA SER A 70 -6.93 1.66 11.44
C SER A 70 -7.97 2.12 10.42
N VAL A 71 -9.22 2.24 10.86
CA VAL A 71 -10.31 2.66 9.99
C VAL A 71 -10.08 4.08 9.47
N ALA A 72 -9.20 4.81 10.16
CA ALA A 72 -8.90 6.19 9.77
C ALA A 72 -7.86 6.22 8.64
N ASP A 73 -7.00 5.21 8.62
CA ASP A 73 -5.95 5.12 7.60
C ASP A 73 -6.57 5.06 6.20
N THR A 74 -7.82 4.61 6.13
CA THR A 74 -8.52 4.50 4.86
C THR A 74 -8.40 5.80 4.06
N GLY A 75 -7.94 5.69 2.81
CA GLY A 75 -7.79 6.86 1.97
C GLY A 75 -7.24 6.51 0.60
N GLU A 76 -6.50 7.46 0.01
CA GLU A 76 -5.91 7.24 -1.31
C GLU A 76 -4.43 7.57 -1.30
N TYR A 77 -3.60 6.53 -1.32
CA TYR A 77 -2.15 6.69 -1.30
C TYR A 77 -1.62 6.93 -2.72
N SER A 78 -0.56 7.72 -2.82
CA SER A 78 0.05 8.03 -4.11
C SER A 78 1.57 8.12 -3.99
N CYS A 79 2.26 7.47 -4.92
CA CYS A 79 3.73 7.47 -4.92
C CYS A 79 4.26 8.27 -6.10
N VAL A 80 4.88 9.41 -5.80
CA VAL A 80 5.44 10.27 -6.83
C VAL A 80 6.90 9.93 -7.09
N CYS A 81 7.19 9.42 -8.29
CA CYS A 81 8.56 9.06 -8.66
C CYS A 81 9.05 9.91 -9.82
N GLY A 82 9.91 10.87 -9.52
CA GLY A 82 10.45 11.74 -10.55
C GLY A 82 9.36 12.50 -11.28
N GLN A 83 8.99 12.00 -12.46
CA GLN A 83 7.96 12.64 -13.27
C GLN A 83 6.65 11.86 -13.19
N GLU A 84 6.76 10.54 -13.05
CA GLU A 84 5.58 9.68 -12.98
C GLU A 84 4.99 9.70 -11.57
N ARG A 85 3.76 9.20 -11.44
CA ARG A 85 3.08 9.17 -10.15
C ARG A 85 1.92 8.18 -10.18
N THR A 86 1.89 7.29 -9.19
CA THR A 86 0.83 6.29 -9.09
C THR A 86 -0.02 6.51 -7.85
N SER A 87 -1.22 5.94 -7.85
CA SER A 87 -2.13 6.06 -6.73
C SER A 87 -3.05 4.85 -6.63
N ALA A 88 -3.53 4.58 -5.41
CA ALA A 88 -4.42 3.44 -5.19
C ALA A 88 -5.46 3.76 -4.12
N THR A 89 -6.26 2.77 -3.76
CA THR A 89 -7.29 2.95 -2.75
C THR A 89 -7.19 1.89 -1.66
N LEU A 90 -6.86 2.32 -0.45
CA LEU A 90 -6.73 1.40 0.68
C LEU A 90 -7.98 1.44 1.56
N THR A 91 -8.65 0.29 1.67
CA THR A 91 -9.85 0.20 2.48
C THR A 91 -9.60 -0.61 3.75
N VAL A 92 -9.75 0.05 4.90
CA VAL A 92 -9.53 -0.61 6.19
C VAL A 92 -10.85 -0.80 6.93
N ARG A 93 -11.34 -2.04 6.95
CA ARG A 93 -12.59 -2.35 7.63
C ARG A 93 -12.35 -2.62 9.11
N ALA A 94 -13.35 -2.31 9.94
CA ALA A 94 -13.25 -2.53 11.37
C ALA A 94 -13.11 -4.01 11.71
N LEU A 95 -12.55 -4.30 12.87
CA LEU A 95 -12.36 -5.68 13.30
C LEU A 95 -13.67 -6.46 13.21
N PRO A 96 -13.55 -7.76 12.91
CA PRO A 96 -14.72 -8.65 12.80
C PRO A 96 -15.39 -8.92 14.14
N ALA A 97 -16.31 -8.05 14.52
CA ALA A 97 -17.02 -8.19 15.79
C ALA A 97 -18.18 -9.19 15.66
N ARG A 98 -18.03 -10.33 16.32
CA ARG A 98 -19.06 -11.37 16.28
C ARG A 98 -20.05 -11.19 17.42
N PHE A 99 -21.25 -10.72 17.09
CA PHE A 99 -22.30 -10.49 18.08
C PHE A 99 -23.23 -11.70 18.16
N THR A 100 -22.85 -12.68 18.96
CA THR A 100 -23.66 -13.88 19.13
C THR A 100 -23.09 -14.78 20.23
N GLN A 101 -23.92 -15.68 20.74
CA GLN A 101 -23.50 -16.60 21.79
C GLN A 101 -22.76 -17.79 21.21
N ASP A 102 -21.45 -17.65 21.02
CA ASP A 102 -20.64 -18.73 20.47
C ASP A 102 -21.08 -20.08 21.02
N LEU A 103 -20.81 -21.13 20.25
CA LEU A 103 -21.19 -22.49 20.65
C LEU A 103 -20.25 -23.52 20.02
N LYS A 104 -20.06 -24.63 20.73
CA LYS A 104 -19.20 -25.70 20.24
C LYS A 104 -19.79 -27.07 20.57
N SER A 105 -19.97 -27.89 19.54
CA SER A 105 -20.52 -29.23 19.72
C SER A 105 -19.43 -30.29 19.67
N GLY A 106 -19.72 -31.46 20.21
CA GLY A 106 -18.74 -32.54 20.21
C GLY A 106 -19.36 -33.88 19.84
N PRO A 107 -19.28 -34.24 18.56
CA PRO A 107 -19.82 -35.50 18.06
C PRO A 107 -19.03 -36.71 18.55
N SER A 108 -19.44 -37.90 18.10
CA SER A 108 -18.77 -39.13 18.49
C SER A 108 -18.77 -40.15 17.35
N SER A 109 -17.96 -41.19 17.50
CA SER A 109 -17.86 -42.23 16.47
C SER A 109 -17.41 -43.55 17.08
N GLY A 110 -17.77 -44.64 16.43
CA GLY A 110 -17.40 -45.96 16.92
C GLY A 110 -17.96 -46.25 18.30
N GLY A 1 10.65 0.71 -35.36
CA GLY A 1 11.11 2.08 -35.16
C GLY A 1 12.35 2.15 -34.29
N SER A 2 12.28 2.95 -33.23
CA SER A 2 13.41 3.11 -32.32
C SER A 2 12.94 3.50 -30.92
N SER A 3 13.24 2.65 -29.94
CA SER A 3 12.84 2.90 -28.56
C SER A 3 13.08 4.37 -28.20
N GLY A 4 11.99 5.13 -28.12
CA GLY A 4 12.10 6.54 -27.78
C GLY A 4 12.44 6.76 -26.32
N SER A 5 13.35 7.69 -26.05
CA SER A 5 13.77 7.98 -24.69
C SER A 5 12.82 8.98 -24.04
N SER A 6 12.68 8.88 -22.72
CA SER A 6 11.80 9.77 -21.96
C SER A 6 12.60 10.61 -20.97
N GLY A 7 13.45 9.95 -20.20
CA GLY A 7 14.26 10.65 -19.22
C GLY A 7 14.15 10.04 -17.83
N PRO A 8 13.22 10.56 -17.02
CA PRO A 8 13.00 10.07 -15.66
C PRO A 8 12.39 8.67 -15.63
N ALA A 9 12.45 8.03 -14.47
CA ALA A 9 11.89 6.69 -14.31
C ALA A 9 10.37 6.71 -14.32
N ARG A 10 9.77 5.75 -15.00
CA ARG A 10 8.31 5.66 -15.08
C ARG A 10 7.79 4.42 -14.34
N PHE A 11 6.65 4.58 -13.70
CA PHE A 11 6.04 3.47 -12.96
C PHE A 11 5.53 2.39 -13.90
N ILE A 12 6.34 1.36 -14.10
CA ILE A 12 5.97 0.26 -14.98
C ILE A 12 4.84 -0.57 -14.37
N GLU A 13 4.81 -0.65 -13.05
CA GLU A 13 3.79 -1.41 -12.35
C GLU A 13 3.15 -0.58 -11.24
N ASP A 14 2.02 0.04 -11.54
CA ASP A 14 1.31 0.87 -10.58
C ASP A 14 0.72 0.02 -9.46
N VAL A 15 0.89 0.48 -8.22
CA VAL A 15 0.38 -0.24 -7.06
C VAL A 15 -1.07 -0.66 -7.26
N LYS A 16 -1.46 -1.76 -6.63
CA LYS A 16 -2.82 -2.27 -6.74
C LYS A 16 -3.60 -2.00 -5.46
N ASN A 17 -4.88 -1.66 -5.61
CA ASN A 17 -5.74 -1.38 -4.46
C ASN A 17 -5.43 -2.33 -3.31
N GLN A 18 -5.54 -1.82 -2.09
CA GLN A 18 -5.28 -2.63 -0.90
C GLN A 18 -6.53 -2.74 -0.03
N GLU A 19 -6.67 -3.87 0.64
CA GLU A 19 -7.82 -4.11 1.51
C GLU A 19 -7.46 -5.07 2.64
N ALA A 20 -7.50 -4.57 3.87
CA ALA A 20 -7.18 -5.38 5.04
C ALA A 20 -7.88 -4.85 6.28
N ARG A 21 -8.28 -5.76 7.17
CA ARG A 21 -8.96 -5.38 8.40
C ARG A 21 -8.06 -4.49 9.27
N GLU A 22 -8.62 -3.99 10.36
CA GLU A 22 -7.87 -3.13 11.28
C GLU A 22 -6.75 -3.91 11.95
N GLY A 23 -5.66 -3.21 12.28
CA GLY A 23 -4.54 -3.85 12.93
C GLY A 23 -3.57 -4.48 11.95
N ALA A 24 -4.10 -4.98 10.85
CA ALA A 24 -3.26 -5.61 9.82
C ALA A 24 -2.16 -4.67 9.37
N THR A 25 -1.36 -5.11 8.40
CA THR A 25 -0.27 -4.32 7.88
C THR A 25 -0.34 -4.19 6.37
N ALA A 26 -1.13 -3.22 5.90
CA ALA A 26 -1.29 -2.99 4.47
C ALA A 26 -0.01 -2.44 3.85
N VAL A 27 0.36 -2.96 2.68
CA VAL A 27 1.56 -2.53 1.99
C VAL A 27 1.36 -2.56 0.48
N LEU A 28 1.95 -1.58 -0.21
CA LEU A 28 1.83 -1.49 -1.66
C LEU A 28 3.18 -1.76 -2.32
N GLN A 29 3.24 -2.85 -3.09
CA GLN A 29 4.48 -3.22 -3.78
C GLN A 29 4.38 -2.90 -5.27
N CYS A 30 5.16 -1.90 -5.70
CA CYS A 30 5.15 -1.50 -7.10
C CYS A 30 6.53 -1.68 -7.72
N GLU A 31 6.67 -1.29 -8.98
CA GLU A 31 7.94 -1.43 -9.69
C GLU A 31 8.18 -0.23 -10.59
N LEU A 32 9.45 0.14 -10.74
CA LEU A 32 9.82 1.27 -11.59
C LEU A 32 10.63 0.82 -12.79
N SER A 33 10.66 1.65 -13.83
CA SER A 33 11.40 1.33 -15.04
C SER A 33 12.90 1.24 -14.77
N LYS A 34 13.36 2.02 -13.79
CA LYS A 34 14.77 2.03 -13.42
C LYS A 34 14.96 2.63 -12.03
N ALA A 35 15.89 2.06 -11.27
CA ALA A 35 16.19 2.54 -9.93
C ALA A 35 16.05 4.06 -9.85
N ALA A 36 15.07 4.52 -9.10
CA ALA A 36 14.84 5.96 -8.94
C ALA A 36 14.13 6.26 -7.62
N PRO A 37 14.37 7.46 -7.08
CA PRO A 37 13.77 7.90 -5.82
C PRO A 37 12.27 8.15 -5.95
N VAL A 38 11.53 7.88 -4.87
CA VAL A 38 10.09 8.08 -4.88
C VAL A 38 9.63 8.74 -3.58
N GLU A 39 8.33 8.99 -3.47
CA GLU A 39 7.77 9.62 -2.29
C GLU A 39 6.27 9.33 -2.18
N TRP A 40 5.88 8.68 -1.09
CA TRP A 40 4.48 8.33 -0.86
C TRP A 40 3.75 9.46 -0.15
N ARG A 41 2.49 9.67 -0.51
CA ARG A 41 1.68 10.72 0.09
C ARG A 41 0.20 10.36 0.07
N LYS A 42 -0.48 10.59 1.18
CA LYS A 42 -1.90 10.29 1.29
C LYS A 42 -2.75 11.52 0.95
N GLY A 43 -3.12 11.64 -0.32
CA GLY A 43 -3.92 12.77 -0.74
C GLY A 43 -3.13 14.06 -0.83
N SER A 44 -3.16 14.84 0.25
CA SER A 44 -2.44 16.11 0.29
C SER A 44 -1.42 16.13 1.43
N GLU A 45 -0.97 14.94 1.82
CA GLU A 45 0.00 14.82 2.91
C GLU A 45 1.14 13.88 2.53
N THR A 46 2.36 14.29 2.80
CA THR A 46 3.54 13.49 2.48
C THR A 46 3.90 12.56 3.63
N LEU A 47 4.06 11.27 3.33
CA LEU A 47 4.40 10.28 4.34
C LEU A 47 5.92 10.16 4.48
N ARG A 48 6.36 9.63 5.63
CA ARG A 48 7.78 9.45 5.89
C ARG A 48 8.02 8.25 6.80
N GLY A 49 8.67 7.22 6.26
CA GLY A 49 8.95 6.03 7.03
C GLY A 49 9.85 6.31 8.23
N GLY A 50 9.51 5.72 9.36
CA GLY A 50 10.30 5.93 10.56
C GLY A 50 9.53 5.63 11.83
N ASP A 51 8.25 6.01 11.84
CA ASP A 51 7.39 5.78 13.00
C ASP A 51 6.55 4.52 12.81
N ARG A 52 5.62 4.57 11.88
CA ARG A 52 4.74 3.44 11.60
C ARG A 52 4.98 2.89 10.20
N TYR A 53 5.21 3.80 9.25
CA TYR A 53 5.45 3.41 7.87
C TYR A 53 6.88 2.88 7.69
N SER A 54 6.99 1.69 7.10
CA SER A 54 8.28 1.07 6.87
C SER A 54 8.59 0.97 5.38
N LEU A 55 9.16 2.04 4.84
CA LEU A 55 9.50 2.08 3.42
C LEU A 55 10.78 1.28 3.14
N ARG A 56 10.70 0.34 2.21
CA ARG A 56 11.84 -0.49 1.86
C ARG A 56 12.00 -0.58 0.35
N GLN A 57 13.01 0.12 -0.18
CA GLN A 57 13.26 0.13 -1.62
C GLN A 57 14.48 -0.74 -1.96
N ASP A 58 14.31 -1.63 -2.93
CA ASP A 58 15.39 -2.51 -3.35
C ASP A 58 15.89 -2.14 -4.75
N GLY A 59 15.93 -0.84 -5.03
CA GLY A 59 16.39 -0.38 -6.32
C GLY A 59 15.27 0.23 -7.15
N THR A 60 14.54 -0.61 -7.87
CA THR A 60 13.44 -0.14 -8.70
C THR A 60 12.10 -0.37 -8.01
N ARG A 61 11.97 -1.50 -7.33
CA ARG A 61 10.73 -1.84 -6.63
C ARG A 61 10.60 -1.03 -5.35
N CYS A 62 9.38 -0.57 -5.08
CA CYS A 62 9.12 0.22 -3.89
C CYS A 62 8.11 -0.48 -2.98
N GLU A 63 8.35 -0.43 -1.67
CA GLU A 63 7.47 -1.05 -0.70
C GLU A 63 7.17 -0.12 0.46
N LEU A 64 5.89 0.02 0.80
CA LEU A 64 5.47 0.90 1.88
C LEU A 64 4.47 0.19 2.79
N GLN A 65 4.95 -0.29 3.94
CA GLN A 65 4.09 -0.98 4.89
C GLN A 65 3.54 -0.02 5.93
N ILE A 66 2.39 -0.36 6.51
CA ILE A 66 1.76 0.47 7.51
C ILE A 66 1.51 -0.30 8.80
N HIS A 67 2.30 0.00 9.83
CA HIS A 67 2.17 -0.67 11.12
C HIS A 67 0.94 -0.15 11.87
N GLY A 68 0.07 -1.07 12.28
CA GLY A 68 -1.13 -0.69 13.01
C GLY A 68 -2.17 -0.05 12.12
N LEU A 69 -2.87 -0.87 11.34
CA LEU A 69 -3.90 -0.38 10.44
C LEU A 69 -5.10 0.16 11.22
N SER A 70 -5.62 1.30 10.78
CA SER A 70 -6.76 1.91 11.43
C SER A 70 -7.77 2.41 10.41
N VAL A 71 -9.05 2.17 10.68
CA VAL A 71 -10.13 2.60 9.78
C VAL A 71 -9.85 3.99 9.22
N ALA A 72 -9.26 4.84 10.05
CA ALA A 72 -8.95 6.21 9.65
C ALA A 72 -7.93 6.23 8.51
N ASP A 73 -6.93 5.36 8.61
CA ASP A 73 -5.89 5.27 7.58
C ASP A 73 -6.50 5.21 6.19
N THR A 74 -7.66 4.57 6.09
CA THR A 74 -8.35 4.43 4.81
C THR A 74 -8.24 5.72 3.99
N GLY A 75 -7.82 5.58 2.74
CA GLY A 75 -7.68 6.73 1.87
C GLY A 75 -7.08 6.38 0.53
N GLU A 76 -6.41 7.35 -0.10
CA GLU A 76 -5.79 7.13 -1.39
C GLU A 76 -4.32 7.52 -1.36
N TYR A 77 -3.45 6.52 -1.34
CA TYR A 77 -2.01 6.75 -1.32
C TYR A 77 -1.46 7.00 -2.72
N SER A 78 -0.51 7.92 -2.83
CA SER A 78 0.09 8.24 -4.12
C SER A 78 1.62 8.34 -3.99
N CYS A 79 2.31 7.60 -4.85
CA CYS A 79 3.77 7.60 -4.84
C CYS A 79 4.33 8.38 -6.03
N VAL A 80 4.96 9.51 -5.74
CA VAL A 80 5.53 10.36 -6.78
C VAL A 80 6.97 9.94 -7.10
N CYS A 81 7.19 9.47 -8.31
CA CYS A 81 8.52 9.04 -8.73
C CYS A 81 9.03 9.91 -9.88
N GLY A 82 9.90 10.87 -9.55
CA GLY A 82 10.45 11.75 -10.56
C GLY A 82 9.37 12.50 -11.32
N GLN A 83 8.98 11.97 -12.47
CA GLN A 83 7.97 12.59 -13.29
C GLN A 83 6.64 11.83 -13.19
N GLU A 84 6.73 10.51 -13.08
CA GLU A 84 5.55 9.67 -12.98
C GLU A 84 5.09 9.54 -11.53
N ARG A 85 3.88 9.04 -11.34
CA ARG A 85 3.32 8.86 -10.00
C ARG A 85 2.15 7.89 -10.02
N THR A 86 2.11 6.99 -9.04
CA THR A 86 1.05 6.00 -8.96
C THR A 86 0.11 6.32 -7.80
N SER A 87 -1.09 5.74 -7.85
CA SER A 87 -2.10 5.97 -6.81
C SER A 87 -3.00 4.75 -6.65
N ALA A 88 -3.42 4.49 -5.42
CA ALA A 88 -4.29 3.36 -5.14
C ALA A 88 -5.32 3.72 -4.07
N THR A 89 -6.15 2.74 -3.70
CA THR A 89 -7.18 2.94 -2.70
C THR A 89 -7.09 1.91 -1.59
N LEU A 90 -6.90 2.37 -0.36
CA LEU A 90 -6.79 1.48 0.78
C LEU A 90 -8.11 1.42 1.56
N THR A 91 -8.66 0.22 1.71
CA THR A 91 -9.90 0.03 2.42
C THR A 91 -9.70 -0.78 3.69
N VAL A 92 -9.74 -0.10 4.83
CA VAL A 92 -9.55 -0.76 6.12
C VAL A 92 -10.88 -0.93 6.85
N ARG A 93 -11.29 -2.18 7.02
CA ARG A 93 -12.55 -2.48 7.71
C ARG A 93 -12.32 -2.75 9.19
N ALA A 94 -13.25 -2.31 10.02
CA ALA A 94 -13.14 -2.51 11.46
C ALA A 94 -13.08 -3.99 11.81
N LEU A 95 -12.47 -4.30 12.95
CA LEU A 95 -12.34 -5.68 13.40
C LEU A 95 -13.70 -6.24 13.83
N PRO A 96 -13.87 -7.57 13.68
CA PRO A 96 -15.11 -8.25 14.06
C PRO A 96 -15.32 -8.29 15.57
N ALA A 97 -16.48 -7.83 16.01
CA ALA A 97 -16.80 -7.81 17.43
C ALA A 97 -16.96 -9.23 17.97
N ARG A 98 -17.96 -9.94 17.47
CA ARG A 98 -18.22 -11.31 17.90
C ARG A 98 -17.75 -12.31 16.85
N PHE A 99 -17.16 -13.41 17.32
CA PHE A 99 -16.65 -14.45 16.42
C PHE A 99 -17.71 -15.52 16.19
N THR A 100 -17.44 -16.42 15.24
CA THR A 100 -18.37 -17.50 14.92
C THR A 100 -17.63 -18.79 14.63
N GLN A 101 -17.98 -19.85 15.35
CA GLN A 101 -17.34 -21.15 15.17
C GLN A 101 -18.37 -22.20 14.77
N ASP A 102 -17.93 -23.15 13.94
CA ASP A 102 -18.82 -24.21 13.47
C ASP A 102 -18.69 -25.44 14.36
N LEU A 103 -19.76 -25.75 15.09
CA LEU A 103 -19.78 -26.90 15.99
C LEU A 103 -20.74 -27.97 15.48
N LYS A 104 -20.24 -28.83 14.58
CA LYS A 104 -21.04 -29.90 14.02
C LYS A 104 -20.17 -30.93 13.31
N SER A 105 -20.74 -32.09 13.03
CA SER A 105 -20.01 -33.16 12.36
C SER A 105 -20.63 -33.48 11.00
N GLY A 106 -19.94 -34.28 10.21
CA GLY A 106 -20.43 -34.65 8.90
C GLY A 106 -20.02 -36.05 8.50
N PRO A 107 -20.90 -36.73 7.73
CA PRO A 107 -20.64 -38.09 7.26
C PRO A 107 -19.53 -38.14 6.21
N SER A 108 -19.01 -39.34 5.96
CA SER A 108 -17.94 -39.52 4.98
C SER A 108 -18.28 -40.65 4.01
N SER A 109 -18.76 -40.27 2.83
CA SER A 109 -19.13 -41.24 1.80
C SER A 109 -18.69 -40.76 0.42
N GLY A 110 -18.70 -41.68 -0.54
CA GLY A 110 -18.32 -41.33 -1.90
C GLY A 110 -16.81 -41.36 -2.09
N GLY A 1 22.05 12.84 -34.01
CA GLY A 1 21.34 11.78 -33.32
C GLY A 1 20.44 12.31 -32.21
N SER A 2 19.33 11.62 -31.96
CA SER A 2 18.39 12.03 -30.94
C SER A 2 18.28 10.97 -29.85
N SER A 3 17.87 11.39 -28.65
CA SER A 3 17.73 10.47 -27.53
C SER A 3 16.30 9.99 -27.40
N GLY A 4 16.12 8.67 -27.39
CA GLY A 4 14.79 8.10 -27.27
C GLY A 4 14.16 8.36 -25.92
N SER A 5 13.59 7.32 -25.32
CA SER A 5 12.95 7.44 -24.02
C SER A 5 13.97 7.79 -22.95
N SER A 6 14.18 9.09 -22.74
CA SER A 6 15.12 9.57 -21.75
C SER A 6 14.42 10.38 -20.67
N GLY A 7 14.98 10.38 -19.47
CA GLY A 7 14.40 11.12 -18.37
C GLY A 7 14.37 10.33 -17.07
N PRO A 8 13.48 10.72 -16.15
CA PRO A 8 13.34 10.05 -14.85
C PRO A 8 12.73 8.66 -14.99
N ALA A 9 12.82 7.88 -13.91
CA ALA A 9 12.28 6.53 -13.91
C ALA A 9 10.75 6.55 -13.92
N ARG A 10 10.16 5.68 -14.75
CA ARG A 10 8.71 5.61 -14.85
C ARG A 10 8.17 4.38 -14.12
N PHE A 11 6.93 4.48 -13.63
CA PHE A 11 6.31 3.39 -12.90
C PHE A 11 5.78 2.33 -13.86
N ILE A 12 6.60 1.31 -14.12
CA ILE A 12 6.21 0.24 -15.02
C ILE A 12 5.09 -0.60 -14.43
N GLU A 13 4.98 -0.60 -13.10
CA GLU A 13 3.95 -1.36 -12.42
C GLU A 13 3.29 -0.51 -11.34
N ASP A 14 2.11 0.02 -11.66
CA ASP A 14 1.37 0.86 -10.71
C ASP A 14 0.82 0.02 -9.57
N VAL A 15 0.86 0.58 -8.36
CA VAL A 15 0.37 -0.11 -7.18
C VAL A 15 -1.08 -0.56 -7.36
N LYS A 16 -1.43 -1.67 -6.73
CA LYS A 16 -2.79 -2.21 -6.83
C LYS A 16 -3.56 -1.94 -5.54
N ASN A 17 -4.86 -1.67 -5.70
CA ASN A 17 -5.72 -1.39 -4.55
C ASN A 17 -5.46 -2.37 -3.42
N GLN A 18 -5.60 -1.91 -2.18
CA GLN A 18 -5.38 -2.74 -1.02
C GLN A 18 -6.62 -2.79 -0.14
N GLU A 19 -6.75 -3.85 0.65
CA GLU A 19 -7.90 -4.01 1.54
C GLU A 19 -7.58 -5.01 2.66
N ALA A 20 -7.74 -4.56 3.89
CA ALA A 20 -7.47 -5.41 5.05
C ALA A 20 -8.21 -4.90 6.28
N ARG A 21 -8.36 -5.76 7.27
CA ARG A 21 -9.05 -5.41 8.51
C ARG A 21 -8.11 -4.64 9.44
N GLU A 22 -8.70 -3.93 10.41
CA GLU A 22 -7.92 -3.15 11.36
C GLU A 22 -6.88 -4.02 12.06
N GLY A 23 -5.76 -3.42 12.42
CA GLY A 23 -4.70 -4.16 13.09
C GLY A 23 -3.72 -4.79 12.12
N ALA A 24 -4.17 -4.98 10.88
CA ALA A 24 -3.32 -5.56 9.85
C ALA A 24 -2.27 -4.58 9.36
N THR A 25 -1.50 -4.98 8.36
CA THR A 25 -0.46 -4.12 7.80
C THR A 25 -0.54 -4.06 6.28
N ALA A 26 -1.26 -3.07 5.76
CA ALA A 26 -1.41 -2.92 4.32
C ALA A 26 -0.15 -2.34 3.69
N VAL A 27 0.29 -2.94 2.59
CA VAL A 27 1.49 -2.49 1.89
C VAL A 27 1.28 -2.54 0.38
N LEU A 28 1.90 -1.59 -0.32
CA LEU A 28 1.80 -1.53 -1.78
C LEU A 28 3.14 -1.80 -2.43
N GLN A 29 3.21 -2.86 -3.22
CA GLN A 29 4.45 -3.23 -3.91
C GLN A 29 4.40 -2.79 -5.37
N CYS A 30 5.28 -1.87 -5.74
CA CYS A 30 5.35 -1.37 -7.11
C CYS A 30 6.74 -1.57 -7.70
N GLU A 31 6.89 -1.24 -8.97
CA GLU A 31 8.17 -1.38 -9.65
C GLU A 31 8.49 -0.13 -10.48
N LEU A 32 9.78 0.16 -10.62
CA LEU A 32 10.22 1.32 -11.38
C LEU A 32 11.08 0.89 -12.57
N SER A 33 11.07 1.71 -13.63
CA SER A 33 11.84 1.42 -14.82
C SER A 33 13.34 1.39 -14.51
N LYS A 34 13.74 2.12 -13.48
CA LYS A 34 15.15 2.18 -13.08
C LYS A 34 15.29 2.79 -11.69
N ALA A 35 16.25 2.29 -10.92
CA ALA A 35 16.50 2.79 -9.57
C ALA A 35 16.34 4.30 -9.52
N ALA A 36 15.42 4.76 -8.65
CA ALA A 36 15.19 6.19 -8.50
C ALA A 36 14.42 6.48 -7.20
N PRO A 37 14.66 7.66 -6.63
CA PRO A 37 14.01 8.08 -5.38
C PRO A 37 12.52 8.37 -5.58
N VAL A 38 11.71 7.89 -4.65
CA VAL A 38 10.27 8.09 -4.71
C VAL A 38 9.74 8.70 -3.42
N GLU A 39 8.45 9.02 -3.40
CA GLU A 39 7.82 9.61 -2.23
C GLU A 39 6.33 9.26 -2.17
N TRP A 40 5.90 8.72 -1.04
CA TRP A 40 4.49 8.35 -0.86
C TRP A 40 3.73 9.45 -0.12
N ARG A 41 2.48 9.65 -0.52
CA ARG A 41 1.64 10.67 0.10
C ARG A 41 0.19 10.21 0.17
N LYS A 42 -0.46 10.49 1.30
CA LYS A 42 -1.85 10.11 1.49
C LYS A 42 -2.75 11.34 1.63
N GLY A 43 -3.08 11.96 0.49
CA GLY A 43 -3.92 13.13 0.52
C GLY A 43 -3.17 14.38 0.95
N SER A 44 -2.73 15.17 -0.02
CA SER A 44 -1.99 16.39 0.28
C SER A 44 -1.13 16.22 1.53
N GLU A 45 -0.62 15.01 1.73
CA GLU A 45 0.21 14.71 2.88
C GLU A 45 1.35 13.76 2.51
N THR A 46 2.58 14.19 2.75
CA THR A 46 3.74 13.37 2.44
C THR A 46 4.12 12.48 3.61
N LEU A 47 4.37 11.20 3.32
CA LEU A 47 4.74 10.24 4.35
C LEU A 47 6.24 10.00 4.37
N ARG A 48 6.79 9.80 5.56
CA ARG A 48 8.23 9.55 5.70
C ARG A 48 8.49 8.36 6.62
N GLY A 49 9.32 7.44 6.16
CA GLY A 49 9.64 6.26 6.96
C GLY A 49 10.14 6.62 8.34
N GLY A 50 9.49 6.05 9.35
CA GLY A 50 9.89 6.32 10.72
C GLY A 50 9.62 5.15 11.65
N ASP A 51 8.37 5.03 12.10
CA ASP A 51 7.99 3.95 12.99
C ASP A 51 6.83 3.13 12.40
N ARG A 52 5.77 3.83 12.02
CA ARG A 52 4.60 3.18 11.44
C ARG A 52 4.83 2.83 9.97
N TYR A 53 5.18 3.84 9.18
CA TYR A 53 5.44 3.65 7.76
C TYR A 53 6.82 3.06 7.53
N SER A 54 6.87 1.82 7.06
CA SER A 54 8.12 1.14 6.80
C SER A 54 8.41 1.07 5.30
N LEU A 55 9.08 2.10 4.78
CA LEU A 55 9.41 2.14 3.36
C LEU A 55 10.70 1.38 3.07
N ARG A 56 10.65 0.50 2.09
CA ARG A 56 11.81 -0.30 1.71
C ARG A 56 11.91 -0.44 0.19
N GLN A 57 12.86 0.25 -0.42
CA GLN A 57 13.05 0.19 -1.86
C GLN A 57 14.20 -0.74 -2.22
N ASP A 58 13.88 -1.88 -2.79
CA ASP A 58 14.89 -2.86 -3.18
C ASP A 58 15.30 -2.65 -4.63
N GLY A 59 16.16 -1.66 -4.86
CA GLY A 59 16.63 -1.38 -6.20
C GLY A 59 15.62 -0.59 -7.01
N THR A 60 14.89 -1.28 -7.88
CA THR A 60 13.89 -0.63 -8.72
C THR A 60 12.49 -0.87 -8.17
N ARG A 61 12.39 -1.70 -7.14
CA ARG A 61 11.10 -2.01 -6.52
C ARG A 61 10.92 -1.22 -5.23
N CYS A 62 9.68 -0.81 -4.98
CA CYS A 62 9.37 -0.05 -3.77
C CYS A 62 8.35 -0.78 -2.91
N GLU A 63 8.36 -0.48 -1.61
CA GLU A 63 7.44 -1.11 -0.68
C GLU A 63 7.12 -0.19 0.49
N LEU A 64 5.83 0.10 0.67
CA LEU A 64 5.39 0.98 1.75
C LEU A 64 4.39 0.27 2.66
N GLN A 65 4.86 -0.16 3.83
CA GLN A 65 4.01 -0.86 4.79
C GLN A 65 3.40 0.13 5.79
N ILE A 66 2.35 -0.30 6.47
CA ILE A 66 1.68 0.54 7.45
C ILE A 66 1.37 -0.24 8.73
N HIS A 67 2.18 -0.02 9.75
CA HIS A 67 2.00 -0.71 11.03
C HIS A 67 0.85 -0.08 11.82
N GLY A 68 -0.19 -0.86 12.07
CA GLY A 68 -1.33 -0.36 12.82
C GLY A 68 -2.43 0.16 11.90
N LEU A 69 -3.07 -0.75 11.17
CA LEU A 69 -4.14 -0.37 10.26
C LEU A 69 -5.39 0.05 11.03
N SER A 70 -5.85 1.28 10.79
CA SER A 70 -7.03 1.79 11.47
C SER A 70 -8.04 2.32 10.46
N VAL A 71 -9.32 2.25 10.82
CA VAL A 71 -10.39 2.72 9.95
C VAL A 71 -10.14 4.15 9.49
N ALA A 72 -9.30 4.87 10.23
CA ALA A 72 -8.97 6.24 9.89
C ALA A 72 -7.87 6.31 8.84
N ASP A 73 -6.96 5.34 8.88
CA ASP A 73 -5.86 5.28 7.92
C ASP A 73 -6.39 5.17 6.49
N THR A 74 -7.66 4.80 6.36
CA THR A 74 -8.28 4.66 5.05
C THR A 74 -8.16 5.94 4.24
N GLY A 75 -7.57 5.84 3.06
CA GLY A 75 -7.40 6.99 2.20
C GLY A 75 -6.88 6.63 0.82
N GLU A 76 -6.18 7.57 0.20
CA GLU A 76 -5.61 7.34 -1.13
C GLU A 76 -4.12 7.64 -1.15
N TYR A 77 -3.31 6.58 -1.17
CA TYR A 77 -1.86 6.72 -1.19
C TYR A 77 -1.35 6.91 -2.61
N SER A 78 -0.40 7.82 -2.78
CA SER A 78 0.17 8.11 -4.09
C SER A 78 1.70 8.20 -4.01
N CYS A 79 2.37 7.47 -4.88
CA CYS A 79 3.84 7.46 -4.91
C CYS A 79 4.36 8.27 -6.10
N VAL A 80 4.97 9.41 -5.81
CA VAL A 80 5.51 10.27 -6.85
C VAL A 80 6.97 9.94 -7.14
N CYS A 81 7.22 9.43 -8.34
CA CYS A 81 8.58 9.06 -8.74
C CYS A 81 9.04 9.91 -9.92
N GLY A 82 9.90 10.89 -9.63
CA GLY A 82 10.42 11.76 -10.67
C GLY A 82 9.31 12.46 -11.43
N GLN A 83 8.93 11.90 -12.57
CA GLN A 83 7.87 12.49 -13.40
C GLN A 83 6.57 11.69 -13.26
N GLU A 84 6.70 10.38 -13.10
CA GLU A 84 5.55 9.50 -12.97
C GLU A 84 5.02 9.52 -11.53
N ARG A 85 3.79 9.05 -11.36
CA ARG A 85 3.17 9.01 -10.04
C ARG A 85 1.99 8.04 -10.02
N THR A 86 2.05 7.07 -9.12
CA THR A 86 0.99 6.07 -8.99
C THR A 86 0.13 6.34 -7.76
N SER A 87 -1.07 5.77 -7.76
CA SER A 87 -1.99 5.95 -6.64
C SER A 87 -2.92 4.74 -6.50
N ALA A 88 -3.44 4.54 -5.30
CA ALA A 88 -4.34 3.42 -5.03
C ALA A 88 -5.32 3.76 -3.91
N THR A 89 -6.19 2.81 -3.59
CA THR A 89 -7.18 3.01 -2.54
C THR A 89 -7.14 1.86 -1.53
N LEU A 90 -6.82 2.19 -0.28
CA LEU A 90 -6.74 1.19 0.77
C LEU A 90 -7.98 1.26 1.66
N THR A 91 -8.72 0.15 1.72
CA THR A 91 -9.92 0.08 2.54
C THR A 91 -9.67 -0.69 3.83
N VAL A 92 -9.75 0.01 4.95
CA VAL A 92 -9.53 -0.62 6.25
C VAL A 92 -10.85 -0.90 6.96
N ARG A 93 -11.19 -2.18 7.09
CA ARG A 93 -12.42 -2.60 7.74
C ARG A 93 -12.22 -2.74 9.25
N ALA A 94 -13.21 -2.28 10.01
CA ALA A 94 -13.14 -2.36 11.47
C ALA A 94 -13.04 -3.80 11.94
N LEU A 95 -12.48 -4.00 13.13
CA LEU A 95 -12.31 -5.33 13.69
C LEU A 95 -13.67 -5.96 14.01
N PRO A 96 -13.72 -7.30 13.99
CA PRO A 96 -14.95 -8.05 14.27
C PRO A 96 -15.36 -7.96 15.73
N ALA A 97 -16.54 -7.38 15.98
CA ALA A 97 -17.05 -7.24 17.33
C ALA A 97 -18.21 -8.21 17.59
N ARG A 98 -18.03 -9.44 17.15
CA ARG A 98 -19.06 -10.47 17.33
C ARG A 98 -19.04 -11.01 18.76
N PHE A 99 -19.81 -10.39 19.65
CA PHE A 99 -19.87 -10.81 21.04
C PHE A 99 -21.22 -11.44 21.35
N THR A 100 -21.27 -12.78 21.32
CA THR A 100 -22.49 -13.50 21.61
C THR A 100 -22.29 -14.52 22.73
N GLN A 101 -22.60 -14.13 23.95
CA GLN A 101 -22.44 -15.02 25.10
C GLN A 101 -21.15 -15.82 25.00
N ASP A 102 -20.06 -15.13 24.64
CA ASP A 102 -18.76 -15.77 24.51
C ASP A 102 -18.23 -16.21 25.87
N LEU A 103 -18.61 -17.42 26.29
CA LEU A 103 -18.18 -17.96 27.57
C LEU A 103 -17.62 -19.36 27.42
N LYS A 104 -16.37 -19.56 27.83
CA LYS A 104 -15.72 -20.86 27.73
C LYS A 104 -15.39 -21.40 29.12
N SER A 105 -15.77 -22.64 29.37
CA SER A 105 -15.52 -23.28 30.67
C SER A 105 -15.55 -24.80 30.54
N GLY A 106 -14.98 -25.48 31.52
CA GLY A 106 -14.96 -26.93 31.51
C GLY A 106 -16.32 -27.53 31.80
N PRO A 107 -16.76 -28.46 30.95
CA PRO A 107 -18.06 -29.13 31.10
C PRO A 107 -18.07 -30.09 32.29
N SER A 108 -19.03 -29.89 33.19
CA SER A 108 -19.16 -30.75 34.37
C SER A 108 -19.90 -32.03 34.05
N SER A 109 -19.97 -32.94 35.02
CA SER A 109 -20.65 -34.20 34.83
C SER A 109 -22.08 -34.14 35.38
N GLY A 110 -22.89 -35.13 35.02
CA GLY A 110 -24.26 -35.16 35.49
C GLY A 110 -24.58 -36.45 36.23
N GLY A 1 5.89 8.85 -30.87
CA GLY A 1 7.05 9.12 -31.72
C GLY A 1 8.16 8.11 -31.50
N SER A 2 9.40 8.58 -31.60
CA SER A 2 10.56 7.71 -31.42
C SER A 2 10.39 6.84 -30.18
N SER A 3 10.94 5.63 -30.24
CA SER A 3 10.85 4.68 -29.13
C SER A 3 12.11 4.74 -28.28
N GLY A 4 12.03 4.17 -27.09
CA GLY A 4 13.17 4.16 -26.19
C GLY A 4 12.84 4.69 -24.81
N SER A 5 13.75 4.49 -23.86
CA SER A 5 13.53 4.95 -22.49
C SER A 5 14.59 5.98 -22.09
N SER A 6 14.13 7.17 -21.72
CA SER A 6 15.04 8.24 -21.31
C SER A 6 14.35 9.19 -20.33
N GLY A 7 15.15 10.01 -19.66
CA GLY A 7 14.61 10.96 -18.69
C GLY A 7 14.48 10.36 -17.31
N PRO A 8 13.53 10.88 -16.53
CA PRO A 8 13.28 10.42 -15.15
C PRO A 8 12.67 9.02 -15.13
N ALA A 9 12.71 8.38 -13.95
CA ALA A 9 12.16 7.05 -13.79
C ALA A 9 10.64 7.06 -13.88
N ARG A 10 10.08 6.04 -14.53
CA ARG A 10 8.64 5.95 -14.69
C ARG A 10 8.08 4.75 -13.92
N PHE A 11 6.78 4.78 -13.63
CA PHE A 11 6.13 3.70 -12.90
C PHE A 11 5.59 2.65 -13.86
N ILE A 12 6.38 1.60 -14.07
CA ILE A 12 5.99 0.52 -14.97
C ILE A 12 4.84 -0.29 -14.38
N GLU A 13 4.74 -0.27 -13.06
CA GLU A 13 3.68 -1.01 -12.36
C GLU A 13 3.06 -0.16 -11.26
N ASP A 14 1.85 0.33 -11.51
CA ASP A 14 1.14 1.16 -10.55
C ASP A 14 0.58 0.31 -9.40
N VAL A 15 0.77 0.78 -8.18
CA VAL A 15 0.28 0.07 -7.00
C VAL A 15 -1.17 -0.36 -7.18
N LYS A 16 -1.48 -1.59 -6.76
CA LYS A 16 -2.82 -2.12 -6.88
C LYS A 16 -3.61 -1.88 -5.59
N ASN A 17 -4.89 -1.54 -5.73
CA ASN A 17 -5.74 -1.29 -4.58
C ASN A 17 -5.40 -2.23 -3.43
N GLN A 18 -5.63 -1.76 -2.20
CA GLN A 18 -5.34 -2.57 -1.02
C GLN A 18 -6.59 -2.75 -0.17
N GLU A 19 -6.62 -3.82 0.62
CA GLU A 19 -7.76 -4.12 1.48
C GLU A 19 -7.34 -4.98 2.66
N ALA A 20 -7.75 -4.57 3.86
CA ALA A 20 -7.42 -5.31 5.07
C ALA A 20 -8.29 -4.85 6.24
N ARG A 21 -8.29 -5.64 7.32
CA ARG A 21 -9.08 -5.32 8.49
C ARG A 21 -8.18 -4.77 9.61
N GLU A 22 -8.77 -3.93 10.47
CA GLU A 22 -8.02 -3.34 11.58
C GLU A 22 -7.04 -4.34 12.18
N GLY A 23 -5.86 -3.86 12.53
CA GLY A 23 -4.85 -4.74 13.11
C GLY A 23 -3.91 -5.31 12.06
N ALA A 24 -4.32 -5.25 10.80
CA ALA A 24 -3.50 -5.77 9.71
C ALA A 24 -2.44 -4.77 9.30
N THR A 25 -1.62 -5.16 8.33
CA THR A 25 -0.55 -4.29 7.84
C THR A 25 -0.59 -4.16 6.33
N ALA A 26 -1.38 -3.21 5.84
CA ALA A 26 -1.51 -2.98 4.40
C ALA A 26 -0.21 -2.45 3.81
N VAL A 27 0.13 -2.92 2.62
CA VAL A 27 1.35 -2.48 1.95
C VAL A 27 1.17 -2.47 0.44
N LEU A 28 1.83 -1.53 -0.22
CA LEU A 28 1.75 -1.40 -1.68
C LEU A 28 3.09 -1.72 -2.33
N GLN A 29 3.09 -2.72 -3.22
CA GLN A 29 4.31 -3.12 -3.91
C GLN A 29 4.27 -2.68 -5.37
N CYS A 30 5.11 -1.70 -5.70
CA CYS A 30 5.16 -1.19 -7.06
C CYS A 30 6.55 -1.40 -7.66
N GLU A 31 6.69 -1.07 -8.94
CA GLU A 31 7.97 -1.22 -9.63
C GLU A 31 8.26 -0.01 -10.53
N LEU A 32 9.54 0.31 -10.68
CA LEU A 32 9.94 1.44 -11.51
C LEU A 32 10.77 0.97 -12.71
N SER A 33 10.79 1.78 -13.76
CA SER A 33 11.54 1.45 -14.96
C SER A 33 13.04 1.55 -14.72
N LYS A 34 13.42 2.35 -13.73
CA LYS A 34 14.83 2.53 -13.38
C LYS A 34 14.99 2.95 -11.94
N ALA A 35 16.01 2.41 -11.28
CA ALA A 35 16.26 2.74 -9.88
C ALA A 35 16.23 4.24 -9.64
N ALA A 36 15.31 4.68 -8.80
CA ALA A 36 15.17 6.10 -8.49
C ALA A 36 14.36 6.31 -7.20
N PRO A 37 14.67 7.40 -6.49
CA PRO A 37 13.99 7.74 -5.24
C PRO A 37 12.55 8.17 -5.46
N VAL A 38 11.65 7.72 -4.58
CA VAL A 38 10.24 8.06 -4.69
C VAL A 38 9.74 8.71 -3.40
N GLU A 39 8.48 9.15 -3.42
CA GLU A 39 7.88 9.79 -2.26
C GLU A 39 6.38 9.52 -2.20
N TRP A 40 5.97 8.72 -1.22
CA TRP A 40 4.57 8.37 -1.04
C TRP A 40 3.79 9.52 -0.42
N ARG A 41 2.52 9.64 -0.76
CA ARG A 41 1.66 10.69 -0.23
C ARG A 41 0.24 10.19 -0.02
N LYS A 42 -0.43 10.76 0.97
CA LYS A 42 -1.81 10.37 1.28
C LYS A 42 -2.77 11.54 1.08
N GLY A 43 -3.12 11.80 -0.17
CA GLY A 43 -4.02 12.89 -0.48
C GLY A 43 -3.45 14.24 -0.10
N SER A 44 -2.86 14.92 -1.08
CA SER A 44 -2.26 16.23 -0.84
C SER A 44 -1.36 16.21 0.40
N GLU A 45 -0.81 15.03 0.70
CA GLU A 45 0.06 14.86 1.85
C GLU A 45 1.41 14.28 1.44
N THR A 46 2.25 13.98 2.43
CA THR A 46 3.56 13.41 2.17
C THR A 46 3.98 12.46 3.28
N LEU A 47 4.14 11.19 2.94
CA LEU A 47 4.54 10.17 3.91
C LEU A 47 6.03 9.90 3.82
N ARG A 48 6.56 9.20 4.82
CA ARG A 48 7.98 8.87 4.85
C ARG A 48 8.28 7.88 5.98
N GLY A 49 9.13 6.89 5.68
CA GLY A 49 9.48 5.90 6.69
C GLY A 49 9.92 6.53 7.99
N GLY A 50 9.41 6.01 9.10
CA GLY A 50 9.77 6.54 10.40
C GLY A 50 9.65 5.50 11.50
N ASP A 51 8.42 5.28 11.97
CA ASP A 51 8.17 4.31 13.03
C ASP A 51 7.10 3.32 12.61
N ARG A 52 5.96 3.83 12.18
CA ARG A 52 4.85 2.98 11.74
C ARG A 52 5.01 2.58 10.27
N TYR A 53 5.39 3.54 9.44
CA TYR A 53 5.58 3.30 8.02
C TYR A 53 6.96 2.73 7.74
N SER A 54 7.01 1.54 7.15
CA SER A 54 8.28 0.90 6.83
C SER A 54 8.53 0.91 5.33
N LEU A 55 9.27 1.90 4.86
CA LEU A 55 9.59 2.03 3.45
C LEU A 55 10.90 1.33 3.12
N ARG A 56 10.89 0.49 2.10
CA ARG A 56 12.07 -0.24 1.68
C ARG A 56 12.17 -0.30 0.16
N GLN A 57 13.15 0.43 -0.40
CA GLN A 57 13.35 0.46 -1.84
C GLN A 57 14.67 -0.20 -2.23
N ASP A 58 14.59 -1.33 -2.92
CA ASP A 58 15.78 -2.05 -3.35
C ASP A 58 16.14 -1.70 -4.79
N GLY A 59 16.00 -0.42 -5.14
CA GLY A 59 16.31 0.02 -6.49
C GLY A 59 15.08 0.49 -7.24
N THR A 60 14.55 -0.39 -8.10
CA THR A 60 13.37 -0.06 -8.89
C THR A 60 12.10 -0.55 -8.20
N ARG A 61 12.26 -1.38 -7.17
CA ARG A 61 11.12 -1.91 -6.44
C ARG A 61 10.91 -1.15 -5.13
N CYS A 62 9.66 -0.77 -4.88
CA CYS A 62 9.31 -0.02 -3.67
C CYS A 62 8.34 -0.82 -2.82
N GLU A 63 8.32 -0.51 -1.52
CA GLU A 63 7.43 -1.19 -0.59
C GLU A 63 7.09 -0.30 0.59
N LEU A 64 5.82 0.08 0.70
CA LEU A 64 5.36 0.94 1.79
C LEU A 64 4.41 0.18 2.72
N GLN A 65 4.94 -0.22 3.87
CA GLN A 65 4.14 -0.95 4.85
C GLN A 65 3.63 -0.01 5.94
N ILE A 66 2.55 -0.42 6.60
CA ILE A 66 1.95 0.38 7.67
C ILE A 66 1.63 -0.48 8.89
N HIS A 67 2.49 -0.41 9.89
CA HIS A 67 2.30 -1.18 11.11
C HIS A 67 1.09 -0.66 11.90
N GLY A 68 0.12 -1.54 12.12
CA GLY A 68 -1.07 -1.15 12.85
C GLY A 68 -2.08 -0.42 11.98
N LEU A 69 -2.90 -1.18 11.27
CA LEU A 69 -3.91 -0.61 10.39
C LEU A 69 -5.06 -0.02 11.19
N SER A 70 -5.61 1.09 10.70
CA SER A 70 -6.72 1.76 11.38
C SER A 70 -7.75 2.26 10.37
N VAL A 71 -9.02 2.05 10.69
CA VAL A 71 -10.10 2.49 9.81
C VAL A 71 -9.87 3.91 9.30
N ALA A 72 -9.27 4.74 10.14
CA ALA A 72 -8.99 6.12 9.78
C ALA A 72 -7.96 6.19 8.64
N ASP A 73 -6.93 5.37 8.73
CA ASP A 73 -5.88 5.34 7.72
C ASP A 73 -6.50 5.30 6.32
N THR A 74 -7.68 4.68 6.21
CA THR A 74 -8.36 4.57 4.93
C THR A 74 -8.24 5.87 4.13
N GLY A 75 -7.77 5.75 2.88
CA GLY A 75 -7.61 6.91 2.04
C GLY A 75 -7.08 6.56 0.66
N GLU A 76 -6.32 7.48 0.07
CA GLU A 76 -5.75 7.26 -1.25
C GLU A 76 -4.23 7.48 -1.23
N TYR A 77 -3.48 6.39 -1.27
CA TYR A 77 -2.03 6.45 -1.25
C TYR A 77 -1.47 6.55 -2.67
N SER A 78 -0.53 7.46 -2.86
CA SER A 78 0.09 7.67 -4.17
C SER A 78 1.60 7.86 -4.03
N CYS A 79 2.34 7.24 -4.93
CA CYS A 79 3.80 7.35 -4.92
C CYS A 79 4.30 8.21 -6.08
N VAL A 80 4.98 9.30 -5.75
CA VAL A 80 5.50 10.21 -6.77
C VAL A 80 6.97 9.91 -7.06
N CYS A 81 7.24 9.47 -8.28
CA CYS A 81 8.60 9.14 -8.70
C CYS A 81 9.05 10.05 -9.83
N GLY A 82 9.87 11.05 -9.49
CA GLY A 82 10.37 11.97 -10.48
C GLY A 82 9.25 12.72 -11.18
N GLN A 83 8.92 12.27 -12.39
CA GLN A 83 7.86 12.90 -13.18
C GLN A 83 6.58 12.08 -13.12
N GLU A 84 6.73 10.77 -12.98
CA GLU A 84 5.58 9.87 -12.92
C GLU A 84 5.08 9.73 -11.48
N ARG A 85 3.88 9.18 -11.34
CA ARG A 85 3.28 8.99 -10.02
C ARG A 85 2.12 8.02 -10.09
N THR A 86 2.01 7.16 -9.08
CA THR A 86 0.93 6.17 -9.02
C THR A 86 -0.01 6.45 -7.86
N SER A 87 -1.24 5.96 -7.97
CA SER A 87 -2.24 6.16 -6.93
C SER A 87 -3.02 4.87 -6.67
N ALA A 88 -3.50 4.72 -5.44
CA ALA A 88 -4.26 3.54 -5.05
C ALA A 88 -5.23 3.85 -3.93
N THR A 89 -6.04 2.87 -3.54
CA THR A 89 -7.01 3.03 -2.47
C THR A 89 -6.92 1.90 -1.46
N LEU A 90 -6.90 2.27 -0.18
CA LEU A 90 -6.81 1.28 0.89
C LEU A 90 -8.06 1.30 1.76
N THR A 91 -8.80 0.20 1.75
CA THR A 91 -10.02 0.09 2.54
C THR A 91 -9.79 -0.71 3.82
N VAL A 92 -9.82 -0.02 4.96
CA VAL A 92 -9.62 -0.66 6.25
C VAL A 92 -10.95 -0.87 6.99
N ARG A 93 -11.46 -2.10 6.94
CA ARG A 93 -12.72 -2.42 7.60
C ARG A 93 -12.50 -2.68 9.08
N ALA A 94 -13.39 -2.12 9.90
CA ALA A 94 -13.29 -2.29 11.35
C ALA A 94 -13.47 -3.75 11.74
N LEU A 95 -12.86 -4.13 12.87
CA LEU A 95 -12.95 -5.51 13.35
C LEU A 95 -14.40 -5.91 13.57
N PRO A 96 -14.67 -7.22 13.51
CA PRO A 96 -16.01 -7.78 13.70
C PRO A 96 -16.48 -7.64 15.15
N ALA A 97 -17.71 -8.11 15.41
CA ALA A 97 -18.26 -8.05 16.76
C ALA A 97 -18.32 -9.44 17.38
N ARG A 98 -19.02 -10.35 16.73
CA ARG A 98 -19.15 -11.72 17.23
C ARG A 98 -18.15 -12.65 16.54
N PHE A 99 -17.15 -13.09 17.29
CA PHE A 99 -16.13 -13.98 16.76
C PHE A 99 -16.74 -15.30 16.32
N THR A 100 -16.98 -15.43 15.01
CA THR A 100 -17.57 -16.66 14.47
C THR A 100 -16.53 -17.48 13.71
N GLN A 101 -16.63 -18.79 13.83
CA GLN A 101 -15.69 -19.69 13.15
C GLN A 101 -16.39 -20.95 12.67
N ASP A 102 -15.99 -21.44 11.51
CA ASP A 102 -16.57 -22.65 10.94
C ASP A 102 -15.71 -23.88 11.23
N LEU A 103 -16.25 -24.81 12.00
CA LEU A 103 -15.53 -26.02 12.36
C LEU A 103 -16.13 -27.24 11.67
N LYS A 104 -17.46 -27.35 11.76
CA LYS A 104 -18.17 -28.47 11.14
C LYS A 104 -17.50 -28.88 9.84
N SER A 105 -17.31 -30.19 9.66
CA SER A 105 -16.68 -30.72 8.46
C SER A 105 -17.68 -31.49 7.62
N GLY A 106 -17.54 -31.40 6.30
CA GLY A 106 -18.44 -32.10 5.41
C GLY A 106 -18.13 -33.57 5.30
N PRO A 107 -19.16 -34.39 5.05
CA PRO A 107 -19.01 -35.84 4.93
C PRO A 107 -18.28 -36.24 3.65
N SER A 108 -18.17 -35.30 2.71
CA SER A 108 -17.49 -35.55 1.45
C SER A 108 -18.14 -36.72 0.71
N SER A 109 -19.45 -36.86 0.87
CA SER A 109 -20.19 -37.93 0.23
C SER A 109 -21.04 -37.38 -0.92
N GLY A 110 -20.46 -37.35 -2.12
CA GLY A 110 -21.18 -36.84 -3.27
C GLY A 110 -21.60 -37.95 -4.22
N GLY A 1 18.44 12.69 -36.05
CA GLY A 1 18.28 13.72 -35.04
C GLY A 1 19.28 13.58 -33.90
N SER A 2 19.77 14.71 -33.42
CA SER A 2 20.75 14.71 -32.34
C SER A 2 20.22 13.94 -31.13
N SER A 3 21.13 13.42 -30.32
CA SER A 3 20.76 12.66 -29.13
C SER A 3 19.69 13.39 -28.33
N GLY A 4 18.53 12.76 -28.18
CA GLY A 4 17.45 13.36 -27.43
C GLY A 4 17.37 12.87 -26.00
N SER A 5 16.44 13.42 -25.23
CA SER A 5 16.28 13.03 -23.84
C SER A 5 15.60 11.67 -23.73
N SER A 6 15.76 11.01 -22.58
CA SER A 6 15.17 9.70 -22.35
C SER A 6 14.01 9.80 -21.38
N GLY A 7 14.28 10.37 -20.21
CA GLY A 7 13.25 10.51 -19.20
C GLY A 7 13.59 9.80 -17.91
N PRO A 8 13.10 10.33 -16.78
CA PRO A 8 13.35 9.76 -15.45
C PRO A 8 12.64 8.43 -15.25
N ALA A 9 13.05 7.69 -14.22
CA ALA A 9 12.44 6.40 -13.92
C ALA A 9 10.92 6.49 -13.89
N ARG A 10 10.26 5.72 -14.73
CA ARG A 10 8.80 5.71 -14.81
C ARG A 10 8.22 4.50 -14.08
N PHE A 11 6.96 4.60 -13.69
CA PHE A 11 6.29 3.52 -12.98
C PHE A 11 5.74 2.48 -13.97
N ILE A 12 6.53 1.44 -14.20
CA ILE A 12 6.13 0.38 -15.12
C ILE A 12 4.92 -0.38 -14.59
N GLU A 13 4.81 -0.47 -13.26
CA GLU A 13 3.70 -1.17 -12.62
C GLU A 13 3.08 -0.31 -11.53
N ASP A 14 1.82 0.08 -11.72
CA ASP A 14 1.12 0.89 -10.75
C ASP A 14 0.59 0.05 -9.60
N VAL A 15 0.69 0.56 -8.38
CA VAL A 15 0.23 -0.15 -7.20
C VAL A 15 -1.23 -0.55 -7.34
N LYS A 16 -1.55 -1.77 -6.91
CA LYS A 16 -2.91 -2.28 -6.99
C LYS A 16 -3.67 -1.98 -5.70
N ASN A 17 -4.99 -1.88 -5.81
CA ASN A 17 -5.83 -1.60 -4.65
C ASN A 17 -5.45 -2.48 -3.47
N GLN A 18 -5.77 -2.01 -2.27
CA GLN A 18 -5.45 -2.76 -1.05
C GLN A 18 -6.69 -2.92 -0.18
N GLU A 19 -6.66 -3.93 0.70
CA GLU A 19 -7.77 -4.20 1.58
C GLU A 19 -7.34 -5.07 2.76
N ALA A 20 -7.59 -4.58 3.97
CA ALA A 20 -7.22 -5.30 5.18
C ALA A 20 -8.11 -4.91 6.35
N ARG A 21 -8.05 -5.68 7.43
CA ARG A 21 -8.85 -5.41 8.62
C ARG A 21 -8.01 -4.75 9.71
N GLU A 22 -8.62 -3.83 10.44
CA GLU A 22 -7.93 -3.12 11.52
C GLU A 22 -6.98 -4.06 12.25
N GLY A 23 -5.71 -3.65 12.35
CA GLY A 23 -4.72 -4.45 13.03
C GLY A 23 -3.70 -5.05 12.08
N ALA A 24 -4.04 -5.09 10.80
CA ALA A 24 -3.15 -5.63 9.78
C ALA A 24 -2.14 -4.57 9.31
N THR A 25 -1.29 -4.95 8.37
CA THR A 25 -0.29 -4.03 7.83
C THR A 25 -0.38 -3.93 6.32
N ALA A 26 -1.15 -2.96 5.84
CA ALA A 26 -1.32 -2.75 4.41
C ALA A 26 -0.04 -2.23 3.78
N VAL A 27 0.30 -2.77 2.60
CA VAL A 27 1.51 -2.36 1.90
C VAL A 27 1.29 -2.40 0.39
N LEU A 28 1.87 -1.43 -0.31
CA LEU A 28 1.74 -1.35 -1.77
C LEU A 28 3.07 -1.68 -2.44
N GLN A 29 3.08 -2.73 -3.26
CA GLN A 29 4.28 -3.13 -3.98
C GLN A 29 4.23 -2.68 -5.43
N CYS A 30 5.18 -1.83 -5.80
CA CYS A 30 5.25 -1.31 -7.17
C CYS A 30 6.63 -1.50 -7.75
N GLU A 31 6.75 -1.36 -9.07
CA GLU A 31 8.02 -1.52 -9.75
C GLU A 31 8.29 -0.35 -10.69
N LEU A 32 9.55 0.06 -10.79
CA LEU A 32 9.94 1.16 -11.65
C LEU A 32 10.79 0.67 -12.82
N SER A 33 10.89 1.49 -13.86
CA SER A 33 11.67 1.14 -15.04
C SER A 33 13.17 1.28 -14.76
N LYS A 34 13.50 2.12 -13.77
CA LYS A 34 14.89 2.35 -13.41
C LYS A 34 15.01 2.64 -11.92
N ALA A 35 16.06 2.12 -11.29
CA ALA A 35 16.29 2.32 -9.87
C ALA A 35 16.28 3.81 -9.53
N ALA A 36 15.23 4.26 -8.86
CA ALA A 36 15.10 5.65 -8.48
C ALA A 36 14.23 5.80 -7.23
N PRO A 37 14.50 6.86 -6.45
CA PRO A 37 13.76 7.13 -5.21
C PRO A 37 12.33 7.59 -5.49
N VAL A 38 11.46 7.46 -4.49
CA VAL A 38 10.06 7.86 -4.63
C VAL A 38 9.57 8.56 -3.38
N GLU A 39 8.29 8.91 -3.37
CA GLU A 39 7.69 9.60 -2.23
C GLU A 39 6.20 9.29 -2.12
N TRP A 40 5.82 8.58 -1.06
CA TRP A 40 4.42 8.22 -0.85
C TRP A 40 3.68 9.33 -0.10
N ARG A 41 2.46 9.60 -0.52
CA ARG A 41 1.64 10.64 0.10
C ARG A 41 0.18 10.23 0.13
N LYS A 42 -0.50 10.53 1.24
CA LYS A 42 -1.90 10.20 1.40
C LYS A 42 -2.78 11.40 1.10
N GLY A 43 -3.16 11.55 -0.17
CA GLY A 43 -4.01 12.66 -0.58
C GLY A 43 -3.24 13.96 -0.66
N SER A 44 -3.31 14.75 0.41
CA SER A 44 -2.62 16.04 0.44
C SER A 44 -1.60 16.08 1.57
N GLU A 45 -1.10 14.90 1.95
CA GLU A 45 -0.11 14.79 3.02
C GLU A 45 1.04 13.88 2.59
N THR A 46 2.27 14.38 2.74
CA THR A 46 3.45 13.62 2.38
C THR A 46 3.95 12.78 3.54
N LEU A 47 4.06 11.48 3.32
CA LEU A 47 4.52 10.56 4.36
C LEU A 47 6.04 10.39 4.30
N ARG A 48 6.64 10.10 5.45
CA ARG A 48 8.09 9.91 5.52
C ARG A 48 8.43 8.77 6.48
N GLY A 49 9.03 7.72 5.94
CA GLY A 49 9.41 6.58 6.77
C GLY A 49 9.85 6.99 8.16
N GLY A 50 9.40 6.24 9.17
CA GLY A 50 9.76 6.55 10.54
C GLY A 50 9.54 5.38 11.47
N ASP A 51 8.33 5.25 11.99
CA ASP A 51 8.00 4.16 12.90
C ASP A 51 6.84 3.34 12.36
N ARG A 52 5.83 4.01 11.85
CA ARG A 52 4.66 3.34 11.29
C ARG A 52 4.89 2.95 9.84
N TYR A 53 5.21 3.93 9.01
CA TYR A 53 5.46 3.69 7.59
C TYR A 53 6.84 3.08 7.38
N SER A 54 6.86 1.81 7.01
CA SER A 54 8.13 1.11 6.76
C SER A 54 8.43 1.03 5.27
N LEU A 55 9.18 2.02 4.78
CA LEU A 55 9.55 2.06 3.37
C LEU A 55 10.80 1.24 3.11
N ARG A 56 10.72 0.33 2.14
CA ARG A 56 11.85 -0.53 1.79
C ARG A 56 11.95 -0.69 0.28
N GLN A 57 12.97 -0.07 -0.31
CA GLN A 57 13.19 -0.15 -1.74
C GLN A 57 14.46 -0.93 -2.07
N ASP A 58 14.36 -1.87 -2.99
CA ASP A 58 15.51 -2.67 -3.39
C ASP A 58 16.01 -2.26 -4.78
N GLY A 59 16.03 -0.97 -5.04
CA GLY A 59 16.48 -0.47 -6.33
C GLY A 59 15.33 0.01 -7.20
N THR A 60 14.75 -0.91 -7.96
CA THR A 60 13.64 -0.57 -8.85
C THR A 60 12.30 -0.97 -8.22
N ARG A 61 12.36 -1.63 -7.07
CA ARG A 61 11.16 -2.06 -6.38
C ARG A 61 10.95 -1.25 -5.10
N CYS A 62 9.71 -0.85 -4.87
CA CYS A 62 9.37 -0.07 -3.68
C CYS A 62 8.32 -0.79 -2.83
N GLU A 63 8.34 -0.52 -1.53
CA GLU A 63 7.39 -1.14 -0.61
C GLU A 63 7.10 -0.23 0.57
N LEU A 64 5.84 0.15 0.72
CA LEU A 64 5.43 1.03 1.81
C LEU A 64 4.40 0.34 2.71
N GLN A 65 4.87 -0.16 3.85
CA GLN A 65 3.99 -0.85 4.79
C GLN A 65 3.41 0.13 5.80
N ILE A 66 2.30 -0.25 6.43
CA ILE A 66 1.65 0.59 7.42
C ILE A 66 1.32 -0.20 8.68
N HIS A 67 2.11 0.02 9.73
CA HIS A 67 1.91 -0.67 11.00
C HIS A 67 0.72 -0.08 11.75
N GLY A 68 -0.20 -0.95 12.16
CA GLY A 68 -1.37 -0.50 12.89
C GLY A 68 -2.42 0.09 11.96
N LEU A 69 -3.11 -0.79 11.23
CA LEU A 69 -4.15 -0.34 10.30
C LEU A 69 -5.39 0.11 11.06
N SER A 70 -5.87 1.31 10.74
CA SER A 70 -7.05 1.86 11.39
C SER A 70 -8.07 2.36 10.36
N VAL A 71 -9.35 2.10 10.63
CA VAL A 71 -10.41 2.51 9.72
C VAL A 71 -10.22 3.96 9.27
N ALA A 72 -9.60 4.77 10.12
CA ALA A 72 -9.35 6.16 9.80
C ALA A 72 -8.28 6.30 8.73
N ASP A 73 -7.31 5.41 8.75
CA ASP A 73 -6.22 5.43 7.78
C ASP A 73 -6.77 5.35 6.36
N THR A 74 -7.91 4.70 6.20
CA THR A 74 -8.54 4.54 4.90
C THR A 74 -8.39 5.81 4.07
N GLY A 75 -7.84 5.67 2.87
CA GLY A 75 -7.66 6.82 1.99
C GLY A 75 -7.06 6.45 0.66
N GLU A 76 -6.41 7.40 0.01
CA GLU A 76 -5.80 7.16 -1.29
C GLU A 76 -4.34 7.58 -1.29
N TYR A 77 -3.44 6.59 -1.26
CA TYR A 77 -2.01 6.86 -1.25
C TYR A 77 -1.50 7.15 -2.66
N SER A 78 -0.42 7.91 -2.75
CA SER A 78 0.18 8.26 -4.04
C SER A 78 1.70 8.30 -3.95
N CYS A 79 2.35 7.52 -4.79
CA CYS A 79 3.80 7.46 -4.81
C CYS A 79 4.37 8.23 -6.00
N VAL A 80 4.99 9.37 -5.72
CA VAL A 80 5.56 10.21 -6.77
C VAL A 80 7.01 9.83 -7.03
N CYS A 81 7.28 9.34 -8.24
CA CYS A 81 8.63 8.94 -8.63
C CYS A 81 9.16 9.80 -9.77
N GLY A 82 10.00 10.77 -9.43
CA GLY A 82 10.56 11.65 -10.44
C GLY A 82 9.49 12.47 -11.15
N GLN A 83 9.04 11.98 -12.31
CA GLN A 83 8.02 12.67 -13.09
C GLN A 83 6.69 11.93 -13.02
N GLU A 84 6.76 10.61 -12.97
CA GLU A 84 5.56 9.78 -12.90
C GLU A 84 5.01 9.73 -11.48
N ARG A 85 3.75 9.31 -11.34
CA ARG A 85 3.11 9.23 -10.03
C ARG A 85 1.93 8.27 -10.08
N THR A 86 1.90 7.33 -9.13
CA THR A 86 0.83 6.35 -9.06
C THR A 86 0.09 6.44 -7.73
N SER A 87 -1.14 5.92 -7.71
CA SER A 87 -1.95 5.95 -6.49
C SER A 87 -2.96 4.81 -6.49
N ALA A 88 -3.48 4.49 -5.32
CA ALA A 88 -4.46 3.41 -5.18
C ALA A 88 -5.43 3.70 -4.04
N THR A 89 -6.33 2.75 -3.78
CA THR A 89 -7.31 2.91 -2.71
C THR A 89 -7.17 1.79 -1.67
N LEU A 90 -6.92 2.19 -0.43
CA LEU A 90 -6.76 1.22 0.66
C LEU A 90 -7.97 1.24 1.58
N THR A 91 -8.73 0.15 1.59
CA THR A 91 -9.92 0.04 2.43
C THR A 91 -9.61 -0.72 3.71
N VAL A 92 -9.80 -0.05 4.85
CA VAL A 92 -9.53 -0.66 6.15
C VAL A 92 -10.85 -0.99 6.86
N ARG A 93 -11.20 -2.27 6.88
CA ARG A 93 -12.43 -2.72 7.53
C ARG A 93 -12.22 -2.85 9.04
N ALA A 94 -13.16 -2.30 9.81
CA ALA A 94 -13.09 -2.34 11.25
C ALA A 94 -13.06 -3.79 11.75
N LEU A 95 -12.50 -3.99 12.94
CA LEU A 95 -12.42 -5.32 13.53
C LEU A 95 -13.80 -5.95 13.68
N PRO A 96 -13.85 -7.28 13.62
CA PRO A 96 -15.11 -8.03 13.75
C PRO A 96 -15.67 -7.97 15.17
N ALA A 97 -16.99 -8.12 15.28
CA ALA A 97 -17.65 -8.08 16.58
C ALA A 97 -17.42 -9.38 17.35
N ARG A 98 -17.22 -9.25 18.66
CA ARG A 98 -16.98 -10.40 19.51
C ARG A 98 -18.28 -10.98 20.03
N PHE A 99 -18.87 -11.90 19.28
CA PHE A 99 -20.13 -12.52 19.66
C PHE A 99 -20.17 -13.99 19.22
N THR A 100 -20.54 -14.86 20.14
CA THR A 100 -20.62 -16.29 19.84
C THR A 100 -21.97 -16.66 19.24
N GLN A 101 -22.49 -15.77 18.39
CA GLN A 101 -23.78 -16.01 17.75
C GLN A 101 -23.68 -17.12 16.72
N ASP A 102 -24.76 -17.88 16.58
CA ASP A 102 -24.80 -18.97 15.62
C ASP A 102 -25.88 -18.74 14.56
N LEU A 103 -25.48 -18.79 13.29
CA LEU A 103 -26.40 -18.58 12.19
C LEU A 103 -26.78 -19.91 11.54
N LYS A 104 -25.77 -20.72 11.24
CA LYS A 104 -25.99 -22.02 10.63
C LYS A 104 -26.04 -23.13 11.67
N SER A 105 -27.22 -23.69 11.87
CA SER A 105 -27.41 -24.76 12.85
C SER A 105 -27.31 -26.13 12.19
N GLY A 106 -26.25 -26.86 12.49
CA GLY A 106 -26.07 -28.19 11.91
C GLY A 106 -25.80 -28.13 10.42
N PRO A 107 -24.98 -29.06 9.92
CA PRO A 107 -24.62 -29.14 8.51
C PRO A 107 -25.80 -29.59 7.65
N SER A 108 -26.73 -30.32 8.24
CA SER A 108 -27.89 -30.82 7.53
C SER A 108 -29.00 -31.21 8.50
N SER A 109 -30.25 -31.10 8.05
CA SER A 109 -31.40 -31.44 8.87
C SER A 109 -32.65 -31.63 8.03
N GLY A 110 -33.59 -32.42 8.53
CA GLY A 110 -34.82 -32.68 7.80
C GLY A 110 -35.97 -32.99 8.72
N GLY A 1 16.81 19.22 -29.19
CA GLY A 1 16.91 18.37 -28.02
C GLY A 1 16.44 16.94 -28.30
N SER A 2 17.12 16.28 -29.23
CA SER A 2 16.77 14.91 -29.59
C SER A 2 17.04 13.95 -28.43
N SER A 3 16.15 12.97 -28.26
CA SER A 3 16.29 12.00 -27.19
C SER A 3 16.80 10.66 -27.72
N GLY A 4 17.29 9.82 -26.83
CA GLY A 4 17.80 8.52 -27.23
C GLY A 4 17.81 7.52 -26.09
N SER A 5 16.69 6.82 -25.90
CA SER A 5 16.57 5.83 -24.84
C SER A 5 16.92 6.45 -23.49
N SER A 6 16.46 7.67 -23.26
CA SER A 6 16.71 8.38 -22.01
C SER A 6 15.45 9.03 -21.48
N GLY A 7 15.45 9.33 -20.18
CA GLY A 7 14.29 9.95 -19.57
C GLY A 7 14.09 9.53 -18.13
N PRO A 8 13.11 10.14 -17.45
CA PRO A 8 12.81 9.84 -16.05
C PRO A 8 12.20 8.45 -15.88
N ALA A 9 12.18 7.96 -14.64
CA ALA A 9 11.63 6.66 -14.33
C ALA A 9 10.10 6.70 -14.27
N ARG A 10 9.46 5.73 -14.92
CA ARG A 10 8.01 5.67 -14.94
C ARG A 10 7.51 4.41 -14.22
N PHE A 11 6.36 4.53 -13.57
CA PHE A 11 5.78 3.40 -12.84
C PHE A 11 5.25 2.35 -13.80
N ILE A 12 5.85 1.17 -13.76
CA ILE A 12 5.44 0.07 -14.63
C ILE A 12 4.50 -0.88 -13.92
N GLU A 13 4.62 -0.94 -12.60
CA GLU A 13 3.78 -1.81 -11.78
C GLU A 13 2.96 -1.00 -10.77
N ASP A 14 2.34 0.07 -11.26
CA ASP A 14 1.53 0.92 -10.39
C ASP A 14 0.85 0.11 -9.31
N VAL A 15 0.92 0.62 -8.07
CA VAL A 15 0.31 -0.06 -6.94
C VAL A 15 -1.17 -0.34 -7.18
N LYS A 16 -1.66 -1.45 -6.65
CA LYS A 16 -3.05 -1.83 -6.81
C LYS A 16 -3.83 -1.66 -5.51
N ASN A 17 -5.11 -1.32 -5.64
CA ASN A 17 -5.96 -1.12 -4.47
C ASN A 17 -5.65 -2.15 -3.39
N GLN A 18 -5.72 -1.73 -2.13
CA GLN A 18 -5.45 -2.61 -1.00
C GLN A 18 -6.70 -2.79 -0.14
N GLU A 19 -6.73 -3.88 0.62
CA GLU A 19 -7.87 -4.16 1.49
C GLU A 19 -7.45 -5.06 2.65
N ALA A 20 -7.47 -4.51 3.86
CA ALA A 20 -7.10 -5.25 5.05
C ALA A 20 -7.86 -4.74 6.28
N ARG A 21 -8.28 -5.67 7.13
CA ARG A 21 -9.03 -5.32 8.34
C ARG A 21 -8.23 -4.34 9.19
N GLU A 22 -8.81 -3.95 10.33
CA GLU A 22 -8.15 -3.02 11.24
C GLU A 22 -7.02 -3.70 12.00
N GLY A 23 -5.97 -2.94 12.29
CA GLY A 23 -4.83 -3.49 13.01
C GLY A 23 -3.82 -4.15 12.09
N ALA A 24 -4.31 -4.69 10.98
CA ALA A 24 -3.45 -5.35 10.01
C ALA A 24 -2.36 -4.41 9.51
N THR A 25 -1.56 -4.88 8.55
CA THR A 25 -0.48 -4.08 8.00
C THR A 25 -0.54 -4.06 6.47
N ALA A 26 -1.26 -3.09 5.93
CA ALA A 26 -1.41 -2.96 4.48
C ALA A 26 -0.13 -2.39 3.86
N VAL A 27 0.30 -2.98 2.75
CA VAL A 27 1.50 -2.53 2.06
C VAL A 27 1.30 -2.53 0.55
N LEU A 28 1.98 -1.62 -0.14
CA LEU A 28 1.88 -1.52 -1.58
C LEU A 28 3.21 -1.85 -2.25
N GLN A 29 3.18 -2.84 -3.15
CA GLN A 29 4.39 -3.25 -3.87
C GLN A 29 4.33 -2.83 -5.33
N CYS A 30 5.14 -1.84 -5.68
CA CYS A 30 5.17 -1.34 -7.05
C CYS A 30 6.55 -1.59 -7.68
N GLU A 31 6.70 -1.16 -8.93
CA GLU A 31 7.97 -1.33 -9.64
C GLU A 31 8.26 -0.13 -10.53
N LEU A 32 9.53 0.24 -10.61
CA LEU A 32 9.94 1.38 -11.42
C LEU A 32 10.78 0.91 -12.62
N SER A 33 10.47 1.45 -13.79
CA SER A 33 11.19 1.09 -15.01
C SER A 33 12.70 1.07 -14.76
N LYS A 34 13.13 1.80 -13.74
CA LYS A 34 14.54 1.86 -13.39
C LYS A 34 14.74 2.43 -12.00
N ALA A 35 15.80 1.99 -11.33
CA ALA A 35 16.09 2.47 -9.97
C ALA A 35 15.98 3.99 -9.89
N ALA A 36 15.10 4.46 -9.03
CA ALA A 36 14.90 5.89 -8.84
C ALA A 36 14.19 6.19 -7.53
N PRO A 37 14.47 7.37 -6.95
CA PRO A 37 13.88 7.79 -5.68
C PRO A 37 12.39 8.12 -5.82
N VAL A 38 11.61 7.75 -4.82
CA VAL A 38 10.17 8.00 -4.83
C VAL A 38 9.71 8.59 -3.50
N GLU A 39 8.44 9.00 -3.46
CA GLU A 39 7.87 9.58 -2.25
C GLU A 39 6.38 9.32 -2.16
N TRP A 40 5.98 8.54 -1.17
CA TRP A 40 4.57 8.21 -0.98
C TRP A 40 3.83 9.34 -0.26
N ARG A 41 2.57 9.55 -0.65
CA ARG A 41 1.76 10.61 -0.06
C ARG A 41 0.35 10.11 0.23
N LYS A 42 -0.28 10.69 1.25
CA LYS A 42 -1.64 10.30 1.62
C LYS A 42 -2.61 11.45 1.40
N GLY A 43 -2.99 11.67 0.14
CA GLY A 43 -3.91 12.74 -0.18
C GLY A 43 -3.44 14.10 0.34
N SER A 44 -2.71 14.83 -0.49
CA SER A 44 -2.21 16.14 -0.11
C SER A 44 -1.31 16.03 1.12
N GLU A 45 -0.54 14.95 1.18
CA GLU A 45 0.37 14.73 2.30
C GLU A 45 1.70 14.13 1.82
N THR A 46 2.57 13.83 2.77
CA THR A 46 3.88 13.25 2.45
C THR A 46 4.33 12.27 3.52
N LEU A 47 4.40 10.99 3.14
CA LEU A 47 4.82 9.95 4.08
C LEU A 47 6.31 9.67 3.94
N ARG A 48 6.97 9.41 5.07
CA ARG A 48 8.40 9.12 5.08
C ARG A 48 8.74 8.10 6.16
N GLY A 49 9.39 7.01 5.75
CA GLY A 49 9.76 5.98 6.70
C GLY A 49 10.25 6.54 8.02
N GLY A 50 9.63 6.10 9.11
CA GLY A 50 10.01 6.58 10.42
C GLY A 50 9.73 5.56 11.51
N ASP A 51 8.45 5.36 11.81
CA ASP A 51 8.05 4.41 12.84
C ASP A 51 6.93 3.51 12.35
N ARG A 52 5.81 4.12 11.97
CA ARG A 52 4.66 3.37 11.48
C ARG A 52 4.88 2.93 10.04
N TYR A 53 5.23 3.89 9.18
CA TYR A 53 5.47 3.59 7.77
C TYR A 53 6.86 3.01 7.56
N SER A 54 6.90 1.78 7.03
CA SER A 54 8.17 1.11 6.78
C SER A 54 8.47 1.03 5.29
N LEU A 55 9.12 2.07 4.76
CA LEU A 55 9.45 2.12 3.35
C LEU A 55 10.72 1.32 3.05
N ARG A 56 10.67 0.52 1.99
CA ARG A 56 11.81 -0.31 1.61
C ARG A 56 11.98 -0.32 0.09
N GLN A 57 13.10 0.21 -0.38
CA GLN A 57 13.38 0.27 -1.82
C GLN A 57 14.58 -0.60 -2.16
N ASP A 58 14.33 -1.70 -2.88
CA ASP A 58 15.39 -2.60 -3.27
C ASP A 58 15.94 -2.25 -4.66
N GLY A 59 16.11 -0.95 -4.89
CA GLY A 59 16.62 -0.49 -6.17
C GLY A 59 15.52 0.08 -7.07
N THR A 60 14.83 -0.81 -7.77
CA THR A 60 13.75 -0.40 -8.67
C THR A 60 12.39 -0.61 -8.02
N ARG A 61 12.26 -1.69 -7.26
CA ARG A 61 11.00 -2.00 -6.59
C ARG A 61 10.87 -1.21 -5.29
N CYS A 62 9.64 -0.89 -4.93
CA CYS A 62 9.36 -0.13 -3.71
C CYS A 62 8.33 -0.85 -2.84
N GLU A 63 8.32 -0.52 -1.55
CA GLU A 63 7.39 -1.13 -0.62
C GLU A 63 7.08 -0.19 0.54
N LEU A 64 5.79 0.09 0.74
CA LEU A 64 5.37 0.99 1.81
C LEU A 64 4.38 0.28 2.74
N GLN A 65 4.88 -0.17 3.89
CA GLN A 65 4.04 -0.86 4.86
C GLN A 65 3.48 0.12 5.88
N ILE A 66 2.36 -0.25 6.49
CA ILE A 66 1.71 0.61 7.48
C ILE A 66 1.46 -0.16 8.77
N HIS A 67 2.30 0.06 9.77
CA HIS A 67 2.15 -0.61 11.07
C HIS A 67 1.01 0.00 11.87
N GLY A 68 -0.05 -0.78 12.07
CA GLY A 68 -1.19 -0.29 12.84
C GLY A 68 -2.29 0.24 11.94
N LEU A 69 -3.06 -0.67 11.34
CA LEU A 69 -4.15 -0.28 10.45
C LEU A 69 -5.36 0.19 11.25
N SER A 70 -6.14 1.09 10.67
CA SER A 70 -7.33 1.62 11.33
C SER A 70 -8.30 2.21 10.31
N VAL A 71 -9.59 2.04 10.56
CA VAL A 71 -10.62 2.56 9.67
C VAL A 71 -10.33 3.99 9.27
N ALA A 72 -9.73 4.75 10.18
CA ALA A 72 -9.39 6.14 9.92
C ALA A 72 -8.27 6.25 8.89
N ASP A 73 -7.32 5.32 8.95
CA ASP A 73 -6.20 5.31 8.02
C ASP A 73 -6.69 5.26 6.57
N THR A 74 -7.82 4.60 6.36
CA THR A 74 -8.39 4.48 5.02
C THR A 74 -8.25 5.77 4.24
N GLY A 75 -7.66 5.68 3.05
CA GLY A 75 -7.47 6.85 2.22
C GLY A 75 -6.93 6.51 0.85
N GLU A 76 -6.24 7.46 0.22
CA GLU A 76 -5.69 7.25 -1.11
C GLU A 76 -4.20 7.59 -1.13
N TYR A 77 -3.36 6.55 -1.17
CA TYR A 77 -1.92 6.73 -1.20
C TYR A 77 -1.42 6.89 -2.62
N SER A 78 -0.41 7.74 -2.80
CA SER A 78 0.16 7.98 -4.11
C SER A 78 1.68 8.13 -4.03
N CYS A 79 2.39 7.44 -4.92
CA CYS A 79 3.84 7.49 -4.95
C CYS A 79 4.35 8.35 -6.10
N VAL A 80 4.93 9.50 -5.77
CA VAL A 80 5.44 10.41 -6.78
C VAL A 80 6.89 10.09 -7.12
N CYS A 81 7.12 9.60 -8.33
CA CYS A 81 8.46 9.25 -8.77
C CYS A 81 8.89 10.11 -9.96
N GLY A 82 9.76 11.08 -9.69
CA GLY A 82 10.23 11.96 -10.75
C GLY A 82 9.09 12.67 -11.46
N GLN A 83 8.64 12.11 -12.58
CA GLN A 83 7.55 12.69 -13.34
C GLN A 83 6.29 11.85 -13.24
N GLU A 84 6.46 10.54 -13.11
CA GLU A 84 5.34 9.63 -13.00
C GLU A 84 4.94 9.43 -11.53
N ARG A 85 3.64 9.28 -11.30
CA ARG A 85 3.11 9.09 -9.95
C ARG A 85 1.93 8.14 -9.95
N THR A 86 2.01 7.10 -9.12
CA THR A 86 0.93 6.12 -9.03
C THR A 86 0.05 6.38 -7.82
N SER A 87 -1.16 5.82 -7.84
CA SER A 87 -2.10 6.00 -6.75
C SER A 87 -2.98 4.76 -6.58
N ALA A 88 -3.45 4.53 -5.36
CA ALA A 88 -4.30 3.38 -5.06
C ALA A 88 -5.30 3.71 -3.95
N THR A 89 -6.07 2.71 -3.55
CA THR A 89 -7.07 2.89 -2.51
C THR A 89 -6.99 1.77 -1.48
N LEU A 90 -6.83 2.16 -0.22
CA LEU A 90 -6.74 1.19 0.87
C LEU A 90 -8.01 1.20 1.72
N THR A 91 -8.74 0.09 1.68
CA THR A 91 -9.98 -0.03 2.45
C THR A 91 -9.75 -0.82 3.73
N VAL A 92 -9.89 -0.14 4.88
CA VAL A 92 -9.71 -0.78 6.18
C VAL A 92 -11.05 -1.00 6.87
N ARG A 93 -11.47 -2.26 6.95
CA ARG A 93 -12.72 -2.61 7.59
C ARG A 93 -12.54 -2.78 9.10
N ALA A 94 -13.61 -2.57 9.85
CA ALA A 94 -13.57 -2.69 11.29
C ALA A 94 -13.55 -4.16 11.72
N LEU A 95 -12.91 -4.43 12.85
CA LEU A 95 -12.82 -5.80 13.36
C LEU A 95 -14.19 -6.30 13.83
N PRO A 96 -14.39 -7.63 13.75
CA PRO A 96 -15.64 -8.26 14.16
C PRO A 96 -15.85 -8.21 15.67
N ALA A 97 -16.34 -7.07 16.16
CA ALA A 97 -16.59 -6.90 17.58
C ALA A 97 -17.75 -7.78 18.05
N ARG A 98 -17.42 -8.96 18.55
CA ARG A 98 -18.43 -9.89 19.03
C ARG A 98 -17.84 -10.88 20.03
N PHE A 99 -18.59 -11.16 21.10
CA PHE A 99 -18.13 -12.08 22.13
C PHE A 99 -18.19 -13.52 21.64
N THR A 100 -17.06 -14.22 21.75
CA THR A 100 -16.99 -15.61 21.31
C THR A 100 -16.46 -16.51 22.42
N GLN A 101 -17.36 -17.13 23.16
CA GLN A 101 -16.98 -18.03 24.25
C GLN A 101 -17.84 -19.28 24.26
N ASP A 102 -17.30 -20.36 24.84
CA ASP A 102 -18.02 -21.63 24.90
C ASP A 102 -18.97 -21.64 26.09
N LEU A 103 -19.63 -20.51 26.34
CA LEU A 103 -20.57 -20.41 27.45
C LEU A 103 -22.00 -20.36 26.95
N LYS A 104 -22.63 -21.52 26.88
CA LYS A 104 -24.01 -21.61 26.41
C LYS A 104 -24.95 -21.97 27.56
N SER A 105 -26.24 -21.66 27.39
CA SER A 105 -27.24 -21.96 28.42
C SER A 105 -28.45 -22.66 27.80
N GLY A 106 -29.04 -23.56 28.57
CA GLY A 106 -30.20 -24.29 28.09
C GLY A 106 -29.83 -25.52 27.29
N PRO A 107 -30.69 -25.90 26.34
CA PRO A 107 -30.47 -27.07 25.48
C PRO A 107 -29.34 -26.86 24.49
N SER A 108 -28.15 -27.34 24.84
CA SER A 108 -26.99 -27.20 23.98
C SER A 108 -26.97 -28.28 22.90
N SER A 109 -27.59 -27.98 21.77
CA SER A 109 -27.66 -28.92 20.66
C SER A 109 -27.90 -30.34 21.17
N GLY A 110 -28.81 -30.48 22.13
CA GLY A 110 -29.11 -31.79 22.68
C GLY A 110 -30.09 -32.57 21.82
N GLY A 1 6.94 4.51 -29.58
CA GLY A 1 7.48 3.20 -29.29
C GLY A 1 8.87 3.27 -28.68
N SER A 2 9.03 4.07 -27.64
CA SER A 2 10.31 4.23 -26.96
C SER A 2 10.25 3.68 -25.54
N SER A 3 11.41 3.61 -24.90
CA SER A 3 11.49 3.10 -23.53
C SER A 3 11.40 4.24 -22.52
N GLY A 4 10.17 4.61 -22.16
CA GLY A 4 9.97 5.69 -21.21
C GLY A 4 10.66 6.97 -21.63
N SER A 5 10.51 8.02 -20.82
CA SER A 5 11.13 9.30 -21.10
C SER A 5 12.61 9.30 -20.74
N SER A 6 13.46 9.55 -21.73
CA SER A 6 14.90 9.57 -21.51
C SER A 6 15.27 10.58 -20.44
N GLY A 7 15.63 10.08 -19.26
CA GLY A 7 16.01 10.96 -18.17
C GLY A 7 15.49 10.47 -16.83
N PRO A 8 14.33 10.99 -16.41
CA PRO A 8 13.71 10.62 -15.13
C PRO A 8 13.18 9.19 -15.15
N ALA A 9 12.82 8.68 -13.97
CA ALA A 9 12.29 7.33 -13.85
C ALA A 9 10.78 7.31 -14.05
N ARG A 10 10.23 6.13 -14.31
CA ARG A 10 8.80 5.97 -14.54
C ARG A 10 8.26 4.77 -13.77
N PHE A 11 6.95 4.74 -13.58
CA PHE A 11 6.30 3.64 -12.86
C PHE A 11 5.78 2.59 -13.84
N ILE A 12 6.57 1.55 -14.07
CA ILE A 12 6.19 0.48 -14.98
C ILE A 12 5.09 -0.39 -14.37
N GLU A 13 5.03 -0.42 -13.04
CA GLU A 13 4.03 -1.21 -12.34
C GLU A 13 3.33 -0.37 -11.28
N ASP A 14 2.15 0.14 -11.61
CA ASP A 14 1.38 0.96 -10.67
C ASP A 14 0.76 0.10 -9.58
N VAL A 15 0.81 0.60 -8.35
CA VAL A 15 0.26 -0.13 -7.21
C VAL A 15 -1.20 -0.52 -7.45
N LYS A 16 -1.61 -1.64 -6.88
CA LYS A 16 -2.97 -2.13 -7.03
C LYS A 16 -3.78 -1.92 -5.75
N ASN A 17 -5.08 -1.71 -5.91
CA ASN A 17 -5.97 -1.49 -4.77
C ASN A 17 -5.55 -2.36 -3.59
N GLN A 18 -5.83 -1.86 -2.39
CA GLN A 18 -5.48 -2.60 -1.17
C GLN A 18 -6.66 -2.64 -0.21
N GLU A 19 -6.67 -3.63 0.68
CA GLU A 19 -7.74 -3.79 1.65
C GLU A 19 -7.33 -4.74 2.77
N ALA A 20 -7.53 -4.30 4.01
CA ALA A 20 -7.17 -5.11 5.16
C ALA A 20 -7.99 -4.71 6.39
N ARG A 21 -8.12 -5.62 7.35
CA ARG A 21 -8.88 -5.35 8.56
C ARG A 21 -8.03 -4.57 9.57
N GLU A 22 -8.70 -3.80 10.42
CA GLU A 22 -7.99 -3.01 11.43
C GLU A 22 -6.98 -3.86 12.18
N GLY A 23 -5.74 -3.38 12.24
CA GLY A 23 -4.69 -4.11 12.94
C GLY A 23 -3.71 -4.74 11.99
N ALA A 24 -4.14 -4.96 10.73
CA ALA A 24 -3.28 -5.57 9.73
C ALA A 24 -2.19 -4.60 9.27
N THR A 25 -1.40 -5.02 8.29
CA THR A 25 -0.32 -4.19 7.77
C THR A 25 -0.42 -4.07 6.26
N ALA A 26 -1.08 -3.02 5.79
CA ALA A 26 -1.24 -2.79 4.36
C ALA A 26 0.08 -2.32 3.73
N VAL A 27 0.46 -2.97 2.64
CA VAL A 27 1.70 -2.62 1.94
C VAL A 27 1.51 -2.67 0.43
N LEU A 28 1.98 -1.64 -0.26
CA LEU A 28 1.86 -1.57 -1.70
C LEU A 28 3.20 -1.87 -2.38
N GLN A 29 3.20 -2.86 -3.26
CA GLN A 29 4.41 -3.25 -3.97
C GLN A 29 4.38 -2.75 -5.41
N CYS A 30 5.22 -1.78 -5.73
CA CYS A 30 5.28 -1.22 -7.07
C CYS A 30 6.68 -1.40 -7.67
N GLU A 31 6.82 -1.05 -8.94
CA GLU A 31 8.11 -1.17 -9.63
C GLU A 31 8.40 0.07 -10.46
N LEU A 32 9.68 0.33 -10.70
CA LEU A 32 10.10 1.48 -11.49
C LEU A 32 10.91 1.05 -12.70
N SER A 33 10.90 1.87 -13.74
CA SER A 33 11.64 1.57 -14.96
C SER A 33 13.15 1.60 -14.70
N LYS A 34 13.55 2.28 -13.63
CA LYS A 34 14.96 2.39 -13.27
C LYS A 34 15.12 2.90 -11.85
N ALA A 35 16.18 2.47 -11.18
CA ALA A 35 16.45 2.89 -9.81
C ALA A 35 16.27 4.40 -9.66
N ALA A 36 15.38 4.80 -8.74
CA ALA A 36 15.12 6.21 -8.50
C ALA A 36 14.31 6.40 -7.21
N PRO A 37 14.53 7.54 -6.55
CA PRO A 37 13.83 7.87 -5.30
C PRO A 37 12.35 8.16 -5.52
N VAL A 38 11.53 7.82 -4.53
CA VAL A 38 10.10 8.04 -4.61
C VAL A 38 9.57 8.73 -3.36
N GLU A 39 8.27 8.98 -3.32
CA GLU A 39 7.64 9.63 -2.17
C GLU A 39 6.17 9.24 -2.06
N TRP A 40 5.83 8.59 -0.96
CA TRP A 40 4.45 8.16 -0.73
C TRP A 40 3.66 9.23 0.02
N ARG A 41 2.48 9.56 -0.49
CA ARG A 41 1.63 10.57 0.12
C ARG A 41 0.15 10.23 -0.06
N LYS A 42 -0.59 10.28 1.05
CA LYS A 42 -2.02 9.97 1.01
C LYS A 42 -2.85 11.24 1.06
N GLY A 43 -3.30 11.70 -0.11
CA GLY A 43 -4.11 12.90 -0.18
C GLY A 43 -3.27 14.16 -0.19
N SER A 44 -3.01 14.71 0.99
CA SER A 44 -2.21 15.92 1.11
C SER A 44 -1.16 15.79 2.22
N GLU A 45 -0.68 14.56 2.41
CA GLU A 45 0.32 14.29 3.44
C GLU A 45 1.46 13.44 2.89
N THR A 46 2.69 13.88 3.13
CA THR A 46 3.87 13.16 2.66
C THR A 46 4.42 12.24 3.73
N LEU A 47 4.18 10.94 3.59
CA LEU A 47 4.66 9.96 4.56
C LEU A 47 6.19 9.89 4.54
N ARG A 48 6.76 9.61 5.70
CA ARG A 48 8.22 9.52 5.84
C ARG A 48 8.60 8.31 6.69
N GLY A 49 9.33 7.37 6.09
CA GLY A 49 9.75 6.19 6.82
C GLY A 49 10.12 6.49 8.25
N GLY A 50 9.32 6.00 9.19
CA GLY A 50 9.59 6.24 10.60
C GLY A 50 9.33 5.01 11.45
N ASP A 51 8.18 4.98 12.10
CA ASP A 51 7.81 3.86 12.95
C ASP A 51 6.61 3.10 12.38
N ARG A 52 5.67 3.84 11.81
CA ARG A 52 4.48 3.25 11.22
C ARG A 52 4.72 2.85 9.77
N TYR A 53 5.09 3.84 8.95
CA TYR A 53 5.35 3.59 7.53
C TYR A 53 6.76 3.03 7.33
N SER A 54 6.83 1.75 6.98
CA SER A 54 8.12 1.09 6.76
C SER A 54 8.42 0.99 5.25
N LEU A 55 9.21 1.94 4.76
CA LEU A 55 9.58 1.96 3.35
C LEU A 55 10.84 1.14 3.10
N ARG A 56 10.80 0.27 2.11
CA ARG A 56 11.94 -0.56 1.77
C ARG A 56 12.14 -0.64 0.25
N GLN A 57 13.17 0.03 -0.24
CA GLN A 57 13.47 0.04 -1.67
C GLN A 57 14.71 -0.78 -1.97
N ASP A 58 14.59 -1.70 -2.93
CA ASP A 58 15.71 -2.54 -3.31
C ASP A 58 16.18 -2.21 -4.73
N GLY A 59 16.28 -0.92 -5.03
CA GLY A 59 16.72 -0.49 -6.35
C GLY A 59 15.60 0.12 -7.15
N THR A 60 14.82 -0.73 -7.82
CA THR A 60 13.71 -0.25 -8.64
C THR A 60 12.37 -0.54 -7.97
N ARG A 61 12.30 -1.64 -7.22
CA ARG A 61 11.09 -2.02 -6.53
C ARG A 61 10.92 -1.23 -5.24
N CYS A 62 9.67 -0.91 -4.91
CA CYS A 62 9.38 -0.14 -3.70
C CYS A 62 8.31 -0.84 -2.86
N GLU A 63 8.30 -0.55 -1.57
CA GLU A 63 7.33 -1.15 -0.66
C GLU A 63 7.03 -0.22 0.51
N LEU A 64 5.76 0.10 0.70
CA LEU A 64 5.34 0.98 1.79
C LEU A 64 4.38 0.28 2.74
N GLN A 65 4.91 -0.26 3.82
CA GLN A 65 4.09 -0.97 4.81
C GLN A 65 3.47 0.01 5.79
N ILE A 66 2.36 -0.39 6.39
CA ILE A 66 1.66 0.44 7.35
C ILE A 66 1.35 -0.34 8.63
N HIS A 67 2.13 -0.07 9.68
CA HIS A 67 1.94 -0.75 10.96
C HIS A 67 0.81 -0.08 11.75
N GLY A 68 -0.14 -0.90 12.20
CA GLY A 68 -1.26 -0.38 12.96
C GLY A 68 -2.35 0.17 12.09
N LEU A 69 -2.96 -0.69 11.27
CA LEU A 69 -4.03 -0.26 10.37
C LEU A 69 -5.28 0.13 11.16
N SER A 70 -5.86 1.27 10.78
CA SER A 70 -7.06 1.76 11.45
C SER A 70 -8.07 2.29 10.44
N VAL A 71 -9.35 2.05 10.71
CA VAL A 71 -10.42 2.52 9.82
C VAL A 71 -10.16 3.93 9.35
N ALA A 72 -9.49 4.72 10.18
CA ALA A 72 -9.17 6.10 9.84
C ALA A 72 -8.11 6.18 8.74
N ASP A 73 -7.13 5.29 8.81
CA ASP A 73 -6.06 5.24 7.82
C ASP A 73 -6.63 5.15 6.41
N THR A 74 -7.87 4.66 6.30
CA THR A 74 -8.52 4.52 5.01
C THR A 74 -8.42 5.79 4.19
N GLY A 75 -7.83 5.67 3.00
CA GLY A 75 -7.67 6.83 2.14
C GLY A 75 -7.12 6.46 0.77
N GLU A 76 -6.47 7.42 0.11
CA GLU A 76 -5.90 7.20 -1.21
C GLU A 76 -4.42 7.54 -1.22
N TYR A 77 -3.58 6.51 -1.23
CA TYR A 77 -2.13 6.70 -1.24
C TYR A 77 -1.63 6.98 -2.65
N SER A 78 -0.59 7.80 -2.76
CA SER A 78 -0.03 8.17 -4.05
C SER A 78 1.49 8.30 -3.96
N CYS A 79 2.20 7.58 -4.83
CA CYS A 79 3.66 7.63 -4.85
C CYS A 79 4.16 8.48 -6.01
N VAL A 80 4.95 9.50 -5.69
CA VAL A 80 5.51 10.39 -6.71
C VAL A 80 6.98 10.07 -6.97
N CYS A 81 7.26 9.57 -8.17
CA CYS A 81 8.62 9.23 -8.55
C CYS A 81 9.10 10.10 -9.71
N GLY A 82 9.86 11.14 -9.40
CA GLY A 82 10.37 12.03 -10.43
C GLY A 82 9.26 12.75 -11.16
N GLN A 83 8.91 12.25 -12.34
CA GLN A 83 7.86 12.86 -13.14
C GLN A 83 6.58 12.03 -13.09
N GLU A 84 6.74 10.71 -12.94
CA GLU A 84 5.61 9.80 -12.89
C GLU A 84 5.10 9.64 -11.46
N ARG A 85 3.87 9.17 -11.33
CA ARG A 85 3.28 8.97 -10.01
C ARG A 85 2.10 8.01 -10.09
N THR A 86 1.95 7.17 -9.06
CA THR A 86 0.85 6.20 -9.02
C THR A 86 -0.03 6.42 -7.80
N SER A 87 -1.26 5.92 -7.86
CA SER A 87 -2.21 6.06 -6.76
C SER A 87 -2.98 4.77 -6.54
N ALA A 88 -3.52 4.61 -5.34
CA ALA A 88 -4.30 3.42 -5.01
C ALA A 88 -5.30 3.71 -3.90
N THR A 89 -6.17 2.75 -3.63
CA THR A 89 -7.18 2.91 -2.59
C THR A 89 -7.09 1.79 -1.56
N LEU A 90 -6.88 2.17 -0.30
CA LEU A 90 -6.76 1.19 0.78
C LEU A 90 -8.00 1.23 1.67
N THR A 91 -8.81 0.17 1.61
CA THR A 91 -10.01 0.08 2.42
C THR A 91 -9.76 -0.67 3.72
N VAL A 92 -9.85 0.05 4.84
CA VAL A 92 -9.63 -0.55 6.15
C VAL A 92 -10.96 -0.82 6.86
N ARG A 93 -11.26 -2.09 7.06
CA ARG A 93 -12.50 -2.49 7.74
C ARG A 93 -12.27 -2.70 9.23
N ALA A 94 -13.27 -2.35 10.04
CA ALA A 94 -13.18 -2.51 11.48
C ALA A 94 -13.05 -3.98 11.87
N LEU A 95 -12.41 -4.23 13.01
CA LEU A 95 -12.23 -5.58 13.49
C LEU A 95 -13.56 -6.32 13.58
N PRO A 96 -13.50 -7.66 13.45
CA PRO A 96 -14.70 -8.51 13.51
C PRO A 96 -15.30 -8.57 14.91
N ALA A 97 -16.59 -8.89 14.98
CA ALA A 97 -17.28 -8.99 16.26
C ALA A 97 -17.13 -10.38 16.86
N ARG A 98 -17.50 -10.51 18.13
CA ARG A 98 -17.41 -11.79 18.83
C ARG A 98 -18.04 -12.90 18.00
N PHE A 99 -19.29 -12.69 17.58
CA PHE A 99 -20.01 -13.67 16.79
C PHE A 99 -19.84 -13.39 15.29
N THR A 100 -18.78 -13.95 14.72
CA THR A 100 -18.50 -13.76 13.30
C THR A 100 -19.78 -13.80 12.48
N GLN A 101 -20.17 -12.65 11.94
CA GLN A 101 -21.39 -12.55 11.14
C GLN A 101 -21.36 -13.56 10.00
N ASP A 102 -22.26 -14.53 10.07
CA ASP A 102 -22.35 -15.56 9.03
C ASP A 102 -22.86 -14.97 7.72
N LEU A 103 -21.97 -14.85 6.74
CA LEU A 103 -22.34 -14.31 5.45
C LEU A 103 -22.13 -15.34 4.34
N LYS A 104 -23.22 -15.74 3.69
CA LYS A 104 -23.16 -16.72 2.62
C LYS A 104 -24.17 -16.39 1.52
N SER A 105 -23.87 -16.80 0.29
CA SER A 105 -24.74 -16.54 -0.84
C SER A 105 -25.32 -17.85 -1.38
N GLY A 106 -26.65 -17.98 -1.29
CA GLY A 106 -27.30 -19.19 -1.78
C GLY A 106 -27.08 -20.38 -0.87
N PRO A 107 -27.28 -21.58 -1.41
CA PRO A 107 -27.10 -22.83 -0.66
C PRO A 107 -25.63 -23.12 -0.34
N SER A 108 -25.40 -24.12 0.50
CA SER A 108 -24.05 -24.49 0.88
C SER A 108 -23.26 -25.01 -0.32
N SER A 109 -22.20 -24.28 -0.68
CA SER A 109 -21.38 -24.66 -1.82
C SER A 109 -19.89 -24.48 -1.49
N GLY A 110 -19.10 -25.50 -1.81
CA GLY A 110 -17.67 -25.44 -1.53
C GLY A 110 -16.84 -25.86 -2.73
N GLY A 1 7.15 3.03 -35.12
CA GLY A 1 7.95 4.08 -35.74
C GLY A 1 7.79 5.42 -35.03
N SER A 2 8.02 5.42 -33.72
CA SER A 2 7.89 6.64 -32.93
C SER A 2 8.94 6.67 -31.83
N SER A 3 9.43 7.87 -31.52
CA SER A 3 10.43 8.04 -30.47
C SER A 3 9.90 7.59 -29.12
N GLY A 4 10.71 6.83 -28.38
CA GLY A 4 10.30 6.34 -27.09
C GLY A 4 10.46 7.39 -26.00
N SER A 5 10.49 6.94 -24.75
CA SER A 5 10.63 7.85 -23.61
C SER A 5 11.86 7.50 -22.78
N SER A 6 12.86 8.37 -22.83
CA SER A 6 14.10 8.15 -22.09
C SER A 6 14.41 9.34 -21.19
N GLY A 7 13.96 9.27 -19.94
CA GLY A 7 14.21 10.35 -19.00
C GLY A 7 14.20 9.88 -17.55
N PRO A 8 13.29 10.45 -16.75
CA PRO A 8 13.16 10.09 -15.33
C PRO A 8 12.61 8.70 -15.13
N ALA A 9 12.69 8.19 -13.90
CA ALA A 9 12.19 6.87 -13.57
C ALA A 9 10.67 6.81 -13.64
N ARG A 10 10.15 5.97 -14.52
CA ARG A 10 8.70 5.83 -14.69
C ARG A 10 8.19 4.59 -13.96
N PHE A 11 6.92 4.62 -13.59
CA PHE A 11 6.31 3.50 -12.88
C PHE A 11 5.84 2.42 -13.87
N ILE A 12 6.71 1.45 -14.12
CA ILE A 12 6.39 0.36 -15.04
C ILE A 12 5.25 -0.50 -14.50
N GLU A 13 5.09 -0.50 -13.18
CA GLU A 13 4.04 -1.28 -12.54
C GLU A 13 3.31 -0.44 -11.50
N ASP A 14 2.04 -0.12 -11.78
CA ASP A 14 1.23 0.68 -10.88
C ASP A 14 0.73 -0.18 -9.70
N VAL A 15 0.73 0.41 -8.51
CA VAL A 15 0.27 -0.30 -7.32
C VAL A 15 -1.18 -0.72 -7.45
N LYS A 16 -1.53 -1.82 -6.80
CA LYS A 16 -2.90 -2.33 -6.84
C LYS A 16 -3.64 -2.01 -5.55
N ASN A 17 -4.97 -1.94 -5.63
CA ASN A 17 -5.80 -1.65 -4.47
C ASN A 17 -5.38 -2.50 -3.28
N GLN A 18 -5.54 -1.95 -2.08
CA GLN A 18 -5.18 -2.66 -0.86
C GLN A 18 -6.38 -2.75 0.09
N GLU A 19 -6.55 -3.92 0.70
CA GLU A 19 -7.66 -4.14 1.63
C GLU A 19 -7.22 -5.00 2.80
N ALA A 20 -7.65 -4.63 4.00
CA ALA A 20 -7.31 -5.38 5.21
C ALA A 20 -8.13 -4.89 6.40
N ARG A 21 -8.20 -5.73 7.43
CA ARG A 21 -8.96 -5.40 8.63
C ARG A 21 -8.04 -4.80 9.70
N GLU A 22 -8.62 -3.94 10.54
CA GLU A 22 -7.85 -3.29 11.60
C GLU A 22 -6.80 -4.25 12.16
N GLY A 23 -5.62 -3.70 12.46
CA GLY A 23 -4.55 -4.51 13.00
C GLY A 23 -3.61 -5.03 11.93
N ALA A 24 -4.13 -5.18 10.72
CA ALA A 24 -3.33 -5.67 9.60
C ALA A 24 -2.33 -4.62 9.14
N THR A 25 -1.49 -4.99 8.18
CA THR A 25 -0.48 -4.07 7.65
C THR A 25 -0.55 -4.00 6.14
N ALA A 26 -1.29 -3.01 5.63
CA ALA A 26 -1.44 -2.83 4.19
C ALA A 26 -0.15 -2.28 3.57
N VAL A 27 0.26 -2.88 2.47
CA VAL A 27 1.47 -2.44 1.77
C VAL A 27 1.29 -2.50 0.27
N LEU A 28 1.90 -1.55 -0.43
CA LEU A 28 1.80 -1.47 -1.89
C LEU A 28 3.16 -1.77 -2.53
N GLN A 29 3.22 -2.82 -3.33
CA GLN A 29 4.45 -3.20 -4.01
C GLN A 29 4.42 -2.78 -5.47
N CYS A 30 5.32 -1.88 -5.85
CA CYS A 30 5.39 -1.40 -7.21
C CYS A 30 6.80 -1.56 -7.78
N GLU A 31 6.98 -1.17 -9.05
CA GLU A 31 8.28 -1.29 -9.70
C GLU A 31 8.60 -0.02 -10.48
N LEU A 32 9.88 0.32 -10.57
CA LEU A 32 10.31 1.50 -11.29
C LEU A 32 11.19 1.12 -12.48
N SER A 33 11.15 1.94 -13.52
CA SER A 33 11.94 1.68 -14.73
C SER A 33 13.43 1.61 -14.39
N LYS A 34 13.81 2.30 -13.32
CA LYS A 34 15.21 2.32 -12.89
C LYS A 34 15.33 2.84 -11.46
N ALA A 35 16.23 2.24 -10.70
CA ALA A 35 16.44 2.65 -9.31
C ALA A 35 16.37 4.16 -9.16
N ALA A 36 15.34 4.64 -8.46
CA ALA A 36 15.15 6.06 -8.23
C ALA A 36 14.35 6.32 -6.96
N PRO A 37 14.64 7.46 -6.32
CA PRO A 37 13.96 7.86 -5.08
C PRO A 37 12.50 8.22 -5.30
N VAL A 38 11.63 7.78 -4.40
CA VAL A 38 10.20 8.07 -4.50
C VAL A 38 9.69 8.72 -3.23
N GLU A 39 8.38 8.95 -3.18
CA GLU A 39 7.75 9.57 -2.02
C GLU A 39 6.25 9.30 -2.00
N TRP A 40 5.81 8.54 -1.00
CA TRP A 40 4.39 8.21 -0.87
C TRP A 40 3.64 9.31 -0.14
N ARG A 41 2.43 9.61 -0.61
CA ARG A 41 1.61 10.65 0.00
C ARG A 41 0.14 10.27 -0.04
N LYS A 42 -0.57 10.50 1.06
CA LYS A 42 -1.99 10.19 1.15
C LYS A 42 -2.84 11.42 0.85
N GLY A 43 -3.14 11.63 -0.43
CA GLY A 43 -3.95 12.76 -0.82
C GLY A 43 -3.15 14.06 -0.86
N SER A 44 -3.08 14.73 0.29
CA SER A 44 -2.35 15.99 0.38
C SER A 44 -1.39 15.97 1.57
N GLU A 45 -0.93 14.78 1.93
CA GLU A 45 0.00 14.62 3.05
C GLU A 45 1.17 13.73 2.67
N THR A 46 2.38 14.22 2.91
CA THR A 46 3.59 13.46 2.60
C THR A 46 3.99 12.56 3.76
N LEU A 47 4.12 11.27 3.47
CA LEU A 47 4.51 10.29 4.49
C LEU A 47 6.02 10.20 4.62
N ARG A 48 6.50 9.73 5.77
CA ARG A 48 7.92 9.59 6.01
C ARG A 48 8.21 8.40 6.93
N GLY A 49 9.01 7.45 6.44
CA GLY A 49 9.34 6.28 7.21
C GLY A 49 9.68 6.62 8.66
N GLY A 50 9.22 5.78 9.58
CA GLY A 50 9.50 6.02 11.00
C GLY A 50 9.02 4.87 11.87
N ASP A 51 7.87 5.04 12.49
CA ASP A 51 7.31 4.01 13.37
C ASP A 51 6.05 3.41 12.75
N ARG A 52 5.39 4.17 11.89
CA ARG A 52 4.16 3.72 11.24
C ARG A 52 4.47 3.13 9.87
N TYR A 53 4.97 3.97 8.97
CA TYR A 53 5.30 3.53 7.62
C TYR A 53 6.73 3.01 7.54
N SER A 54 6.88 1.78 7.03
CA SER A 54 8.19 1.17 6.92
C SER A 54 8.57 0.96 5.45
N LEU A 55 8.95 2.05 4.78
CA LEU A 55 9.34 1.99 3.38
C LEU A 55 10.56 1.11 3.19
N ARG A 56 10.53 0.27 2.15
CA ARG A 56 11.65 -0.63 1.85
C ARG A 56 11.86 -0.74 0.35
N GLN A 57 12.95 -0.17 -0.13
CA GLN A 57 13.27 -0.22 -1.55
C GLN A 57 14.52 -1.05 -1.81
N ASP A 58 14.38 -2.08 -2.63
CA ASP A 58 15.50 -2.95 -2.96
C ASP A 58 16.11 -2.58 -4.30
N GLY A 59 16.16 -1.28 -4.59
CA GLY A 59 16.72 -0.81 -5.85
C GLY A 59 15.68 -0.15 -6.73
N THR A 60 15.05 -0.94 -7.59
CA THR A 60 14.03 -0.42 -8.49
C THR A 60 12.63 -0.68 -7.96
N ARG A 61 12.52 -1.65 -7.05
CA ARG A 61 11.23 -1.99 -6.45
C ARG A 61 11.01 -1.23 -5.14
N CYS A 62 9.78 -0.81 -4.92
CA CYS A 62 9.43 -0.08 -3.71
C CYS A 62 8.39 -0.83 -2.89
N GLU A 63 8.37 -0.56 -1.58
CA GLU A 63 7.43 -1.21 -0.68
C GLU A 63 7.09 -0.32 0.51
N LEU A 64 5.84 0.13 0.56
CA LEU A 64 5.39 0.99 1.65
C LEU A 64 4.40 0.26 2.56
N GLN A 65 4.90 -0.22 3.70
CA GLN A 65 4.07 -0.93 4.65
C GLN A 65 3.53 0.01 5.73
N ILE A 66 2.34 -0.28 6.23
CA ILE A 66 1.71 0.54 7.25
C ILE A 66 1.51 -0.25 8.54
N HIS A 67 2.09 0.24 9.64
CA HIS A 67 1.96 -0.42 10.93
C HIS A 67 0.73 0.07 11.67
N GLY A 68 -0.12 -0.86 12.08
CA GLY A 68 -1.33 -0.51 12.80
C GLY A 68 -2.40 0.05 11.89
N LEU A 69 -3.04 -0.83 11.12
CA LEU A 69 -4.09 -0.42 10.19
C LEU A 69 -5.32 0.06 10.95
N SER A 70 -5.57 1.37 10.90
CA SER A 70 -6.72 1.96 11.59
C SER A 70 -7.77 2.41 10.58
N VAL A 71 -9.03 2.16 10.91
CA VAL A 71 -10.13 2.54 10.03
C VAL A 71 -9.89 3.91 9.40
N ALA A 72 -9.23 4.78 10.16
CA ALA A 72 -8.93 6.13 9.67
C ALA A 72 -7.96 6.09 8.50
N ASP A 73 -6.93 5.26 8.61
CA ASP A 73 -5.94 5.13 7.55
C ASP A 73 -6.60 5.17 6.18
N THR A 74 -7.79 4.57 6.08
CA THR A 74 -8.53 4.53 4.83
C THR A 74 -8.35 5.83 4.04
N GLY A 75 -7.92 5.70 2.80
CA GLY A 75 -7.71 6.87 1.96
C GLY A 75 -7.16 6.53 0.60
N GLU A 76 -6.47 7.48 -0.03
CA GLU A 76 -5.89 7.26 -1.34
C GLU A 76 -4.40 7.60 -1.34
N TYR A 77 -3.56 6.56 -1.35
CA TYR A 77 -2.12 6.75 -1.35
C TYR A 77 -1.61 7.05 -2.76
N SER A 78 -0.58 7.89 -2.84
CA SER A 78 0.01 8.26 -4.13
C SER A 78 1.52 8.39 -4.02
N CYS A 79 2.23 7.60 -4.80
CA CYS A 79 3.69 7.62 -4.79
C CYS A 79 4.22 8.44 -5.96
N VAL A 80 4.89 9.55 -5.64
CA VAL A 80 5.45 10.43 -6.66
C VAL A 80 6.90 10.06 -6.96
N CYS A 81 7.15 9.56 -8.17
CA CYS A 81 8.49 9.17 -8.58
C CYS A 81 8.97 10.03 -9.75
N GLY A 82 9.82 11.01 -9.45
CA GLY A 82 10.34 11.89 -10.47
C GLY A 82 9.24 12.62 -11.22
N GLN A 83 8.83 12.07 -12.37
CA GLN A 83 7.78 12.69 -13.17
C GLN A 83 6.49 11.87 -13.10
N GLU A 84 6.64 10.55 -12.96
CA GLU A 84 5.49 9.67 -12.88
C GLU A 84 5.04 9.48 -11.43
N ARG A 85 3.76 9.21 -11.24
CA ARG A 85 3.21 9.01 -9.91
C ARG A 85 1.99 8.09 -9.95
N THR A 86 2.00 7.06 -9.11
CA THR A 86 0.90 6.11 -9.05
C THR A 86 -0.01 6.39 -7.86
N SER A 87 -1.26 5.92 -7.95
CA SER A 87 -2.22 6.12 -6.87
C SER A 87 -3.07 4.87 -6.67
N ALA A 88 -3.52 4.67 -5.44
CA ALA A 88 -4.35 3.52 -5.10
C ALA A 88 -5.33 3.85 -3.98
N THR A 89 -6.12 2.85 -3.59
CA THR A 89 -7.10 3.04 -2.52
C THR A 89 -7.01 1.92 -1.49
N LEU A 90 -6.79 2.30 -0.23
CA LEU A 90 -6.68 1.33 0.85
C LEU A 90 -7.92 1.38 1.75
N THR A 91 -8.62 0.25 1.84
CA THR A 91 -9.82 0.16 2.66
C THR A 91 -9.56 -0.64 3.93
N VAL A 92 -9.63 0.04 5.08
CA VAL A 92 -9.41 -0.61 6.36
C VAL A 92 -10.72 -0.85 7.09
N ARG A 93 -11.15 -2.10 7.14
CA ARG A 93 -12.39 -2.46 7.81
C ARG A 93 -12.16 -2.68 9.30
N ALA A 94 -13.13 -2.25 10.11
CA ALA A 94 -13.03 -2.39 11.56
C ALA A 94 -12.96 -3.87 11.97
N LEU A 95 -12.36 -4.13 13.12
CA LEU A 95 -12.22 -5.49 13.63
C LEU A 95 -13.59 -6.16 13.76
N PRO A 96 -13.61 -7.49 13.59
CA PRO A 96 -14.84 -8.28 13.69
C PRO A 96 -15.36 -8.35 15.12
N ALA A 97 -16.48 -9.05 15.30
CA ALA A 97 -17.08 -9.20 16.62
C ALA A 97 -17.70 -10.58 16.79
N ARG A 98 -17.96 -10.97 18.04
CA ARG A 98 -18.55 -12.27 18.33
C ARG A 98 -19.85 -12.10 19.11
N PHE A 99 -20.72 -13.09 19.00
CA PHE A 99 -22.01 -13.06 19.69
C PHE A 99 -22.07 -14.13 20.77
N THR A 100 -21.87 -15.39 20.37
CA THR A 100 -21.91 -16.51 21.31
C THR A 100 -20.73 -17.44 21.08
N GLN A 101 -19.81 -17.48 22.05
CA GLN A 101 -18.64 -18.33 21.96
C GLN A 101 -19.03 -19.76 21.57
N ASP A 102 -19.94 -20.34 22.32
CA ASP A 102 -20.40 -21.70 22.06
C ASP A 102 -21.48 -21.70 20.99
N LEU A 103 -21.08 -21.92 19.74
CA LEU A 103 -22.03 -21.95 18.63
C LEU A 103 -22.60 -23.35 18.43
N LYS A 104 -23.02 -23.97 19.53
CA LYS A 104 -23.59 -25.31 19.48
C LYS A 104 -25.01 -25.27 18.91
N SER A 105 -25.82 -24.36 19.42
CA SER A 105 -27.20 -24.22 18.97
C SER A 105 -27.58 -22.75 18.81
N GLY A 106 -28.40 -22.46 17.81
CA GLY A 106 -28.83 -21.10 17.57
C GLY A 106 -29.22 -20.85 16.12
N PRO A 107 -28.24 -20.48 15.29
CA PRO A 107 -28.46 -20.21 13.87
C PRO A 107 -28.78 -21.47 13.08
N SER A 108 -28.41 -22.62 13.64
CA SER A 108 -28.65 -23.90 12.99
C SER A 108 -30.08 -23.97 12.46
N SER A 109 -31.06 -23.71 13.32
CA SER A 109 -32.46 -23.75 12.94
C SER A 109 -32.89 -22.42 12.32
N GLY A 110 -33.79 -22.50 11.34
CA GLY A 110 -34.27 -21.30 10.68
C GLY A 110 -35.63 -20.86 11.19
N GLY A 1 5.77 1.60 -29.84
CA GLY A 1 6.63 2.53 -30.54
C GLY A 1 7.66 3.17 -29.62
N SER A 2 7.99 4.43 -29.89
CA SER A 2 8.97 5.15 -29.09
C SER A 2 8.42 5.42 -27.69
N SER A 3 8.94 4.67 -26.71
CA SER A 3 8.51 4.81 -25.33
C SER A 3 9.71 4.89 -24.39
N GLY A 4 10.13 6.11 -24.08
CA GLY A 4 11.26 6.31 -23.19
C GLY A 4 11.82 7.72 -23.26
N SER A 5 10.96 8.70 -23.07
CA SER A 5 11.37 10.10 -23.11
C SER A 5 12.52 10.37 -22.14
N SER A 6 13.71 10.57 -22.69
CA SER A 6 14.89 10.82 -21.88
C SER A 6 14.54 11.66 -20.65
N GLY A 7 14.33 10.99 -19.52
CA GLY A 7 13.99 11.69 -18.30
C GLY A 7 14.08 10.80 -17.07
N PRO A 8 13.35 11.17 -16.02
CA PRO A 8 13.33 10.41 -14.76
C PRO A 8 12.64 9.07 -14.91
N ALA A 9 12.85 8.18 -13.93
CA ALA A 9 12.23 6.86 -13.95
C ALA A 9 10.71 6.96 -13.98
N ARG A 10 10.07 5.97 -14.60
CA ARG A 10 8.62 5.95 -14.70
C ARG A 10 8.04 4.74 -13.96
N PHE A 11 6.76 4.84 -13.62
CA PHE A 11 6.08 3.76 -12.90
C PHE A 11 5.51 2.73 -13.88
N ILE A 12 6.18 1.59 -13.98
CA ILE A 12 5.75 0.53 -14.88
C ILE A 12 4.66 -0.32 -14.24
N GLU A 13 4.70 -0.43 -12.91
CA GLU A 13 3.71 -1.21 -12.18
C GLU A 13 2.97 -0.33 -11.17
N ASP A 14 1.76 0.08 -11.54
CA ASP A 14 0.95 0.92 -10.67
C ASP A 14 0.44 0.12 -9.48
N VAL A 15 0.68 0.64 -8.27
CA VAL A 15 0.24 -0.01 -7.05
C VAL A 15 -1.23 -0.43 -7.15
N LYS A 16 -1.49 -1.70 -6.83
CA LYS A 16 -2.85 -2.23 -6.89
C LYS A 16 -3.59 -1.96 -5.59
N ASN A 17 -4.86 -1.60 -5.70
CA ASN A 17 -5.68 -1.32 -4.53
C ASN A 17 -5.36 -2.27 -3.39
N GLN A 18 -5.47 -1.78 -2.15
CA GLN A 18 -5.19 -2.60 -0.98
C GLN A 18 -6.45 -2.79 -0.13
N GLU A 19 -6.44 -3.82 0.70
CA GLU A 19 -7.60 -4.11 1.56
C GLU A 19 -7.17 -4.96 2.75
N ALA A 20 -7.61 -4.55 3.94
CA ALA A 20 -7.28 -5.28 5.17
C ALA A 20 -8.04 -4.72 6.35
N ARG A 21 -8.37 -5.59 7.30
CA ARG A 21 -9.11 -5.19 8.49
C ARG A 21 -8.21 -4.41 9.45
N GLU A 22 -8.83 -3.73 10.41
CA GLU A 22 -8.09 -2.95 11.39
C GLU A 22 -7.06 -3.81 12.11
N GLY A 23 -5.97 -3.18 12.56
CA GLY A 23 -4.93 -3.91 13.26
C GLY A 23 -3.98 -4.61 12.31
N ALA A 24 -4.35 -4.66 11.03
CA ALA A 24 -3.52 -5.32 10.02
C ALA A 24 -2.44 -4.37 9.50
N THR A 25 -1.64 -4.87 8.57
CA THR A 25 -0.56 -4.06 7.98
C THR A 25 -0.64 -4.06 6.46
N ALA A 26 -1.19 -2.99 5.91
CA ALA A 26 -1.32 -2.85 4.46
C ALA A 26 -0.02 -2.34 3.84
N VAL A 27 0.23 -2.73 2.59
CA VAL A 27 1.43 -2.31 1.89
C VAL A 27 1.22 -2.31 0.38
N LEU A 28 1.92 -1.44 -0.32
CA LEU A 28 1.82 -1.34 -1.77
C LEU A 28 3.15 -1.63 -2.44
N GLN A 29 3.18 -2.68 -3.26
CA GLN A 29 4.40 -3.06 -3.97
C GLN A 29 4.33 -2.64 -5.43
N CYS A 30 5.21 -1.72 -5.82
CA CYS A 30 5.25 -1.23 -7.19
C CYS A 30 6.60 -1.51 -7.82
N GLU A 31 6.78 -1.05 -9.06
CA GLU A 31 8.03 -1.25 -9.78
C GLU A 31 8.37 -0.04 -10.64
N LEU A 32 9.63 0.37 -10.61
CA LEU A 32 10.09 1.51 -11.39
C LEU A 32 10.89 1.07 -12.61
N SER A 33 10.79 1.85 -13.69
CA SER A 33 11.52 1.53 -14.91
C SER A 33 13.01 1.48 -14.67
N LYS A 34 13.46 2.17 -13.62
CA LYS A 34 14.88 2.19 -13.27
C LYS A 34 15.09 2.78 -11.87
N ALA A 35 16.04 2.23 -11.15
CA ALA A 35 16.34 2.71 -9.80
C ALA A 35 16.19 4.21 -9.70
N ALA A 36 15.28 4.66 -8.84
CA ALA A 36 15.05 6.09 -8.65
C ALA A 36 14.30 6.35 -7.35
N PRO A 37 14.53 7.52 -6.75
CA PRO A 37 13.89 7.92 -5.49
C PRO A 37 12.40 8.20 -5.67
N VAL A 38 11.60 7.77 -4.70
CA VAL A 38 10.15 7.97 -4.74
C VAL A 38 9.65 8.56 -3.44
N GLU A 39 8.39 8.99 -3.44
CA GLU A 39 7.77 9.57 -2.25
C GLU A 39 6.32 9.16 -2.14
N TRP A 40 5.93 8.71 -0.94
CA TRP A 40 4.56 8.28 -0.69
C TRP A 40 3.76 9.39 -0.01
N ARG A 41 2.49 9.52 -0.42
CA ARG A 41 1.62 10.55 0.16
C ARG A 41 0.18 10.05 0.24
N LYS A 42 -0.49 10.37 1.33
CA LYS A 42 -1.87 9.96 1.53
C LYS A 42 -2.78 11.17 1.71
N GLY A 43 -3.20 11.76 0.59
CA GLY A 43 -4.07 12.92 0.66
C GLY A 43 -3.32 14.20 0.95
N SER A 44 -2.91 14.91 -0.10
CA SER A 44 -2.16 16.15 0.06
C SER A 44 -1.26 16.10 1.28
N GLU A 45 -0.74 14.91 1.57
CA GLU A 45 0.14 14.71 2.72
C GLU A 45 1.27 13.76 2.39
N THR A 46 2.50 14.16 2.70
CA THR A 46 3.67 13.33 2.43
C THR A 46 4.06 12.52 3.65
N LEU A 47 4.40 11.25 3.44
CA LEU A 47 4.78 10.37 4.53
C LEU A 47 6.30 10.15 4.54
N ARG A 48 6.85 9.90 5.72
CA ARG A 48 8.28 9.68 5.87
C ARG A 48 8.56 8.56 6.88
N GLY A 49 9.08 7.44 6.39
CA GLY A 49 9.38 6.32 7.26
C GLY A 49 9.89 6.77 8.62
N GLY A 50 9.63 5.95 9.64
CA GLY A 50 10.07 6.29 10.98
C GLY A 50 9.78 5.17 11.98
N ASP A 51 8.51 4.97 12.28
CA ASP A 51 8.10 3.94 13.23
C ASP A 51 6.94 3.12 12.67
N ARG A 52 5.95 3.82 12.11
CA ARG A 52 4.78 3.15 11.55
C ARG A 52 5.02 2.78 10.09
N TYR A 53 5.38 3.76 9.28
CA TYR A 53 5.64 3.53 7.87
C TYR A 53 7.00 2.89 7.65
N SER A 54 7.01 1.66 7.16
CA SER A 54 8.25 0.94 6.91
C SER A 54 8.56 0.88 5.42
N LEU A 55 9.19 1.94 4.91
CA LEU A 55 9.55 2.01 3.50
C LEU A 55 10.80 1.18 3.21
N ARG A 56 10.74 0.38 2.16
CA ARG A 56 11.87 -0.45 1.77
C ARG A 56 11.99 -0.53 0.25
N GLN A 57 13.04 0.10 -0.28
CA GLN A 57 13.27 0.11 -1.72
C GLN A 57 14.51 -0.73 -2.08
N ASP A 58 14.30 -1.77 -2.86
CA ASP A 58 15.39 -2.64 -3.27
C ASP A 58 15.94 -2.22 -4.63
N GLY A 59 16.14 -0.91 -4.80
CA GLY A 59 16.66 -0.41 -6.06
C GLY A 59 15.57 0.15 -6.95
N THR A 60 14.90 -0.73 -7.69
CA THR A 60 13.84 -0.32 -8.59
C THR A 60 12.46 -0.57 -7.97
N ARG A 61 12.36 -1.64 -7.19
CA ARG A 61 11.10 -1.98 -6.53
C ARG A 61 10.94 -1.21 -5.23
N CYS A 62 9.72 -0.73 -4.98
CA CYS A 62 9.44 0.03 -3.77
C CYS A 62 8.41 -0.70 -2.90
N GLU A 63 8.41 -0.39 -1.62
CA GLU A 63 7.48 -1.01 -0.67
C GLU A 63 7.18 -0.08 0.49
N LEU A 64 5.89 0.14 0.74
CA LEU A 64 5.46 1.01 1.83
C LEU A 64 4.44 0.30 2.73
N GLN A 65 4.90 -0.16 3.88
CA GLN A 65 4.03 -0.86 4.82
C GLN A 65 3.50 0.10 5.88
N ILE A 66 2.40 -0.28 6.52
CA ILE A 66 1.79 0.55 7.55
C ILE A 66 1.46 -0.27 8.79
N HIS A 67 2.25 -0.09 9.84
CA HIS A 67 2.04 -0.80 11.09
C HIS A 67 0.84 -0.25 11.85
N GLY A 68 -0.06 -1.13 12.28
CA GLY A 68 -1.23 -0.70 13.00
C GLY A 68 -2.24 -0.01 12.12
N LEU A 69 -3.02 -0.78 11.39
CA LEU A 69 -4.04 -0.23 10.49
C LEU A 69 -5.24 0.28 11.28
N SER A 70 -5.91 1.29 10.74
CA SER A 70 -7.08 1.87 11.38
C SER A 70 -8.08 2.37 10.35
N VAL A 71 -9.36 2.34 10.71
CA VAL A 71 -10.42 2.79 9.82
C VAL A 71 -10.15 4.20 9.32
N ALA A 72 -9.36 4.96 10.08
CA ALA A 72 -9.03 6.33 9.71
C ALA A 72 -7.98 6.36 8.59
N ASP A 73 -7.02 5.44 8.67
CA ASP A 73 -5.96 5.37 7.68
C ASP A 73 -6.54 5.25 6.27
N THR A 74 -7.78 4.75 6.18
CA THR A 74 -8.44 4.59 4.91
C THR A 74 -8.33 5.86 4.06
N GLY A 75 -7.79 5.71 2.85
CA GLY A 75 -7.64 6.85 1.96
C GLY A 75 -7.09 6.46 0.61
N GLU A 76 -6.36 7.38 -0.02
CA GLU A 76 -5.78 7.13 -1.34
C GLU A 76 -4.29 7.41 -1.33
N TYR A 77 -3.48 6.35 -1.32
CA TYR A 77 -2.04 6.48 -1.32
C TYR A 77 -1.50 6.62 -2.73
N SER A 78 -0.53 7.52 -2.91
CA SER A 78 0.07 7.75 -4.21
C SER A 78 1.58 7.93 -4.09
N CYS A 79 2.32 7.26 -4.96
CA CYS A 79 3.78 7.34 -4.95
C CYS A 79 4.28 8.22 -6.09
N VAL A 80 4.88 9.35 -5.73
CA VAL A 80 5.42 10.28 -6.72
C VAL A 80 6.88 9.98 -7.04
N CYS A 81 7.14 9.55 -8.26
CA CYS A 81 8.50 9.23 -8.69
C CYS A 81 8.94 10.16 -9.81
N GLY A 82 9.93 11.00 -9.51
CA GLY A 82 10.43 11.93 -10.52
C GLY A 82 9.32 12.70 -11.21
N GLN A 83 8.85 12.17 -12.33
CA GLN A 83 7.79 12.81 -13.09
C GLN A 83 6.50 11.98 -13.05
N GLU A 84 6.67 10.67 -12.99
CA GLU A 84 5.53 9.75 -12.94
C GLU A 84 4.99 9.63 -11.52
N ARG A 85 3.73 9.19 -11.41
CA ARG A 85 3.11 9.03 -10.10
C ARG A 85 1.93 8.06 -10.19
N THR A 86 1.82 7.18 -9.20
CA THR A 86 0.74 6.21 -9.16
C THR A 86 -0.19 6.45 -7.98
N SER A 87 -1.40 5.90 -8.06
CA SER A 87 -2.39 6.06 -7.00
C SER A 87 -3.14 4.76 -6.74
N ALA A 88 -3.55 4.55 -5.50
CA ALA A 88 -4.27 3.35 -5.13
C ALA A 88 -5.25 3.62 -3.99
N THR A 89 -6.17 2.70 -3.76
CA THR A 89 -7.16 2.84 -2.70
C THR A 89 -7.02 1.73 -1.66
N LEU A 90 -6.95 2.12 -0.40
CA LEU A 90 -6.82 1.15 0.69
C LEU A 90 -8.04 1.19 1.61
N THR A 91 -8.83 0.13 1.57
CA THR A 91 -10.03 0.05 2.39
C THR A 91 -9.74 -0.68 3.70
N VAL A 92 -9.88 0.04 4.82
CA VAL A 92 -9.64 -0.54 6.13
C VAL A 92 -10.95 -0.78 6.88
N ARG A 93 -11.34 -2.05 6.98
CA ARG A 93 -12.58 -2.41 7.66
C ARG A 93 -12.36 -2.49 9.17
N ALA A 94 -13.32 -1.98 9.93
CA ALA A 94 -13.23 -1.99 11.38
C ALA A 94 -13.16 -3.42 11.91
N LEU A 95 -12.60 -3.58 13.11
CA LEU A 95 -12.47 -4.90 13.72
C LEU A 95 -13.84 -5.49 14.02
N PRO A 96 -13.96 -6.83 13.87
CA PRO A 96 -15.20 -7.55 14.11
C PRO A 96 -15.57 -7.58 15.59
N ALA A 97 -16.80 -7.99 15.88
CA ALA A 97 -17.28 -8.07 17.25
C ALA A 97 -17.38 -9.53 17.71
N ARG A 98 -16.66 -9.85 18.78
CA ARG A 98 -16.68 -11.21 19.32
C ARG A 98 -18.11 -11.66 19.63
N PHE A 99 -18.51 -12.78 19.05
CA PHE A 99 -19.84 -13.32 19.27
C PHE A 99 -19.84 -14.85 19.17
N THR A 100 -20.62 -15.49 20.02
CA THR A 100 -20.71 -16.95 20.03
C THR A 100 -21.94 -17.43 19.25
N GLN A 101 -21.73 -18.37 18.34
CA GLN A 101 -22.81 -18.91 17.53
C GLN A 101 -23.41 -20.15 18.18
N ASP A 102 -22.59 -21.18 18.35
CA ASP A 102 -23.03 -22.43 18.96
C ASP A 102 -22.56 -22.52 20.40
N LEU A 103 -23.46 -22.94 21.29
CA LEU A 103 -23.13 -23.07 22.70
C LEU A 103 -22.64 -24.48 23.02
N LYS A 104 -23.17 -25.47 22.29
CA LYS A 104 -22.79 -26.86 22.50
C LYS A 104 -23.07 -27.30 23.93
N SER A 105 -24.31 -27.08 24.37
CA SER A 105 -24.70 -27.46 25.73
C SER A 105 -24.66 -28.98 25.90
N GLY A 106 -25.40 -29.68 25.04
CA GLY A 106 -25.45 -31.13 25.12
C GLY A 106 -26.73 -31.64 25.73
N PRO A 107 -27.08 -32.90 25.42
CA PRO A 107 -28.30 -33.54 25.94
C PRO A 107 -28.20 -33.82 27.44
N SER A 108 -29.13 -33.25 28.21
CA SER A 108 -29.15 -33.45 29.65
C SER A 108 -29.61 -34.85 30.01
N SER A 109 -28.67 -35.80 29.97
CA SER A 109 -28.99 -37.19 30.28
C SER A 109 -28.97 -37.43 31.80
N GLY A 110 -29.83 -38.33 32.26
CA GLY A 110 -29.90 -38.63 33.68
C GLY A 110 -31.24 -39.18 34.08
N GLY A 1 9.18 3.42 -30.86
CA GLY A 1 8.39 4.24 -29.96
C GLY A 1 8.27 3.62 -28.58
N SER A 2 7.93 2.34 -28.53
CA SER A 2 7.78 1.64 -27.26
C SER A 2 8.89 2.02 -26.29
N SER A 3 10.13 1.90 -26.73
CA SER A 3 11.28 2.23 -25.89
C SER A 3 12.25 3.14 -26.65
N GLY A 4 12.55 4.29 -26.05
CA GLY A 4 13.47 5.23 -26.68
C GLY A 4 13.26 6.64 -26.18
N SER A 5 13.45 6.84 -24.88
CA SER A 5 13.28 8.17 -24.28
C SER A 5 14.37 8.45 -23.26
N SER A 6 14.45 9.70 -22.81
CA SER A 6 15.46 10.08 -21.83
C SER A 6 14.83 10.94 -20.73
N GLY A 7 15.44 10.90 -19.54
CA GLY A 7 14.94 11.67 -18.43
C GLY A 7 14.87 10.87 -17.15
N PRO A 8 13.98 11.27 -16.23
CA PRO A 8 13.81 10.60 -14.94
C PRO A 8 13.18 9.22 -15.10
N ALA A 9 13.14 8.46 -14.00
CA ALA A 9 12.56 7.12 -14.02
C ALA A 9 11.04 7.19 -14.19
N ARG A 10 10.41 6.02 -14.28
CA ARG A 10 8.97 5.94 -14.45
C ARG A 10 8.41 4.71 -13.76
N PHE A 11 7.10 4.73 -13.48
CA PHE A 11 6.45 3.60 -12.82
C PHE A 11 5.91 2.61 -13.84
N ILE A 12 6.69 1.57 -14.11
CA ILE A 12 6.29 0.55 -15.06
C ILE A 12 5.06 -0.22 -14.57
N GLU A 13 4.92 -0.31 -13.25
CA GLU A 13 3.79 -1.02 -12.67
C GLU A 13 3.19 -0.21 -11.51
N ASP A 14 1.98 0.29 -11.72
CA ASP A 14 1.30 1.08 -10.69
C ASP A 14 0.75 0.18 -9.58
N VAL A 15 0.81 0.67 -8.35
CA VAL A 15 0.31 -0.09 -7.21
C VAL A 15 -1.16 -0.45 -7.38
N LYS A 16 -1.57 -1.57 -6.80
CA LYS A 16 -2.96 -2.03 -6.89
C LYS A 16 -3.69 -1.77 -5.58
N ASN A 17 -4.97 -1.44 -5.68
CA ASN A 17 -5.79 -1.17 -4.50
C ASN A 17 -5.48 -2.15 -3.38
N GLN A 18 -5.65 -1.70 -2.15
CA GLN A 18 -5.38 -2.54 -0.98
C GLN A 18 -6.64 -2.72 -0.14
N GLU A 19 -6.65 -3.77 0.68
CA GLU A 19 -7.79 -4.06 1.53
C GLU A 19 -7.41 -5.01 2.67
N ALA A 20 -7.66 -4.59 3.90
CA ALA A 20 -7.33 -5.40 5.06
C ALA A 20 -8.01 -4.86 6.32
N ARG A 21 -8.28 -5.75 7.27
CA ARG A 21 -8.93 -5.36 8.52
C ARG A 21 -8.04 -4.43 9.33
N GLU A 22 -8.55 -3.95 10.45
CA GLU A 22 -7.80 -3.05 11.31
C GLU A 22 -6.65 -3.78 11.99
N GLY A 23 -5.61 -3.03 12.36
CA GLY A 23 -4.47 -3.62 13.02
C GLY A 23 -3.49 -4.26 12.04
N ALA A 24 -4.03 -4.74 10.92
CA ALA A 24 -3.20 -5.38 9.90
C ALA A 24 -2.13 -4.41 9.39
N THR A 25 -1.37 -4.86 8.39
CA THR A 25 -0.31 -4.04 7.81
C THR A 25 -0.42 -4.00 6.29
N ALA A 26 -1.15 -3.02 5.80
CA ALA A 26 -1.33 -2.86 4.36
C ALA A 26 -0.08 -2.28 3.70
N VAL A 27 0.41 -2.96 2.66
CA VAL A 27 1.60 -2.53 1.95
C VAL A 27 1.39 -2.56 0.45
N LEU A 28 1.99 -1.62 -0.26
CA LEU A 28 1.87 -1.54 -1.71
C LEU A 28 3.19 -1.87 -2.38
N GLN A 29 3.17 -2.87 -3.27
CA GLN A 29 4.38 -3.28 -3.98
C GLN A 29 4.33 -2.82 -5.43
N CYS A 30 5.24 -1.92 -5.79
CA CYS A 30 5.30 -1.39 -7.14
C CYS A 30 6.69 -1.60 -7.74
N GLU A 31 6.85 -1.23 -9.01
CA GLU A 31 8.12 -1.39 -9.71
C GLU A 31 8.42 -0.17 -10.58
N LEU A 32 9.70 0.18 -10.68
CA LEU A 32 10.12 1.32 -11.48
C LEU A 32 10.95 0.86 -12.68
N SER A 33 11.09 1.75 -13.66
CA SER A 33 11.85 1.44 -14.86
C SER A 33 13.35 1.50 -14.58
N LYS A 34 13.72 2.27 -13.56
CA LYS A 34 15.12 2.40 -13.19
C LYS A 34 15.25 2.99 -11.78
N ALA A 35 16.29 2.58 -11.07
CA ALA A 35 16.53 3.07 -9.71
C ALA A 35 16.32 4.58 -9.62
N ALA A 36 15.36 5.00 -8.81
CA ALA A 36 15.07 6.42 -8.64
C ALA A 36 14.33 6.67 -7.34
N PRO A 37 14.51 7.87 -6.77
CA PRO A 37 13.87 8.26 -5.52
C PRO A 37 12.37 8.48 -5.67
N VAL A 38 11.61 8.07 -4.66
CA VAL A 38 10.16 8.22 -4.69
C VAL A 38 9.65 8.87 -3.42
N GLU A 39 8.34 9.15 -3.39
CA GLU A 39 7.73 9.78 -2.22
C GLU A 39 6.25 9.39 -2.10
N TRP A 40 5.92 8.70 -1.03
CA TRP A 40 4.53 8.26 -0.81
C TRP A 40 3.74 9.36 -0.10
N ARG A 41 2.51 9.59 -0.59
CA ARG A 41 1.65 10.60 0.00
C ARG A 41 0.20 10.14 0.01
N LYS A 42 -0.48 10.34 1.14
CA LYS A 42 -1.88 9.94 1.26
C LYS A 42 -2.80 11.12 0.99
N GLY A 43 -3.08 11.35 -0.30
CA GLY A 43 -3.95 12.44 -0.68
C GLY A 43 -3.23 13.78 -0.73
N SER A 44 -3.28 14.52 0.38
CA SER A 44 -2.63 15.82 0.46
C SER A 44 -1.64 15.86 1.61
N GLU A 45 -1.12 14.69 1.99
CA GLU A 45 -0.16 14.59 3.08
C GLU A 45 1.03 13.72 2.68
N THR A 46 2.23 14.27 2.86
CA THR A 46 3.45 13.54 2.52
C THR A 46 3.87 12.61 3.65
N LEU A 47 3.91 11.32 3.37
CA LEU A 47 4.29 10.33 4.36
C LEU A 47 5.81 10.20 4.43
N ARG A 48 6.30 9.68 5.56
CA ARG A 48 7.74 9.50 5.75
C ARG A 48 8.02 8.26 6.59
N GLY A 49 9.05 7.51 6.20
CA GLY A 49 9.41 6.30 6.92
C GLY A 49 10.07 6.60 8.25
N GLY A 50 9.57 5.98 9.32
CA GLY A 50 10.13 6.19 10.64
C GLY A 50 9.91 5.01 11.56
N ASP A 51 8.69 4.90 12.09
CA ASP A 51 8.35 3.81 12.99
C ASP A 51 7.16 3.02 12.48
N ARG A 52 6.03 3.70 12.32
CA ARG A 52 4.82 3.06 11.82
C ARG A 52 4.96 2.68 10.35
N TYR A 53 5.38 3.64 9.54
CA TYR A 53 5.57 3.41 8.11
C TYR A 53 6.95 2.86 7.82
N SER A 54 7.00 1.66 7.26
CA SER A 54 8.27 1.01 6.93
C SER A 54 8.49 1.01 5.42
N LEU A 55 9.32 1.94 4.95
CA LEU A 55 9.63 2.05 3.53
C LEU A 55 10.88 1.26 3.19
N ARG A 56 10.78 0.42 2.15
CA ARG A 56 11.90 -0.40 1.71
C ARG A 56 11.97 -0.45 0.19
N GLN A 57 13.00 0.18 -0.37
CA GLN A 57 13.17 0.20 -1.82
C GLN A 57 14.35 -0.68 -2.23
N ASP A 58 14.09 -1.60 -3.14
CA ASP A 58 15.13 -2.51 -3.63
C ASP A 58 15.51 -2.18 -5.06
N GLY A 59 16.34 -1.16 -5.24
CA GLY A 59 16.77 -0.77 -6.57
C GLY A 59 15.69 -0.02 -7.33
N THR A 60 14.78 -0.76 -7.95
CA THR A 60 13.69 -0.16 -8.72
C THR A 60 12.35 -0.39 -8.04
N ARG A 61 12.21 -1.54 -7.38
CA ARG A 61 10.97 -1.88 -6.69
C ARG A 61 10.87 -1.13 -5.36
N CYS A 62 9.64 -0.78 -4.99
CA CYS A 62 9.40 -0.05 -3.75
C CYS A 62 8.43 -0.81 -2.85
N GLU A 63 8.47 -0.51 -1.55
CA GLU A 63 7.59 -1.16 -0.59
C GLU A 63 7.27 -0.24 0.57
N LEU A 64 5.98 0.06 0.75
CA LEU A 64 5.54 0.93 1.83
C LEU A 64 4.52 0.23 2.72
N GLN A 65 4.95 -0.14 3.93
CA GLN A 65 4.08 -0.83 4.87
C GLN A 65 3.54 0.15 5.90
N ILE A 66 2.43 -0.22 6.54
CA ILE A 66 1.82 0.62 7.56
C ILE A 66 1.36 -0.21 8.76
N HIS A 67 2.00 0.00 9.90
CA HIS A 67 1.66 -0.71 11.11
C HIS A 67 0.47 -0.07 11.82
N GLY A 68 -0.45 -0.89 12.28
CA GLY A 68 -1.63 -0.39 12.97
C GLY A 68 -2.65 0.19 12.00
N LEU A 69 -3.21 -0.65 11.15
CA LEU A 69 -4.20 -0.22 10.17
C LEU A 69 -5.48 0.25 10.87
N SER A 70 -5.71 1.56 10.84
CA SER A 70 -6.89 2.14 11.46
C SER A 70 -7.90 2.60 10.41
N VAL A 71 -9.17 2.32 10.67
CA VAL A 71 -10.24 2.70 9.74
C VAL A 71 -10.01 4.10 9.19
N ALA A 72 -9.41 4.97 10.00
CA ALA A 72 -9.13 6.34 9.59
C ALA A 72 -8.12 6.37 8.45
N ASP A 73 -7.07 5.55 8.56
CA ASP A 73 -6.03 5.48 7.54
C ASP A 73 -6.65 5.39 6.15
N THR A 74 -7.80 4.74 6.06
CA THR A 74 -8.49 4.59 4.78
C THR A 74 -8.41 5.86 3.95
N GLY A 75 -7.97 5.72 2.70
CA GLY A 75 -7.85 6.88 1.82
C GLY A 75 -7.28 6.52 0.46
N GLU A 76 -6.54 7.44 -0.12
CA GLU A 76 -5.94 7.22 -1.43
C GLU A 76 -4.44 7.52 -1.41
N TYR A 77 -3.64 6.47 -1.40
CA TYR A 77 -2.18 6.62 -1.38
C TYR A 77 -1.63 6.79 -2.79
N SER A 78 -0.57 7.58 -2.91
CA SER A 78 0.06 7.84 -4.20
C SER A 78 1.56 8.00 -4.06
N CYS A 79 2.31 7.34 -4.94
CA CYS A 79 3.77 7.41 -4.90
C CYS A 79 4.31 8.28 -6.03
N VAL A 80 4.91 9.41 -5.67
CA VAL A 80 5.45 10.33 -6.67
C VAL A 80 6.92 10.01 -6.96
N CYS A 81 7.18 9.56 -8.18
CA CYS A 81 8.54 9.22 -8.59
C CYS A 81 9.01 10.12 -9.72
N GLY A 82 9.82 11.11 -9.37
CA GLY A 82 10.33 12.04 -10.38
C GLY A 82 9.23 12.76 -11.11
N GLN A 83 8.85 12.24 -12.27
CA GLN A 83 7.80 12.85 -13.08
C GLN A 83 6.51 12.04 -12.99
N GLU A 84 6.65 10.71 -12.91
CA GLU A 84 5.50 9.82 -12.82
C GLU A 84 4.96 9.78 -11.39
N ARG A 85 3.74 9.27 -11.25
CA ARG A 85 3.10 9.17 -9.94
C ARG A 85 1.91 8.23 -9.98
N THR A 86 1.95 7.18 -9.16
CA THR A 86 0.87 6.21 -9.11
C THR A 86 -0.07 6.50 -7.94
N SER A 87 -1.29 5.97 -8.04
CA SER A 87 -2.28 6.17 -6.99
C SER A 87 -3.10 4.90 -6.76
N ALA A 88 -3.56 4.71 -5.53
CA ALA A 88 -4.35 3.54 -5.18
C ALA A 88 -5.36 3.87 -4.09
N THR A 89 -6.18 2.88 -3.73
CA THR A 89 -7.20 3.06 -2.71
C THR A 89 -7.06 2.01 -1.61
N LEU A 90 -6.95 2.46 -0.37
CA LEU A 90 -6.82 1.56 0.77
C LEU A 90 -8.09 1.55 1.61
N THR A 91 -8.70 0.37 1.74
CA THR A 91 -9.92 0.23 2.53
C THR A 91 -9.68 -0.59 3.79
N VAL A 92 -9.93 0.02 4.94
CA VAL A 92 -9.75 -0.66 6.21
C VAL A 92 -11.07 -0.86 6.93
N ARG A 93 -11.49 -2.11 7.06
CA ARG A 93 -12.74 -2.44 7.72
C ARG A 93 -12.50 -2.81 9.19
N ALA A 94 -13.24 -2.16 10.08
CA ALA A 94 -13.11 -2.43 11.51
C ALA A 94 -13.15 -3.93 11.80
N LEU A 95 -12.52 -4.33 12.89
CA LEU A 95 -12.49 -5.74 13.29
C LEU A 95 -13.90 -6.24 13.62
N PRO A 96 -14.09 -7.56 13.48
CA PRO A 96 -15.39 -8.19 13.76
C PRO A 96 -15.72 -8.20 15.25
N ALA A 97 -16.92 -7.74 15.58
CA ALA A 97 -17.37 -7.68 16.96
C ALA A 97 -18.17 -8.93 17.34
N ARG A 98 -17.99 -9.40 18.57
CA ARG A 98 -18.70 -10.58 19.04
C ARG A 98 -20.20 -10.34 19.11
N PHE A 99 -20.97 -11.16 18.39
CA PHE A 99 -22.41 -11.02 18.37
C PHE A 99 -23.09 -12.40 18.26
N THR A 100 -24.37 -12.45 18.61
CA THR A 100 -25.12 -13.70 18.55
C THR A 100 -26.05 -13.71 17.34
N GLN A 101 -25.72 -14.53 16.35
CA GLN A 101 -26.53 -14.64 15.15
C GLN A 101 -27.66 -15.66 15.34
N ASP A 102 -27.33 -16.79 15.95
CA ASP A 102 -28.31 -17.85 16.19
C ASP A 102 -29.26 -17.98 15.00
N LEU A 103 -28.72 -17.89 13.80
CA LEU A 103 -29.53 -18.00 12.59
C LEU A 103 -28.98 -19.08 11.67
N LYS A 104 -29.46 -20.31 11.85
CA LYS A 104 -29.02 -21.44 11.04
C LYS A 104 -30.22 -22.16 10.42
N SER A 105 -30.32 -22.10 9.10
CA SER A 105 -31.42 -22.74 8.38
C SER A 105 -31.20 -22.68 6.87
N GLY A 106 -31.44 -23.81 6.21
CA GLY A 106 -31.26 -23.87 4.76
C GLY A 106 -32.26 -24.80 4.09
N PRO A 107 -33.46 -24.29 3.82
CA PRO A 107 -34.52 -25.07 3.17
C PRO A 107 -34.20 -25.38 1.71
N SER A 108 -33.14 -24.77 1.20
CA SER A 108 -32.74 -24.97 -0.19
C SER A 108 -31.84 -26.20 -0.31
N SER A 109 -32.26 -27.15 -1.14
CA SER A 109 -31.51 -28.38 -1.35
C SER A 109 -31.99 -29.13 -2.59
N GLY A 110 -31.08 -29.84 -3.24
CA GLY A 110 -31.44 -30.59 -4.42
C GLY A 110 -30.48 -31.73 -4.70
N GLY A 1 12.96 15.16 -31.09
CA GLY A 1 12.87 16.01 -29.93
C GLY A 1 11.69 15.64 -29.05
N SER A 2 11.70 14.42 -28.52
CA SER A 2 10.62 13.96 -27.65
C SER A 2 11.17 13.12 -26.51
N SER A 3 10.34 12.90 -25.49
CA SER A 3 10.74 12.12 -24.33
C SER A 3 10.72 10.62 -24.64
N GLY A 4 11.64 9.88 -24.02
CA GLY A 4 11.70 8.45 -24.25
C GLY A 4 13.02 7.85 -23.78
N SER A 5 14.00 7.79 -24.68
CA SER A 5 15.30 7.24 -24.34
C SER A 5 15.81 7.79 -23.02
N SER A 6 15.70 9.11 -22.84
CA SER A 6 16.15 9.76 -21.62
C SER A 6 14.96 10.21 -20.78
N GLY A 7 15.20 10.43 -19.49
CA GLY A 7 14.14 10.86 -18.60
C GLY A 7 14.16 10.11 -17.28
N PRO A 8 13.34 10.58 -16.32
CA PRO A 8 13.24 9.97 -14.99
C PRO A 8 12.58 8.60 -15.03
N ALA A 9 12.74 7.83 -13.96
CA ALA A 9 12.14 6.51 -13.87
C ALA A 9 10.62 6.58 -13.90
N ARG A 10 9.99 5.72 -14.69
CA ARG A 10 8.54 5.70 -14.81
C ARG A 10 7.98 4.42 -14.17
N PHE A 11 6.89 4.58 -13.43
CA PHE A 11 6.25 3.44 -12.77
C PHE A 11 5.77 2.42 -13.79
N ILE A 12 6.57 1.38 -14.00
CA ILE A 12 6.22 0.33 -14.96
C ILE A 12 5.08 -0.54 -14.43
N GLU A 13 5.00 -0.66 -13.11
CA GLU A 13 3.96 -1.47 -12.49
C GLU A 13 3.30 -0.70 -11.35
N ASP A 14 2.23 0.02 -11.68
CA ASP A 14 1.50 0.80 -10.70
C ASP A 14 0.96 -0.10 -9.58
N VAL A 15 0.81 0.47 -8.39
CA VAL A 15 0.30 -0.28 -7.25
C VAL A 15 -1.14 -0.73 -7.48
N LYS A 16 -1.51 -1.83 -6.85
CA LYS A 16 -2.86 -2.36 -6.99
C LYS A 16 -3.67 -2.13 -5.71
N ASN A 17 -4.96 -1.88 -5.88
CA ASN A 17 -5.83 -1.64 -4.73
C ASN A 17 -5.42 -2.48 -3.54
N GLN A 18 -5.70 -1.98 -2.34
CA GLN A 18 -5.35 -2.69 -1.11
C GLN A 18 -6.58 -2.91 -0.24
N GLU A 19 -6.52 -3.92 0.62
CA GLU A 19 -7.63 -4.23 1.50
C GLU A 19 -7.16 -5.07 2.69
N ALA A 20 -7.55 -4.67 3.89
CA ALA A 20 -7.17 -5.38 5.10
C ALA A 20 -8.12 -5.06 6.25
N ARG A 21 -7.84 -5.61 7.43
CA ARG A 21 -8.66 -5.38 8.60
C ARG A 21 -7.90 -4.59 9.66
N GLU A 22 -8.61 -3.71 10.37
CA GLU A 22 -8.00 -2.89 11.41
C GLU A 22 -7.01 -3.70 12.23
N GLY A 23 -5.80 -3.17 12.38
CA GLY A 23 -4.78 -3.86 13.14
C GLY A 23 -3.70 -4.47 12.25
N ALA A 24 -4.08 -4.85 11.04
CA ALA A 24 -3.15 -5.44 10.09
C ALA A 24 -2.19 -4.39 9.54
N THR A 25 -1.35 -4.81 8.59
CA THR A 25 -0.39 -3.90 7.97
C THR A 25 -0.46 -3.98 6.45
N ALA A 26 -1.12 -3.01 5.84
CA ALA A 26 -1.26 -2.97 4.39
C ALA A 26 -0.07 -2.27 3.74
N VAL A 27 0.47 -2.87 2.68
CA VAL A 27 1.61 -2.30 1.98
C VAL A 27 1.39 -2.34 0.47
N LEU A 28 1.88 -1.32 -0.22
CA LEU A 28 1.76 -1.24 -1.68
C LEU A 28 3.06 -1.62 -2.37
N GLN A 29 3.02 -2.68 -3.16
CA GLN A 29 4.19 -3.14 -3.88
C GLN A 29 4.14 -2.72 -5.34
N CYS A 30 5.12 -1.95 -5.78
CA CYS A 30 5.18 -1.48 -7.16
C CYS A 30 6.58 -1.66 -7.73
N GLU A 31 6.72 -1.38 -9.03
CA GLU A 31 8.01 -1.52 -9.69
C GLU A 31 8.32 -0.28 -10.53
N LEU A 32 9.60 0.10 -10.57
CA LEU A 32 10.02 1.26 -11.32
C LEU A 32 10.87 0.85 -12.52
N SER A 33 10.85 1.67 -13.57
CA SER A 33 11.61 1.39 -14.78
C SER A 33 13.09 1.26 -14.47
N LYS A 34 13.57 2.04 -13.52
CA LYS A 34 14.97 2.02 -13.12
C LYS A 34 15.16 2.60 -11.73
N ALA A 35 16.07 2.02 -10.96
CA ALA A 35 16.34 2.48 -9.60
C ALA A 35 16.24 4.00 -9.51
N ALA A 36 15.30 4.47 -8.70
CA ALA A 36 15.09 5.90 -8.53
C ALA A 36 14.35 6.20 -7.23
N PRO A 37 14.61 7.38 -6.65
CA PRO A 37 13.97 7.80 -5.40
C PRO A 37 12.49 8.11 -5.57
N VAL A 38 11.69 7.68 -4.60
CA VAL A 38 10.24 7.90 -4.64
C VAL A 38 9.76 8.60 -3.39
N GLU A 39 8.46 8.84 -3.32
CA GLU A 39 7.86 9.51 -2.16
C GLU A 39 6.37 9.22 -2.08
N TRP A 40 5.97 8.49 -1.05
CA TRP A 40 4.56 8.14 -0.84
C TRP A 40 3.83 9.24 -0.08
N ARG A 41 2.61 9.53 -0.51
CA ARG A 41 1.81 10.57 0.13
C ARG A 41 0.33 10.20 0.11
N LYS A 42 -0.34 10.42 1.23
CA LYS A 42 -1.77 10.11 1.35
C LYS A 42 -2.62 11.32 0.99
N GLY A 43 -2.97 11.44 -0.28
CA GLY A 43 -3.79 12.55 -0.72
C GLY A 43 -3.00 13.84 -0.86
N SER A 44 -3.10 14.69 0.17
CA SER A 44 -2.38 15.96 0.17
C SER A 44 -1.38 16.03 1.32
N GLU A 45 -0.90 14.85 1.75
CA GLU A 45 0.06 14.77 2.83
C GLU A 45 1.23 13.85 2.47
N THR A 46 2.45 14.34 2.64
CA THR A 46 3.63 13.55 2.33
C THR A 46 4.07 12.73 3.53
N LEU A 47 4.19 11.42 3.33
CA LEU A 47 4.61 10.51 4.39
C LEU A 47 6.12 10.33 4.39
N ARG A 48 6.67 10.02 5.56
CA ARG A 48 8.11 9.81 5.70
C ARG A 48 8.41 8.58 6.52
N GLY A 49 9.07 7.60 5.91
CA GLY A 49 9.42 6.37 6.60
C GLY A 49 9.72 6.60 8.07
N GLY A 50 8.94 5.97 8.94
CA GLY A 50 9.16 6.12 10.38
C GLY A 50 8.82 4.86 11.15
N ASP A 51 8.37 5.03 12.38
CA ASP A 51 8.02 3.89 13.23
C ASP A 51 6.82 3.14 12.66
N ARG A 52 5.85 3.88 12.13
CA ARG A 52 4.66 3.29 11.55
C ARG A 52 4.88 2.94 10.08
N TYR A 53 5.28 3.94 9.30
CA TYR A 53 5.52 3.74 7.87
C TYR A 53 6.89 3.11 7.64
N SER A 54 6.88 1.90 7.08
CA SER A 54 8.13 1.18 6.79
C SER A 54 8.38 1.10 5.29
N LEU A 55 9.23 1.98 4.80
CA LEU A 55 9.57 2.02 3.38
C LEU A 55 10.79 1.15 3.08
N ARG A 56 10.70 0.33 2.03
CA ARG A 56 11.79 -0.54 1.64
C ARG A 56 11.88 -0.67 0.13
N GLN A 57 12.93 -0.09 -0.44
CA GLN A 57 13.13 -0.13 -1.89
C GLN A 57 14.37 -0.93 -2.24
N ASP A 58 14.17 -2.11 -2.84
CA ASP A 58 15.28 -2.97 -3.23
C ASP A 58 15.86 -2.54 -4.57
N GLY A 59 16.04 -1.24 -4.74
CA GLY A 59 16.58 -0.71 -5.99
C GLY A 59 15.52 -0.04 -6.84
N THR A 60 14.75 -0.84 -7.56
CA THR A 60 13.69 -0.31 -8.42
C THR A 60 12.31 -0.53 -7.81
N ARG A 61 12.14 -1.68 -7.15
CA ARG A 61 10.87 -2.01 -6.53
C ARG A 61 10.68 -1.24 -5.23
N CYS A 62 9.46 -0.76 -4.99
CA CYS A 62 9.15 0.01 -3.80
C CYS A 62 8.21 -0.78 -2.88
N GLU A 63 8.29 -0.51 -1.59
CA GLU A 63 7.45 -1.19 -0.61
C GLU A 63 7.20 -0.30 0.61
N LEU A 64 5.95 0.15 0.75
CA LEU A 64 5.58 1.02 1.86
C LEU A 64 4.54 0.34 2.76
N GLN A 65 4.95 0.02 3.99
CA GLN A 65 4.04 -0.63 4.94
C GLN A 65 3.43 0.39 5.88
N ILE A 66 2.31 0.01 6.50
CA ILE A 66 1.61 0.90 7.43
C ILE A 66 1.21 0.15 8.70
N HIS A 67 2.02 0.28 9.74
CA HIS A 67 1.75 -0.38 11.01
C HIS A 67 0.59 0.29 11.73
N GLY A 68 -0.33 -0.53 12.24
CA GLY A 68 -1.49 -0.01 12.94
C GLY A 68 -2.58 0.45 11.99
N LEU A 69 -3.19 -0.49 11.28
CA LEU A 69 -4.25 -0.18 10.33
C LEU A 69 -5.52 0.26 11.07
N SER A 70 -6.05 1.41 10.69
CA SER A 70 -7.26 1.93 11.31
C SER A 70 -8.25 2.41 10.25
N VAL A 71 -9.53 2.14 10.49
CA VAL A 71 -10.58 2.54 9.56
C VAL A 71 -10.35 3.96 9.05
N ALA A 72 -9.82 4.81 9.91
CA ALA A 72 -9.54 6.19 9.56
C ALA A 72 -8.49 6.28 8.46
N ASP A 73 -7.44 5.49 8.60
CA ASP A 73 -6.35 5.48 7.62
C ASP A 73 -6.91 5.41 6.20
N THR A 74 -8.03 4.70 6.04
CA THR A 74 -8.66 4.55 4.74
C THR A 74 -8.55 5.84 3.92
N GLY A 75 -7.93 5.74 2.75
CA GLY A 75 -7.77 6.91 1.89
C GLY A 75 -7.18 6.55 0.54
N GLU A 76 -6.51 7.52 -0.08
CA GLU A 76 -5.90 7.30 -1.38
C GLU A 76 -4.43 7.70 -1.37
N TYR A 77 -3.56 6.68 -1.35
CA TYR A 77 -2.12 6.92 -1.33
C TYR A 77 -1.58 7.12 -2.75
N SER A 78 -0.51 7.90 -2.86
CA SER A 78 0.10 8.18 -4.15
C SER A 78 1.62 8.29 -4.02
N CYS A 79 2.33 7.54 -4.86
CA CYS A 79 3.79 7.55 -4.84
C CYS A 79 4.34 8.38 -5.99
N VAL A 80 5.02 9.47 -5.66
CA VAL A 80 5.59 10.35 -6.66
C VAL A 80 7.05 10.00 -6.93
N CYS A 81 7.31 9.48 -8.13
CA CYS A 81 8.67 9.10 -8.52
C CYS A 81 9.16 9.94 -9.69
N GLY A 82 9.95 10.97 -9.38
CA GLY A 82 10.47 11.83 -10.42
C GLY A 82 9.38 12.57 -11.17
N GLN A 83 8.98 12.03 -12.31
CA GLN A 83 7.94 12.65 -13.12
C GLN A 83 6.63 11.85 -13.04
N GLU A 84 6.77 10.54 -12.91
CA GLU A 84 5.60 9.66 -12.83
C GLU A 84 5.12 9.54 -11.39
N ARG A 85 3.82 9.27 -11.22
CA ARG A 85 3.24 9.13 -9.90
C ARG A 85 1.99 8.26 -9.95
N THR A 86 1.99 7.18 -9.16
CA THR A 86 0.86 6.26 -9.11
C THR A 86 0.09 6.39 -7.81
N SER A 87 -1.15 5.93 -7.81
CA SER A 87 -1.99 6.01 -6.62
C SER A 87 -2.90 4.79 -6.52
N ALA A 88 -3.45 4.56 -5.34
CA ALA A 88 -4.34 3.42 -5.10
C ALA A 88 -5.34 3.72 -3.99
N THR A 89 -6.22 2.76 -3.72
CA THR A 89 -7.22 2.92 -2.68
C THR A 89 -7.12 1.80 -1.65
N LEU A 90 -7.01 2.18 -0.38
CA LEU A 90 -6.92 1.21 0.71
C LEU A 90 -8.19 1.21 1.56
N THR A 91 -8.85 0.05 1.61
CA THR A 91 -10.08 -0.08 2.39
C THR A 91 -9.83 -0.83 3.69
N VAL A 92 -9.89 -0.12 4.81
CA VAL A 92 -9.68 -0.73 6.11
C VAL A 92 -11.00 -1.08 6.78
N ARG A 93 -11.30 -2.37 6.85
CA ARG A 93 -12.53 -2.85 7.46
C ARG A 93 -12.38 -2.95 8.98
N ALA A 94 -13.34 -2.39 9.70
CA ALA A 94 -13.32 -2.42 11.17
C ALA A 94 -13.19 -3.85 11.67
N LEU A 95 -12.63 -4.00 12.87
CA LEU A 95 -12.45 -5.31 13.47
C LEU A 95 -13.79 -6.02 13.64
N PRO A 96 -13.76 -7.36 13.67
CA PRO A 96 -14.96 -8.18 13.82
C PRO A 96 -15.56 -8.07 15.22
N ALA A 97 -16.84 -8.41 15.35
CA ALA A 97 -17.52 -8.37 16.63
C ALA A 97 -17.61 -9.74 17.27
N ARG A 98 -17.20 -9.84 18.52
CA ARG A 98 -17.23 -11.10 19.25
C ARG A 98 -18.24 -11.05 20.40
N PHE A 99 -19.38 -10.44 20.13
CA PHE A 99 -20.43 -10.32 21.15
C PHE A 99 -20.77 -11.68 21.73
N THR A 100 -21.06 -12.63 20.87
CA THR A 100 -21.41 -13.99 21.30
C THR A 100 -20.31 -14.98 20.95
N GLN A 101 -20.02 -15.89 21.88
CA GLN A 101 -18.98 -16.89 21.68
C GLN A 101 -19.52 -18.06 20.85
N ASP A 102 -18.95 -18.27 19.67
CA ASP A 102 -19.37 -19.36 18.80
C ASP A 102 -18.52 -20.60 19.04
N LEU A 103 -17.22 -20.48 18.78
CA LEU A 103 -16.30 -21.60 18.97
C LEU A 103 -14.88 -21.10 19.18
N LYS A 104 -14.26 -21.54 20.28
CA LYS A 104 -12.90 -21.15 20.60
C LYS A 104 -12.12 -22.31 21.20
N SER A 105 -10.82 -22.12 21.38
CA SER A 105 -9.97 -23.16 21.94
C SER A 105 -9.92 -23.06 23.46
N GLY A 106 -9.54 -21.89 23.96
CA GLY A 106 -9.46 -21.68 25.39
C GLY A 106 -8.56 -22.70 26.08
N PRO A 107 -8.77 -22.90 27.38
CA PRO A 107 -7.98 -23.84 28.17
C PRO A 107 -8.27 -25.30 27.81
N SER A 108 -7.25 -26.14 27.92
CA SER A 108 -7.40 -27.55 27.59
C SER A 108 -7.66 -28.38 28.85
N SER A 109 -8.54 -29.38 28.72
CA SER A 109 -8.89 -30.24 29.84
C SER A 109 -9.34 -31.61 29.36
N GLY A 110 -9.20 -32.60 30.23
CA GLY A 110 -9.58 -33.97 29.87
C GLY A 110 -9.80 -34.84 31.09
N GLY A 1 20.56 2.65 -34.94
CA GLY A 1 19.60 3.37 -34.12
C GLY A 1 19.19 4.69 -34.74
N SER A 2 17.89 4.84 -34.96
CA SER A 2 17.36 6.07 -35.56
C SER A 2 17.36 7.22 -34.55
N SER A 3 16.70 7.01 -33.43
CA SER A 3 16.61 8.02 -32.38
C SER A 3 16.10 7.42 -31.07
N GLY A 4 16.58 7.96 -29.95
CA GLY A 4 16.16 7.46 -28.66
C GLY A 4 15.50 8.53 -27.81
N SER A 5 14.80 8.11 -26.76
CA SER A 5 14.11 9.04 -25.88
C SER A 5 14.48 8.78 -24.42
N SER A 6 15.61 9.33 -24.00
CA SER A 6 16.10 9.16 -22.63
C SER A 6 15.26 9.99 -21.66
N GLY A 7 14.72 9.33 -20.64
CA GLY A 7 13.92 10.03 -19.65
C GLY A 7 14.10 9.47 -18.25
N PRO A 8 13.39 10.06 -17.28
CA PRO A 8 13.45 9.64 -15.88
C PRO A 8 12.83 8.26 -15.65
N ALA A 9 12.75 7.86 -14.39
CA ALA A 9 12.17 6.56 -14.04
C ALA A 9 10.65 6.64 -14.01
N ARG A 10 10.00 5.73 -14.73
CA ARG A 10 8.55 5.68 -14.79
C ARG A 10 8.01 4.42 -14.15
N PHE A 11 6.87 4.52 -13.49
CA PHE A 11 6.25 3.38 -12.83
C PHE A 11 5.74 2.37 -13.86
N ILE A 12 6.52 1.30 -14.05
CA ILE A 12 6.15 0.26 -15.01
C ILE A 12 4.92 -0.50 -14.55
N GLU A 13 4.75 -0.62 -13.23
CA GLU A 13 3.62 -1.32 -12.65
C GLU A 13 2.98 -0.50 -11.54
N ASP A 14 1.77 -0.03 -11.78
CA ASP A 14 1.04 0.78 -10.79
C ASP A 14 0.56 -0.10 -9.64
N VAL A 15 0.56 0.47 -8.44
CA VAL A 15 0.12 -0.26 -7.26
C VAL A 15 -1.33 -0.70 -7.39
N LYS A 16 -1.62 -1.90 -6.90
CA LYS A 16 -2.97 -2.44 -6.95
C LYS A 16 -3.73 -2.17 -5.66
N ASN A 17 -5.02 -1.89 -5.77
CA ASN A 17 -5.85 -1.61 -4.61
C ASN A 17 -5.47 -2.50 -3.44
N GLN A 18 -5.76 -2.05 -2.23
CA GLN A 18 -5.44 -2.82 -1.03
C GLN A 18 -6.66 -2.94 -0.12
N GLU A 19 -6.69 -4.00 0.68
CA GLU A 19 -7.81 -4.24 1.59
C GLU A 19 -7.36 -5.08 2.78
N ALA A 20 -7.83 -4.70 3.97
CA ALA A 20 -7.49 -5.42 5.20
C ALA A 20 -8.40 -5.01 6.34
N ARG A 21 -8.16 -5.59 7.52
CA ARG A 21 -8.97 -5.29 8.70
C ARG A 21 -8.12 -4.61 9.77
N GLU A 22 -8.74 -3.68 10.49
CA GLU A 22 -8.05 -2.95 11.55
C GLU A 22 -7.05 -3.86 12.27
N GLY A 23 -5.80 -3.40 12.37
CA GLY A 23 -4.77 -4.18 13.02
C GLY A 23 -3.75 -4.74 12.05
N ALA A 24 -4.19 -5.02 10.83
CA ALA A 24 -3.31 -5.56 9.82
C ALA A 24 -2.27 -4.54 9.39
N THR A 25 -1.47 -4.89 8.38
CA THR A 25 -0.43 -4.01 7.89
C THR A 25 -0.51 -3.86 6.37
N ALA A 26 -1.30 -2.89 5.92
CA ALA A 26 -1.46 -2.64 4.49
C ALA A 26 -0.15 -2.21 3.86
N VAL A 27 0.11 -2.71 2.65
CA VAL A 27 1.34 -2.38 1.94
C VAL A 27 1.11 -2.40 0.43
N LEU A 28 1.87 -1.58 -0.29
CA LEU A 28 1.77 -1.50 -1.74
C LEU A 28 3.10 -1.81 -2.41
N GLN A 29 3.10 -2.83 -3.27
CA GLN A 29 4.31 -3.23 -3.97
C GLN A 29 4.29 -2.74 -5.41
N CYS A 30 5.17 -1.80 -5.72
CA CYS A 30 5.26 -1.24 -7.06
C CYS A 30 6.66 -1.41 -7.64
N GLU A 31 6.75 -1.42 -8.97
CA GLU A 31 8.05 -1.57 -9.64
C GLU A 31 8.35 -0.36 -10.52
N LEU A 32 9.63 -0.05 -10.66
CA LEU A 32 10.06 1.09 -11.47
C LEU A 32 10.87 0.62 -12.67
N SER A 33 10.85 1.41 -13.74
CA SER A 33 11.58 1.07 -14.95
C SER A 33 13.08 1.20 -14.72
N LYS A 34 13.47 2.00 -13.73
CA LYS A 34 14.87 2.20 -13.39
C LYS A 34 15.03 2.69 -11.96
N ALA A 35 16.21 2.47 -11.40
CA ALA A 35 16.49 2.89 -10.03
C ALA A 35 16.28 4.39 -9.86
N ALA A 36 15.38 4.76 -8.96
CA ALA A 36 15.07 6.16 -8.70
C ALA A 36 14.32 6.33 -7.39
N PRO A 37 14.53 7.48 -6.74
CA PRO A 37 13.88 7.79 -5.46
C PRO A 37 12.38 8.05 -5.62
N VAL A 38 11.61 7.70 -4.59
CA VAL A 38 10.17 7.90 -4.60
C VAL A 38 9.67 8.54 -3.31
N GLU A 39 8.37 8.76 -3.22
CA GLU A 39 7.77 9.36 -2.04
C GLU A 39 6.27 9.10 -2.00
N TRP A 40 5.82 8.43 -0.95
CA TRP A 40 4.41 8.12 -0.78
C TRP A 40 3.68 9.23 -0.02
N ARG A 41 2.48 9.56 -0.46
CA ARG A 41 1.69 10.60 0.18
C ARG A 41 0.23 10.18 0.31
N LYS A 42 -0.52 10.91 1.12
CA LYS A 42 -1.93 10.60 1.34
C LYS A 42 -2.79 11.85 1.15
N GLY A 43 -3.24 12.08 -0.09
CA GLY A 43 -4.07 13.23 -0.38
C GLY A 43 -3.25 14.48 -0.62
N SER A 44 -2.95 15.20 0.45
CA SER A 44 -2.18 16.44 0.36
C SER A 44 -1.09 16.48 1.42
N GLU A 45 -0.49 15.32 1.69
CA GLU A 45 0.57 15.21 2.69
C GLU A 45 1.76 14.43 2.13
N THR A 46 2.74 14.18 2.99
CA THR A 46 3.94 13.44 2.60
C THR A 46 4.41 12.51 3.72
N LEU A 47 4.24 11.21 3.53
CA LEU A 47 4.65 10.24 4.52
C LEU A 47 6.12 9.89 4.37
N ARG A 48 6.78 9.59 5.49
CA ARG A 48 8.20 9.25 5.48
C ARG A 48 8.45 7.98 6.28
N GLY A 49 9.40 7.17 5.83
CA GLY A 49 9.73 5.93 6.51
C GLY A 49 10.07 6.15 7.97
N GLY A 50 9.35 5.48 8.85
CA GLY A 50 9.59 5.61 10.28
C GLY A 50 9.21 4.37 11.06
N ASP A 51 8.45 4.56 12.13
CA ASP A 51 8.01 3.44 12.96
C ASP A 51 6.77 2.77 12.37
N ARG A 52 5.87 3.59 11.83
CA ARG A 52 4.64 3.08 11.24
C ARG A 52 4.85 2.73 9.75
N TYR A 53 5.24 3.74 8.97
CA TYR A 53 5.48 3.54 7.55
C TYR A 53 6.86 2.95 7.30
N SER A 54 6.88 1.70 6.85
CA SER A 54 8.14 1.00 6.57
C SER A 54 8.45 1.02 5.08
N LEU A 55 9.07 2.11 4.63
CA LEU A 55 9.42 2.26 3.22
C LEU A 55 10.75 1.57 2.92
N ARG A 56 10.80 0.82 1.82
CA ARG A 56 12.01 0.11 1.43
C ARG A 56 12.15 0.09 -0.09
N GLN A 57 13.36 0.38 -0.57
CA GLN A 57 13.63 0.39 -2.00
C GLN A 57 14.88 -0.43 -2.32
N ASP A 58 14.68 -1.59 -2.95
CA ASP A 58 15.78 -2.46 -3.31
C ASP A 58 16.31 -2.11 -4.71
N GLY A 59 16.27 -0.83 -5.04
CA GLY A 59 16.74 -0.39 -6.35
C GLY A 59 15.64 0.21 -7.19
N THR A 60 14.77 -0.65 -7.73
CA THR A 60 13.66 -0.20 -8.56
C THR A 60 12.33 -0.49 -7.90
N ARG A 61 12.25 -1.59 -7.17
CA ARG A 61 11.03 -1.98 -6.48
C ARG A 61 10.87 -1.22 -5.17
N CYS A 62 9.64 -0.81 -4.86
CA CYS A 62 9.36 -0.06 -3.65
C CYS A 62 8.29 -0.77 -2.82
N GLU A 63 8.39 -0.64 -1.50
CA GLU A 63 7.42 -1.27 -0.60
C GLU A 63 7.12 -0.36 0.59
N LEU A 64 5.86 0.05 0.70
CA LEU A 64 5.44 0.93 1.79
C LEU A 64 4.45 0.22 2.71
N GLN A 65 4.94 -0.30 3.82
CA GLN A 65 4.10 -1.01 4.79
C GLN A 65 3.56 -0.05 5.83
N ILE A 66 2.37 -0.35 6.34
CA ILE A 66 1.74 0.49 7.36
C ILE A 66 1.44 -0.31 8.62
N HIS A 67 2.27 -0.13 9.64
CA HIS A 67 2.10 -0.84 10.91
C HIS A 67 0.98 -0.20 11.72
N GLY A 68 -0.08 -0.98 11.97
CA GLY A 68 -1.20 -0.47 12.74
C GLY A 68 -2.29 0.13 11.87
N LEU A 69 -3.00 -0.72 11.14
CA LEU A 69 -4.07 -0.27 10.25
C LEU A 69 -5.27 0.21 11.06
N SER A 70 -5.78 1.39 10.69
CA SER A 70 -6.93 1.97 11.38
C SER A 70 -7.96 2.49 10.38
N VAL A 71 -9.23 2.24 10.66
CA VAL A 71 -10.30 2.70 9.78
C VAL A 71 -10.01 4.09 9.24
N ALA A 72 -9.42 4.94 10.08
CA ALA A 72 -9.10 6.29 9.68
C ALA A 72 -8.05 6.31 8.57
N ASP A 73 -7.03 5.47 8.72
CA ASP A 73 -5.96 5.38 7.73
C ASP A 73 -6.54 5.33 6.31
N THR A 74 -7.66 4.65 6.16
CA THR A 74 -8.31 4.52 4.85
C THR A 74 -8.19 5.82 4.05
N GLY A 75 -7.81 5.70 2.79
CA GLY A 75 -7.67 6.86 1.94
C GLY A 75 -7.08 6.52 0.58
N GLU A 76 -6.37 7.47 -0.01
CA GLU A 76 -5.76 7.26 -1.31
C GLU A 76 -4.27 7.63 -1.29
N TYR A 77 -3.42 6.61 -1.27
CA TYR A 77 -1.98 6.83 -1.24
C TYR A 77 -1.43 7.04 -2.64
N SER A 78 -0.39 7.88 -2.75
CA SER A 78 0.22 8.18 -4.04
C SER A 78 1.74 8.23 -3.91
N CYS A 79 2.42 7.40 -4.70
CA CYS A 79 3.88 7.35 -4.67
C CYS A 79 4.47 8.09 -5.87
N VAL A 80 5.01 9.28 -5.61
CA VAL A 80 5.61 10.10 -6.66
C VAL A 80 7.05 9.68 -6.92
N CYS A 81 7.31 9.20 -8.12
CA CYS A 81 8.65 8.78 -8.51
C CYS A 81 9.21 9.63 -9.64
N GLY A 82 10.02 10.63 -9.29
CA GLY A 82 10.60 11.50 -10.28
C GLY A 82 9.55 12.31 -11.02
N GLN A 83 9.17 11.84 -12.21
CA GLN A 83 8.17 12.52 -13.02
C GLN A 83 6.82 11.81 -12.95
N GLU A 84 6.88 10.47 -12.88
CA GLU A 84 5.66 9.67 -12.80
C GLU A 84 5.09 9.68 -11.39
N ARG A 85 3.86 9.19 -11.26
CA ARG A 85 3.19 9.13 -9.97
C ARG A 85 2.03 8.15 -10.00
N THR A 86 2.04 7.19 -9.07
CA THR A 86 0.99 6.19 -8.99
C THR A 86 0.24 6.28 -7.67
N SER A 87 -0.99 5.77 -7.65
CA SER A 87 -1.80 5.80 -6.44
C SER A 87 -2.83 4.67 -6.45
N ALA A 88 -3.39 4.38 -5.28
CA ALA A 88 -4.39 3.31 -5.16
C ALA A 88 -5.38 3.61 -4.04
N THR A 89 -6.27 2.67 -3.78
CA THR A 89 -7.27 2.84 -2.73
C THR A 89 -7.17 1.74 -1.69
N LEU A 90 -6.99 2.13 -0.43
CA LEU A 90 -6.88 1.17 0.66
C LEU A 90 -8.13 1.19 1.53
N THR A 91 -8.78 0.03 1.65
CA THR A 91 -9.99 -0.09 2.46
C THR A 91 -9.71 -0.82 3.76
N VAL A 92 -9.85 -0.10 4.88
CA VAL A 92 -9.61 -0.68 6.19
C VAL A 92 -10.92 -0.91 6.93
N ARG A 93 -11.47 -2.11 6.83
CA ARG A 93 -12.72 -2.45 7.49
C ARG A 93 -12.51 -2.63 8.99
N ALA A 94 -13.33 -1.95 9.77
CA ALA A 94 -13.24 -2.02 11.22
C ALA A 94 -13.23 -3.47 11.70
N LEU A 95 -12.71 -3.70 12.90
CA LEU A 95 -12.65 -5.04 13.47
C LEU A 95 -14.03 -5.68 13.53
N PRO A 96 -14.08 -7.02 13.51
CA PRO A 96 -15.33 -7.77 13.56
C PRO A 96 -16.01 -7.67 14.92
N ALA A 97 -17.05 -6.85 15.01
CA ALA A 97 -17.78 -6.67 16.25
C ALA A 97 -19.11 -7.41 16.22
N ARG A 98 -19.18 -8.53 16.95
CA ARG A 98 -20.40 -9.33 17.00
C ARG A 98 -20.59 -9.92 18.39
N PHE A 99 -21.85 -10.08 18.78
CA PHE A 99 -22.17 -10.64 20.10
C PHE A 99 -22.44 -12.14 19.99
N THR A 100 -21.46 -12.94 20.43
CA THR A 100 -21.60 -14.39 20.38
C THR A 100 -21.61 -14.98 21.79
N GLN A 101 -22.18 -16.17 21.92
CA GLN A 101 -22.25 -16.84 23.21
C GLN A 101 -21.78 -18.29 23.10
N ASP A 102 -21.33 -18.84 24.23
CA ASP A 102 -20.85 -20.21 24.26
C ASP A 102 -21.88 -21.15 24.88
N LEU A 103 -22.78 -21.67 24.04
CA LEU A 103 -23.83 -22.57 24.51
C LEU A 103 -23.54 -24.01 24.06
N LYS A 104 -22.29 -24.43 24.16
CA LYS A 104 -21.90 -25.77 23.76
C LYS A 104 -22.69 -26.82 24.54
N SER A 105 -22.92 -26.56 25.81
CA SER A 105 -23.67 -27.47 26.67
C SER A 105 -22.97 -28.83 26.75
N GLY A 106 -21.67 -28.80 27.01
CA GLY A 106 -20.90 -30.03 27.11
C GLY A 106 -20.88 -30.80 25.81
N PRO A 107 -19.97 -30.40 24.91
CA PRO A 107 -19.82 -31.05 23.59
C PRO A 107 -19.24 -32.45 23.70
N SER A 108 -18.15 -32.58 24.45
CA SER A 108 -17.50 -33.88 24.63
C SER A 108 -17.30 -34.19 26.11
N SER A 109 -18.14 -35.07 26.64
CA SER A 109 -18.06 -35.45 28.05
C SER A 109 -17.26 -36.73 28.22
N GLY A 110 -16.07 -36.62 28.81
CA GLY A 110 -15.23 -37.78 29.03
C GLY A 110 -13.78 -37.41 29.23
#